data_2V6T
# 
_entry.id   2V6T 
# 
_audit_conform.dict_name       mmcif_pdbx.dic 
_audit_conform.dict_version    5.382 
_audit_conform.dict_location   http://mmcif.pdb.org/dictionaries/ascii/mmcif_pdbx.dic 
# 
loop_
_database_2.database_id 
_database_2.database_code 
_database_2.pdbx_database_accession 
_database_2.pdbx_DOI 
PDB   2V6T         pdb_00002v6t 10.2210/pdb2v6t/pdb 
PDBE  EBI-33248    ?            ?                   
WWPDB D_1290033248 ?            ?                   
# 
loop_
_pdbx_database_related.db_name 
_pdbx_database_related.db_id 
_pdbx_database_related.content_type 
_pdbx_database_related.details 
PDB 2V6S unspecified 'MEDIUM RESOLUTION CRYSTAL STRUCTURE OF PETRIN -4A-CARBINOLAMINE DEHYDRATASE FROM TOXOPLASMA GONDII' 
PDB 2V6U unspecified 'HIGH RESOLUTION CRYSTAL STRUCTURE OF PTERIN- 4A-CARBINOLAMINE DEHYDRATASE FROM TOXOPLASMA GONDII'   
# 
_pdbx_database_status.status_code                     REL 
_pdbx_database_status.entry_id                        2V6T 
_pdbx_database_status.deposit_site                    PDBE 
_pdbx_database_status.process_site                    PDBE 
_pdbx_database_status.SG_entry                        . 
_pdbx_database_status.recvd_initial_deposition_date   2007-07-20 
_pdbx_database_status.pdb_format_compatible           Y 
_pdbx_database_status.status_code_sf                  REL 
_pdbx_database_status.status_code_mr                  ? 
_pdbx_database_status.status_code_cs                  ? 
_pdbx_database_status.methods_development_category    ? 
_pdbx_database_status.status_code_nmr_data            ? 
# 
loop_
_audit_author.name 
_audit_author.pdbx_ordinal 
'Cameron, S.'  1 
'Fyffe, S.A.'  2 
'Hunter, W.N.' 3 
# 
_citation.id                        primary 
_citation.title                     
;Crystal Structures of Toxoplasma Gondii Pterin-4A-Carbinolamine Dehydratase and Comparisons with Mammalian and Parasite Orthologues.
;
_citation.journal_abbrev            Mol.Biochem.Parasitol. 
_citation.journal_volume            158 
_citation.page_first                131 
_citation.page_last                 ? 
_citation.year                      2008 
_citation.journal_id_ASTM           MBIPDP 
_citation.country                   NE 
_citation.journal_id_ISSN           0166-6851 
_citation.journal_id_CSD            2085 
_citation.book_publisher            ? 
_citation.pdbx_database_id_PubMed   18215430 
_citation.pdbx_database_id_DOI      10.1016/J.MOLBIOPARA.2007.12.002 
# 
loop_
_citation_author.citation_id 
_citation_author.name 
_citation_author.ordinal 
_citation_author.identifier_ORCID 
primary 'Cameron, S.'  1 ? 
primary 'Fyffe, S.A.'  2 ? 
primary 'Goldie, S.'   3 ? 
primary 'Hunter, W.N.' 4 ? 
# 
_cell.entry_id           2V6T 
_cell.length_a           119.510 
_cell.length_b           119.510 
_cell.length_c           49.928 
_cell.angle_alpha        90.00 
_cell.angle_beta         90.00 
_cell.angle_gamma        90.00 
_cell.Z_PDB              16 
_cell.pdbx_unique_axis   ? 
# 
_symmetry.entry_id                         2V6T 
_symmetry.space_group_name_H-M             'P 43 21 2' 
_symmetry.pdbx_full_space_group_name_H-M   ? 
_symmetry.cell_setting                     ? 
_symmetry.Int_Tables_number                96 
# 
loop_
_entity.id 
_entity.type 
_entity.src_method 
_entity.pdbx_description 
_entity.formula_weight 
_entity.pdbx_number_of_molecules 
_entity.pdbx_ec 
_entity.pdbx_mutation 
_entity.pdbx_fragment 
_entity.details 
1 polymer     man 'PTERIN-4A-CARBINOLAMINE DEHYDRATASE'                            12148.687 2  4.2.1.96 ? ? ? 
2 non-polymer syn '2-AMINO-6-(1,2-DIHYDROXY-PROPYL)-7,8-DIHYDRO-6H-PTERIDIN-4-ONE' 239.231   2  ?        ? ? ? 
3 water       nat water                                                            18.015    11 ?        ? ? ? 
# 
_entity_poly.entity_id                      1 
_entity_poly.type                           'polypeptide(L)' 
_entity_poly.nstd_linkage                   no 
_entity_poly.nstd_monomer                   no 
_entity_poly.pdbx_seq_one_letter_code       
;GHMAPLARLAANSARLLQLHKTVPQWHLTDGHLSIKRKFQFSDFNEAWGFMSRVALYADKVDHHPNWYNVYNTVDVELST
HDAAGLTEKDFALAKFMDDAAKNFEK
;
_entity_poly.pdbx_seq_one_letter_code_can   
;GHMAPLARLAANSARLLQLHKTVPQWHLTDGHLSIKRKFQFSDFNEAWGFMSRVALYADKVDHHPNWYNVYNTVDVELST
HDAAGLTEKDFALAKFMDDAAKNFEK
;
_entity_poly.pdbx_strand_id                 A,B 
_entity_poly.pdbx_target_identifier         ? 
# 
loop_
_entity_poly_seq.entity_id 
_entity_poly_seq.num 
_entity_poly_seq.mon_id 
_entity_poly_seq.hetero 
1 1   GLY n 
1 2   HIS n 
1 3   MET n 
1 4   ALA n 
1 5   PRO n 
1 6   LEU n 
1 7   ALA n 
1 8   ARG n 
1 9   LEU n 
1 10  ALA n 
1 11  ALA n 
1 12  ASN n 
1 13  SER n 
1 14  ALA n 
1 15  ARG n 
1 16  LEU n 
1 17  LEU n 
1 18  GLN n 
1 19  LEU n 
1 20  HIS n 
1 21  LYS n 
1 22  THR n 
1 23  VAL n 
1 24  PRO n 
1 25  GLN n 
1 26  TRP n 
1 27  HIS n 
1 28  LEU n 
1 29  THR n 
1 30  ASP n 
1 31  GLY n 
1 32  HIS n 
1 33  LEU n 
1 34  SER n 
1 35  ILE n 
1 36  LYS n 
1 37  ARG n 
1 38  LYS n 
1 39  PHE n 
1 40  GLN n 
1 41  PHE n 
1 42  SER n 
1 43  ASP n 
1 44  PHE n 
1 45  ASN n 
1 46  GLU n 
1 47  ALA n 
1 48  TRP n 
1 49  GLY n 
1 50  PHE n 
1 51  MET n 
1 52  SER n 
1 53  ARG n 
1 54  VAL n 
1 55  ALA n 
1 56  LEU n 
1 57  TYR n 
1 58  ALA n 
1 59  ASP n 
1 60  LYS n 
1 61  VAL n 
1 62  ASP n 
1 63  HIS n 
1 64  HIS n 
1 65  PRO n 
1 66  ASN n 
1 67  TRP n 
1 68  TYR n 
1 69  ASN n 
1 70  VAL n 
1 71  TYR n 
1 72  ASN n 
1 73  THR n 
1 74  VAL n 
1 75  ASP n 
1 76  VAL n 
1 77  GLU n 
1 78  LEU n 
1 79  SER n 
1 80  THR n 
1 81  HIS n 
1 82  ASP n 
1 83  ALA n 
1 84  ALA n 
1 85  GLY n 
1 86  LEU n 
1 87  THR n 
1 88  GLU n 
1 89  LYS n 
1 90  ASP n 
1 91  PHE n 
1 92  ALA n 
1 93  LEU n 
1 94  ALA n 
1 95  LYS n 
1 96  PHE n 
1 97  MET n 
1 98  ASP n 
1 99  ASP n 
1 100 ALA n 
1 101 ALA n 
1 102 LYS n 
1 103 ASN n 
1 104 PHE n 
1 105 GLU n 
1 106 LYS n 
# 
_entity_src_gen.entity_id                          1 
_entity_src_gen.pdbx_src_id                        1 
_entity_src_gen.pdbx_alt_source_flag               sample 
_entity_src_gen.pdbx_seq_type                      ? 
_entity_src_gen.pdbx_beg_seq_num                   ? 
_entity_src_gen.pdbx_end_seq_num                   ? 
_entity_src_gen.gene_src_common_name               ? 
_entity_src_gen.gene_src_genus                     ? 
_entity_src_gen.pdbx_gene_src_gene                 ? 
_entity_src_gen.gene_src_species                   ? 
_entity_src_gen.gene_src_strain                    RH 
_entity_src_gen.gene_src_tissue                    ? 
_entity_src_gen.gene_src_tissue_fraction           ? 
_entity_src_gen.gene_src_details                   ? 
_entity_src_gen.pdbx_gene_src_fragment             ? 
_entity_src_gen.pdbx_gene_src_scientific_name      'TOXOPLASMA GONDII' 
_entity_src_gen.pdbx_gene_src_ncbi_taxonomy_id     383379 
_entity_src_gen.pdbx_gene_src_variant              ? 
_entity_src_gen.pdbx_gene_src_cell_line            ? 
_entity_src_gen.pdbx_gene_src_atcc                 ? 
_entity_src_gen.pdbx_gene_src_organ                ? 
_entity_src_gen.pdbx_gene_src_organelle            ? 
_entity_src_gen.pdbx_gene_src_cell                 ? 
_entity_src_gen.pdbx_gene_src_cellular_location    ? 
_entity_src_gen.host_org_common_name               ? 
_entity_src_gen.pdbx_host_org_scientific_name      'ESCHERICHIA COLI' 
_entity_src_gen.pdbx_host_org_ncbi_taxonomy_id     469008 
_entity_src_gen.host_org_genus                     ? 
_entity_src_gen.pdbx_host_org_gene                 ? 
_entity_src_gen.pdbx_host_org_organ                ? 
_entity_src_gen.host_org_species                   ? 
_entity_src_gen.pdbx_host_org_tissue               ? 
_entity_src_gen.pdbx_host_org_tissue_fraction      ? 
_entity_src_gen.pdbx_host_org_strain               'BL21(DE3)' 
_entity_src_gen.pdbx_host_org_variant              ? 
_entity_src_gen.pdbx_host_org_cell_line            ? 
_entity_src_gen.pdbx_host_org_atcc                 ? 
_entity_src_gen.pdbx_host_org_culture_collection   ? 
_entity_src_gen.pdbx_host_org_cell                 ? 
_entity_src_gen.pdbx_host_org_organelle            ? 
_entity_src_gen.pdbx_host_org_cellular_location    ? 
_entity_src_gen.pdbx_host_org_vector_type          ? 
_entity_src_gen.pdbx_host_org_vector               ? 
_entity_src_gen.host_org_details                   ? 
_entity_src_gen.expression_system_id               ? 
_entity_src_gen.plasmid_name                       'MODIFIED PET15B (NOVAGEN)' 
_entity_src_gen.plasmid_details                    ? 
_entity_src_gen.pdbx_description                   ? 
# 
loop_
_struct_ref.id 
_struct_ref.db_name 
_struct_ref.db_code 
_struct_ref.entity_id 
_struct_ref.pdbx_seq_one_letter_code 
_struct_ref.pdbx_align_begin 
_struct_ref.pdbx_db_accession 
_struct_ref.pdbx_db_isoform 
1 PDB 2V6T         1 ? ? 2V6T   ? 
2 UNP Q2Q449_TOXGO 1 ? ? Q2Q449 ? 
# 
loop_
_struct_ref_seq.align_id 
_struct_ref_seq.ref_id 
_struct_ref_seq.pdbx_PDB_id_code 
_struct_ref_seq.pdbx_strand_id 
_struct_ref_seq.seq_align_beg 
_struct_ref_seq.pdbx_seq_align_beg_ins_code 
_struct_ref_seq.seq_align_end 
_struct_ref_seq.pdbx_seq_align_end_ins_code 
_struct_ref_seq.pdbx_db_accession 
_struct_ref_seq.db_align_beg 
_struct_ref_seq.pdbx_db_align_beg_ins_code 
_struct_ref_seq.db_align_end 
_struct_ref_seq.pdbx_db_align_end_ins_code 
_struct_ref_seq.pdbx_auth_seq_align_beg 
_struct_ref_seq.pdbx_auth_seq_align_end 
1 1 2V6T A 1 ? 2   ? 2V6T   -1 ? 0   ? -1 0   
2 2 2V6T A 3 ? 106 ? Q2Q449 1  ? 104 ? 1  104 
3 1 2V6T B 1 ? 2   ? 2V6T   -1 ? 0   ? -1 0   
4 2 2V6T B 3 ? 106 ? Q2Q449 1  ? 104 ? 1  104 
# 
loop_
_chem_comp.id 
_chem_comp.type 
_chem_comp.mon_nstd_flag 
_chem_comp.name 
_chem_comp.pdbx_synonyms 
_chem_comp.formula 
_chem_comp.formula_weight 
ALA 'L-peptide linking' y ALANINE                                                          ?                                   
'C3 H7 N O2'     89.093  
ARG 'L-peptide linking' y ARGININE                                                         ?                                   
'C6 H15 N4 O2 1' 175.209 
ASN 'L-peptide linking' y ASPARAGINE                                                       ?                                   
'C4 H8 N2 O3'    132.118 
ASP 'L-peptide linking' y 'ASPARTIC ACID'                                                  ?                                   
'C4 H7 N O4'     133.103 
GLN 'L-peptide linking' y GLUTAMINE                                                        ?                                   
'C5 H10 N2 O3'   146.144 
GLU 'L-peptide linking' y 'GLUTAMIC ACID'                                                  ?                                   
'C5 H9 N O4'     147.129 
GLY 'peptide linking'   y GLYCINE                                                          ?                                   
'C2 H5 N O2'     75.067  
H2B non-polymer         . '2-AMINO-6-(1,2-DIHYDROXY-PROPYL)-7,8-DIHYDRO-6H-PTERIDIN-4-ONE' 'QUINONOID 7,8-TETRAHYDROBIOPTERIN' 
'C9 H13 N5 O3'   239.231 
HIS 'L-peptide linking' y HISTIDINE                                                        ?                                   
'C6 H10 N3 O2 1' 156.162 
HOH non-polymer         . WATER                                                            ?                                   
'H2 O'           18.015  
ILE 'L-peptide linking' y ISOLEUCINE                                                       ?                                   
'C6 H13 N O2'    131.173 
LEU 'L-peptide linking' y LEUCINE                                                          ?                                   
'C6 H13 N O2'    131.173 
LYS 'L-peptide linking' y LYSINE                                                           ?                                   
'C6 H15 N2 O2 1' 147.195 
MET 'L-peptide linking' y METHIONINE                                                       ?                                   
'C5 H11 N O2 S'  149.211 
PHE 'L-peptide linking' y PHENYLALANINE                                                    ?                                   
'C9 H11 N O2'    165.189 
PRO 'L-peptide linking' y PROLINE                                                          ?                                   
'C5 H9 N O2'     115.130 
SER 'L-peptide linking' y SERINE                                                           ?                                   
'C3 H7 N O3'     105.093 
THR 'L-peptide linking' y THREONINE                                                        ?                                   
'C4 H9 N O3'     119.119 
TRP 'L-peptide linking' y TRYPTOPHAN                                                       ?                                   
'C11 H12 N2 O2'  204.225 
TYR 'L-peptide linking' y TYROSINE                                                         ?                                   
'C9 H11 N O3'    181.189 
VAL 'L-peptide linking' y VALINE                                                           ?                                   
'C5 H11 N O2'    117.146 
# 
_exptl.entry_id          2V6T 
_exptl.method            'X-RAY DIFFRACTION' 
_exptl.crystals_number   1 
# 
_exptl_crystal.id                    1 
_exptl_crystal.density_meas          ? 
_exptl_crystal.density_Matthews      3.82 
_exptl_crystal.density_percent_sol   67.6 
_exptl_crystal.description           NONE 
# 
_exptl_crystal_grow.crystal_id      1 
_exptl_crystal_grow.method          ? 
_exptl_crystal_grow.temp            ? 
_exptl_crystal_grow.temp_details    ? 
_exptl_crystal_grow.pH              7.6 
_exptl_crystal_grow.pdbx_pH_range   ? 
_exptl_crystal_grow.pdbx_details    '0.4 M POTASSIUM-SODIUM TARTRATE, pH 7.6' 
# 
_diffrn.id                     1 
_diffrn.ambient_temp           100 
_diffrn.ambient_temp_details   ? 
_diffrn.crystal_id             1 
# 
_diffrn_detector.diffrn_id              1 
_diffrn_detector.detector               'IMAGE PLATE' 
_diffrn_detector.type                   'RIGAKU IMAGE PLATE' 
_diffrn_detector.pdbx_collection_date   2006-12-07 
_diffrn_detector.details                'OSMIC CONFOCAL OPTICS' 
# 
_diffrn_radiation.diffrn_id                        1 
_diffrn_radiation.wavelength_id                    1 
_diffrn_radiation.pdbx_monochromatic_or_laue_m_l   M 
_diffrn_radiation.monochromator                    ? 
_diffrn_radiation.pdbx_diffrn_protocol             'SINGLE WAVELENGTH' 
_diffrn_radiation.pdbx_scattering_type             x-ray 
# 
_diffrn_radiation_wavelength.id           1 
_diffrn_radiation_wavelength.wavelength   1.5418 
_diffrn_radiation_wavelength.wt           1.0 
# 
_diffrn_source.diffrn_id                   1 
_diffrn_source.source                      'ROTATING ANODE' 
_diffrn_source.type                        'RIGAKU MICROMAX-007' 
_diffrn_source.pdbx_synchrotron_site       ? 
_diffrn_source.pdbx_synchrotron_beamline   ? 
_diffrn_source.pdbx_wavelength             1.5418 
_diffrn_source.pdbx_wavelength_list        ? 
# 
_reflns.pdbx_diffrn_id               1 
_reflns.pdbx_ordinal                 1 
_reflns.entry_id                     2V6T 
_reflns.observed_criterion_sigma_I   3.0 
_reflns.observed_criterion_sigma_F   ? 
_reflns.d_resolution_low             43.00 
_reflns.d_resolution_high            3.10 
_reflns.number_obs                   6969 
_reflns.number_all                   ? 
_reflns.percent_possible_obs         100.0 
_reflns.pdbx_Rmerge_I_obs            0.05 
_reflns.pdbx_Rsym_value              ? 
_reflns.pdbx_netI_over_sigmaI        11.50 
_reflns.B_iso_Wilson_estimate        ? 
_reflns.pdbx_redundancy              9.2 
# 
_reflns_shell.pdbx_diffrn_id         1 
_reflns_shell.pdbx_ordinal           1 
_reflns_shell.d_res_high             3.10 
_reflns_shell.d_res_low              3.27 
_reflns_shell.percent_possible_all   100.0 
_reflns_shell.Rmerge_I_obs           0.47 
_reflns_shell.pdbx_Rsym_value        ? 
_reflns_shell.meanI_over_sigI_obs    1.60 
_reflns_shell.pdbx_redundancy        9.4 
# 
_refine.pdbx_refine_id                           'X-RAY DIFFRACTION' 
_refine.entry_id                                 2V6T 
_refine.pdbx_diffrn_id                           1 
_refine.pdbx_TLS_residual_ADP_flag               ? 
_refine.ls_number_reflns_obs                     6591 
_refine.ls_number_reflns_all                     ? 
_refine.pdbx_ls_sigma_I                          ? 
_refine.pdbx_ls_sigma_F                          ? 
_refine.pdbx_data_cutoff_high_absF               ? 
_refine.pdbx_data_cutoff_low_absF                ? 
_refine.pdbx_data_cutoff_high_rms_absF           ? 
_refine.ls_d_res_low                             42.99 
_refine.ls_d_res_high                            3.10 
_refine.ls_percent_reflns_obs                    99.9 
_refine.ls_R_factor_obs                          0.190 
_refine.ls_R_factor_all                          ? 
_refine.ls_R_factor_R_work                       0.187 
_refine.ls_R_factor_R_free                       0.271 
_refine.ls_R_factor_R_free_error                 ? 
_refine.ls_R_factor_R_free_error_details         ? 
_refine.ls_percent_reflns_R_free                 4.900 
_refine.ls_number_reflns_R_free                  341 
_refine.ls_number_parameters                     ? 
_refine.ls_number_restraints                     ? 
_refine.occupancy_min                            ? 
_refine.occupancy_max                            ? 
_refine.correlation_coeff_Fo_to_Fc               0.951 
_refine.correlation_coeff_Fo_to_Fc_free          0.873 
_refine.B_iso_mean                               79.11 
_refine.aniso_B[1][1]                            0.09000 
_refine.aniso_B[2][2]                            0.09000 
_refine.aniso_B[3][3]                            -0.18000 
_refine.aniso_B[1][2]                            0.00000 
_refine.aniso_B[1][3]                            0.00000 
_refine.aniso_B[2][3]                            0.00000 
_refine.solvent_model_details                    MASK 
_refine.solvent_model_param_ksol                 ? 
_refine.solvent_model_param_bsol                 ? 
_refine.pdbx_solvent_vdw_probe_radii             1.20 
_refine.pdbx_solvent_ion_probe_radii             0.80 
_refine.pdbx_solvent_shrinkage_radii             0.80 
_refine.pdbx_ls_cross_valid_method               THROUGHOUT 
_refine.details                                  'HYDROGENS HAVE BEEN ADDED IN THE RIDING POSITIONS.' 
_refine.pdbx_starting_model                      'PDB ENTRY 2V6S' 
_refine.pdbx_method_to_determine_struct          'MOLECULAR REPLACEMENT' 
_refine.pdbx_isotropic_thermal_model             ? 
_refine.pdbx_stereochemistry_target_values       'MAXIMUM LIKELIHOOD' 
_refine.pdbx_stereochem_target_val_spec_case     ? 
_refine.pdbx_R_Free_selection_details            RANDOM 
_refine.pdbx_overall_ESU_R                       ? 
_refine.pdbx_overall_ESU_R_Free                  0.430 
_refine.overall_SU_ML                            0.317 
_refine.pdbx_overall_phase_error                 ? 
_refine.overall_SU_B                             18.034 
_refine.overall_SU_R_Cruickshank_DPI             ? 
_refine.pdbx_overall_SU_R_free_Cruickshank_DPI   ? 
_refine.pdbx_overall_SU_R_Blow_DPI               ? 
_refine.pdbx_overall_SU_R_free_Blow_DPI          ? 
# 
_refine_hist.pdbx_refine_id                   'X-RAY DIFFRACTION' 
_refine_hist.cycle_id                         LAST 
_refine_hist.pdbx_number_atoms_protein        1622 
_refine_hist.pdbx_number_atoms_nucleic_acid   0 
_refine_hist.pdbx_number_atoms_ligand         34 
_refine_hist.number_atoms_solvent             11 
_refine_hist.number_atoms_total               1667 
_refine_hist.d_res_high                       3.10 
_refine_hist.d_res_low                        42.99 
# 
loop_
_refine_ls_restr.type 
_refine_ls_restr.dev_ideal 
_refine_ls_restr.dev_ideal_target 
_refine_ls_restr.weight 
_refine_ls_restr.number 
_refine_ls_restr.pdbx_refine_id 
_refine_ls_restr.pdbx_restraint_function 
r_bond_refined_d             0.022  0.021  ? 1701 'X-RAY DIFFRACTION' ? 
r_bond_other_d               ?      ?      ? ?    'X-RAY DIFFRACTION' ? 
r_angle_refined_deg          2.254  1.926  ? 2309 'X-RAY DIFFRACTION' ? 
r_angle_other_deg            ?      ?      ? ?    'X-RAY DIFFRACTION' ? 
r_dihedral_angle_1_deg       11.436 5.000  ? 197  'X-RAY DIFFRACTION' ? 
r_dihedral_angle_2_deg       39.770 24.111 ? 90   'X-RAY DIFFRACTION' ? 
r_dihedral_angle_3_deg       22.207 15.000 ? 267  'X-RAY DIFFRACTION' ? 
r_dihedral_angle_4_deg       21.600 15.000 ? 8    'X-RAY DIFFRACTION' ? 
r_chiral_restr               0.143  0.200  ? 242  'X-RAY DIFFRACTION' ? 
r_gen_planes_refined         0.008  0.020  ? 1325 'X-RAY DIFFRACTION' ? 
r_gen_planes_other           ?      ?      ? ?    'X-RAY DIFFRACTION' ? 
r_nbd_refined                0.286  0.200  ? 792  'X-RAY DIFFRACTION' ? 
r_nbd_other                  ?      ?      ? ?    'X-RAY DIFFRACTION' ? 
r_nbtor_refined              0.326  0.200  ? 1160 'X-RAY DIFFRACTION' ? 
r_nbtor_other                ?      ?      ? ?    'X-RAY DIFFRACTION' ? 
r_xyhbond_nbd_refined        0.149  0.200  ? 70   'X-RAY DIFFRACTION' ? 
r_xyhbond_nbd_other          ?      ?      ? ?    'X-RAY DIFFRACTION' ? 
r_metal_ion_refined          ?      ?      ? ?    'X-RAY DIFFRACTION' ? 
r_metal_ion_other            ?      ?      ? ?    'X-RAY DIFFRACTION' ? 
r_symmetry_vdw_refined       0.237  0.200  ? 41   'X-RAY DIFFRACTION' ? 
r_symmetry_vdw_other         ?      ?      ? ?    'X-RAY DIFFRACTION' ? 
r_symmetry_hbond_refined     0.259  0.200  ? 3    'X-RAY DIFFRACTION' ? 
r_symmetry_hbond_other       ?      ?      ? ?    'X-RAY DIFFRACTION' ? 
r_symmetry_metal_ion_refined ?      ?      ? ?    'X-RAY DIFFRACTION' ? 
r_symmetry_metal_ion_other   ?      ?      ? ?    'X-RAY DIFFRACTION' ? 
r_mcbond_it                  0.811  1.500  ? 1004 'X-RAY DIFFRACTION' ? 
r_mcbond_other               ?      ?      ? ?    'X-RAY DIFFRACTION' ? 
r_mcangle_it                 1.592  2.000  ? 1578 'X-RAY DIFFRACTION' ? 
r_mcangle_other              ?      ?      ? ?    'X-RAY DIFFRACTION' ? 
r_scbond_it                  2.283  3.000  ? 803  'X-RAY DIFFRACTION' ? 
r_scbond_other               ?      ?      ? ?    'X-RAY DIFFRACTION' ? 
r_scangle_it                 3.617  4.500  ? 731  'X-RAY DIFFRACTION' ? 
r_scangle_other              ?      ?      ? ?    'X-RAY DIFFRACTION' ? 
r_long_range_B_refined       ?      ?      ? ?    'X-RAY DIFFRACTION' ? 
r_long_range_B_other         ?      ?      ? ?    'X-RAY DIFFRACTION' ? 
r_rigid_bond_restr           ?      ?      ? ?    'X-RAY DIFFRACTION' ? 
r_sphericity_free            ?      ?      ? ?    'X-RAY DIFFRACTION' ? 
r_sphericity_bonded          ?      ?      ? ?    'X-RAY DIFFRACTION' ? 
# 
loop_
_refine_ls_restr_ncs.dom_id 
_refine_ls_restr_ncs.pdbx_auth_asym_id 
_refine_ls_restr_ncs.pdbx_number 
_refine_ls_restr_ncs.rms_dev_position 
_refine_ls_restr_ncs.weight_position 
_refine_ls_restr_ncs.pdbx_type 
_refine_ls_restr_ncs.pdbx_ens_id 
_refine_ls_restr_ncs.pdbx_ordinal 
_refine_ls_restr_ncs.pdbx_refine_id 
_refine_ls_restr_ncs.ncs_model_details 
_refine_ls_restr_ncs.rms_dev_B_iso 
_refine_ls_restr_ncs.weight_B_iso 
_refine_ls_restr_ncs.pdbx_asym_id 
_refine_ls_restr_ncs.pdbx_rms 
_refine_ls_restr_ncs.pdbx_weight 
1 B 392 0.10 0.05 'tight positional'  1 1 'X-RAY DIFFRACTION' ? ? ? ? ? ? 
1 A 17  0.04 0.05 'tight positional'  2 2 'X-RAY DIFFRACTION' ? ? ? ? ? ? 
2 B 17  0.04 0.05 'tight positional'  2 3 'X-RAY DIFFRACTION' ? ? ? ? ? ? 
1 B 404 0.44 0.50 'medium positional' 1 4 'X-RAY DIFFRACTION' ? ? ? ? ? ? 
1 B 392 0.36 0.50 'tight thermal'     1 5 'X-RAY DIFFRACTION' ? ? ? ? ? ? 
1 A 17  0.31 0.50 'tight thermal'     2 6 'X-RAY DIFFRACTION' ? ? ? ? ? ? 
2 B 17  0.31 0.50 'tight thermal'     2 7 'X-RAY DIFFRACTION' ? ? ? ? ? ? 
1 B 404 0.99 2.00 'medium thermal'    1 8 'X-RAY DIFFRACTION' ? ? ? ? ? ? 
# 
_refine_ls_shell.pdbx_refine_id                   'X-RAY DIFFRACTION' 
_refine_ls_shell.pdbx_total_number_of_bins_used   20 
_refine_ls_shell.d_res_high                       3.10 
_refine_ls_shell.d_res_low                        3.18 
_refine_ls_shell.number_reflns_R_work             470 
_refine_ls_shell.R_factor_R_work                  0.2850 
_refine_ls_shell.percent_reflns_obs               ? 
_refine_ls_shell.R_factor_R_free                  0.3270 
_refine_ls_shell.R_factor_R_free_error            ? 
_refine_ls_shell.percent_reflns_R_free            ? 
_refine_ls_shell.number_reflns_R_free             24 
_refine_ls_shell.number_reflns_all                ? 
_refine_ls_shell.R_factor_all                     ? 
# 
_struct_ncs_oper.id             1 
_struct_ncs_oper.code           given 
_struct_ncs_oper.details        ? 
_struct_ncs_oper.matrix[1][1]   -0.85819677 
_struct_ncs_oper.matrix[1][2]   -0.09688819 
_struct_ncs_oper.matrix[1][3]   0.50413228 
_struct_ncs_oper.matrix[2][1]   -0.09229407 
_struct_ncs_oper.matrix[2][2]   -0.93697217 
_struct_ncs_oper.matrix[2][3]   -0.33699603 
_struct_ncs_oper.matrix[3][1]   0.50502229 
_struct_ncs_oper.matrix[3][2]   -0.33574226 
_struct_ncs_oper.matrix[3][3]   0.79517893 
_struct_ncs_oper.vector[1]      -56.21496 
_struct_ncs_oper.vector[2]      -30.51796 
_struct_ncs_oper.vector[3]      109.77566 
# 
loop_
_struct_ncs_dom.id 
_struct_ncs_dom.details 
_struct_ncs_dom.pdbx_ens_id 
1 B 1 
2 A 1 
1 A 2 
2 B 2 
# 
loop_
_struct_ncs_dom_lim.pdbx_ens_id 
_struct_ncs_dom_lim.dom_id 
_struct_ncs_dom_lim.pdbx_component_id 
_struct_ncs_dom_lim.beg_label_asym_id 
_struct_ncs_dom_lim.beg_label_comp_id 
_struct_ncs_dom_lim.beg_label_seq_id 
_struct_ncs_dom_lim.beg_label_alt_id 
_struct_ncs_dom_lim.end_label_asym_id 
_struct_ncs_dom_lim.end_label_comp_id 
_struct_ncs_dom_lim.end_label_seq_id 
_struct_ncs_dom_lim.end_label_alt_id 
_struct_ncs_dom_lim.beg_auth_asym_id 
_struct_ncs_dom_lim.beg_auth_comp_id 
_struct_ncs_dom_lim.beg_auth_seq_id 
_struct_ncs_dom_lim.end_auth_asym_id 
_struct_ncs_dom_lim.end_auth_comp_id 
_struct_ncs_dom_lim.end_auth_seq_id 
_struct_ncs_dom_lim.pdbx_refine_code 
_struct_ncs_dom_lim.selection_details 
1 1 1 B ALA 7 . B GLU 105 . B ALA 5    B GLU 103  2 ? 
1 2 1 A ALA 7 . A GLU 105 . A ALA 5    A GLU 103  2 ? 
2 1 1 C H2B . . C H2B .   . A H2B 1104 A H2B 1104 1 ? 
2 2 1 D H2B . . D H2B .   . B H2B 1104 B H2B 1104 1 ? 
# 
loop_
_struct_ncs_ens.id 
_struct_ncs_ens.details 
1 ? 
2 ? 
# 
_struct.entry_id                  2V6T 
_struct.title                     
'Crystal structure of a complex of pterin-4a-carbinolamine dehydratase from Toxoplasma gondii with 7,8-dihydrobiopterin' 
_struct.pdbx_model_details        ? 
_struct.pdbx_CASP_flag            ? 
_struct.pdbx_model_type_details   ? 
# 
_struct_keywords.entry_id        2V6T 
_struct_keywords.pdbx_keywords   LYASE 
_struct_keywords.text            'LYASE, PTERIN, ENZYME, TAUTOMER, TOXOPLASMA, DEHYDRATASE' 
# 
loop_
_struct_asym.id 
_struct_asym.pdbx_blank_PDB_chainid_flag 
_struct_asym.pdbx_modified 
_struct_asym.entity_id 
_struct_asym.details 
A N N 1 ? 
B N N 1 ? 
C N N 2 ? 
D N N 2 ? 
E N N 3 ? 
F N N 3 ? 
# 
_struct_biol.id   1 
# 
loop_
_struct_conf.conf_type_id 
_struct_conf.id 
_struct_conf.pdbx_PDB_helix_id 
_struct_conf.beg_label_comp_id 
_struct_conf.beg_label_asym_id 
_struct_conf.beg_label_seq_id 
_struct_conf.pdbx_beg_PDB_ins_code 
_struct_conf.end_label_comp_id 
_struct_conf.end_label_asym_id 
_struct_conf.end_label_seq_id 
_struct_conf.pdbx_end_PDB_ins_code 
_struct_conf.beg_auth_comp_id 
_struct_conf.beg_auth_asym_id 
_struct_conf.beg_auth_seq_id 
_struct_conf.end_auth_comp_id 
_struct_conf.end_auth_asym_id 
_struct_conf.end_auth_seq_id 
_struct_conf.pdbx_PDB_helix_class 
_struct_conf.details 
_struct_conf.pdbx_PDB_helix_length 
HELX_P HELX_P1 1 ALA A 14 ? THR A 22  ? ALA A 12 THR A 20  1 ? 9  
HELX_P HELX_P2 2 PHE A 44 ? VAL A 61  ? PHE A 42 VAL A 59  1 ? 18 
HELX_P HELX_P3 3 GLU A 88 ? PHE A 104 ? GLU A 86 PHE A 102 1 ? 17 
HELX_P HELX_P4 5 PHE B 44 ? VAL B 61  ? PHE B 42 VAL B 59  1 ? 18 
HELX_P HELX_P5 6 ALA B 14 ? THR B 22  ? ALA B 12 THR B 20  1 ? 9  
# 
_struct_conf_type.id          HELX_P 
_struct_conf_type.criteria    ? 
_struct_conf_type.reference   ? 
# 
_struct_sheet.id               AB 
_struct_sheet.type             ? 
_struct_sheet.number_strands   8 
_struct_sheet.details          ? 
# 
loop_
_struct_sheet_order.sheet_id 
_struct_sheet_order.range_id_1 
_struct_sheet_order.range_id_2 
_struct_sheet_order.offset 
_struct_sheet_order.sense 
AB 1 2 ? anti-parallel 
AB 2 3 ? anti-parallel 
AB 3 4 ? anti-parallel 
AB 4 5 ? anti-parallel 
AB 5 6 ? anti-parallel 
AB 6 7 ? anti-parallel 
AB 7 8 ? anti-parallel 
# 
loop_
_struct_sheet_range.sheet_id 
_struct_sheet_range.id 
_struct_sheet_range.beg_label_comp_id 
_struct_sheet_range.beg_label_asym_id 
_struct_sheet_range.beg_label_seq_id 
_struct_sheet_range.pdbx_beg_PDB_ins_code 
_struct_sheet_range.end_label_comp_id 
_struct_sheet_range.end_label_asym_id 
_struct_sheet_range.end_label_seq_id 
_struct_sheet_range.pdbx_end_PDB_ins_code 
_struct_sheet_range.beg_auth_comp_id 
_struct_sheet_range.beg_auth_asym_id 
_struct_sheet_range.beg_auth_seq_id 
_struct_sheet_range.end_auth_comp_id 
_struct_sheet_range.end_auth_asym_id 
_struct_sheet_range.end_auth_seq_id 
AB 1 TRP A 26 ? THR A 29 ? TRP A 24 THR A 27 
AB 2 ILE A 35 ? GLN A 40 ? ILE A 33 GLN A 38 
AB 3 THR A 73 ? LEU A 78 ? THR A 71 LEU A 76 
AB 4 ASN A 66 ? VAL A 70 ? ASN A 64 VAL A 68 
AB 5 ASN B 66 ? VAL B 70 ? ASN B 64 VAL B 68 
AB 6 THR B 73 ? LEU B 78 ? THR B 71 LEU B 76 
AB 7 ILE B 35 ? GLN B 40 ? ILE B 33 GLN B 38 
AB 8 TRP B 26 ? THR B 29 ? TRP B 24 THR B 27 
# 
loop_
_struct_site.id 
_struct_site.pdbx_evidence_code 
_struct_site.pdbx_auth_asym_id 
_struct_site.pdbx_auth_comp_id 
_struct_site.pdbx_auth_seq_id 
_struct_site.pdbx_auth_ins_code 
_struct_site.pdbx_num_residues 
_struct_site.details 
AC1 Software ? ? ? ? 7 'BINDING SITE FOR RESIDUE H2B A1104' 
AC2 Software ? ? ? ? 5 'BINDING SITE FOR RESIDUE H2B B1104' 
# 
loop_
_struct_site_gen.id 
_struct_site_gen.site_id 
_struct_site_gen.pdbx_num_res 
_struct_site_gen.label_comp_id 
_struct_site_gen.label_asym_id 
_struct_site_gen.label_seq_id 
_struct_site_gen.pdbx_auth_ins_code 
_struct_site_gen.auth_comp_id 
_struct_site_gen.auth_asym_id 
_struct_site_gen.auth_seq_id 
_struct_site_gen.label_atom_id 
_struct_site_gen.label_alt_id 
_struct_site_gen.symmetry 
_struct_site_gen.details 
1  AC1 7 ASP A 62 ? ASP A 60 . ? 1_555 ? 
2  AC1 7 HIS A 63 ? HIS A 61 . ? 1_555 ? 
3  AC1 7 HIS A 64 ? HIS A 62 . ? 1_555 ? 
4  AC1 7 SER A 79 ? SER A 77 . ? 1_555 ? 
5  AC1 7 HIS A 81 ? HIS A 79 . ? 1_555 ? 
6  AC1 7 ASP A 82 ? ASP A 80 . ? 1_555 ? 
7  AC1 7 TYR B 71 ? TYR B 69 . ? 1_555 ? 
8  AC2 5 ASP B 62 ? ASP B 60 . ? 1_555 ? 
9  AC2 5 HIS B 63 ? HIS B 61 . ? 1_555 ? 
10 AC2 5 HIS B 64 ? HIS B 62 . ? 1_555 ? 
11 AC2 5 HIS B 81 ? HIS B 79 . ? 1_555 ? 
12 AC2 5 ASP B 82 ? ASP B 80 . ? 1_555 ? 
# 
_atom_sites.entry_id                    2V6T 
_atom_sites.fract_transf_matrix[1][1]   0.00409810 
_atom_sites.fract_transf_matrix[1][2]   0.00335312 
_atom_sites.fract_transf_matrix[1][3]   -0.00647963 
_atom_sites.fract_transf_matrix[2][1]   0.00729567 
_atom_sites.fract_transf_matrix[2][2]   -0.00183611 
_atom_sites.fract_transf_matrix[2][3]   0.00366405 
_atom_sites.fract_transf_matrix[3][1]   0.00011118 
_atom_sites.fract_transf_matrix[3][2]   -0.01781667 
_atom_sites.fract_transf_matrix[3][3]   -0.00914957 
_atom_sites.fract_transf_vector[1]      0.162536 
_atom_sites.fract_transf_vector[2]      0.316453 
_atom_sites.fract_transf_vector[3]      -0.077746 
# 
loop_
_atom_type.symbol 
C 
N 
O 
S 
# 
loop_
_atom_site.group_PDB 
_atom_site.id 
_atom_site.type_symbol 
_atom_site.label_atom_id 
_atom_site.label_alt_id 
_atom_site.label_comp_id 
_atom_site.label_asym_id 
_atom_site.label_entity_id 
_atom_site.label_seq_id 
_atom_site.pdbx_PDB_ins_code 
_atom_site.Cartn_x 
_atom_site.Cartn_y 
_atom_site.Cartn_z 
_atom_site.occupancy 
_atom_site.B_iso_or_equiv 
_atom_site.pdbx_formal_charge 
_atom_site.auth_seq_id 
_atom_site.auth_comp_id 
_atom_site.auth_asym_id 
_atom_site.auth_atom_id 
_atom_site.pdbx_PDB_model_num 
ATOM   1    N N   . ALA A 1 7   ? 6.144   -26.374 -2.859  1.00 94.95  ? 5    ALA A N   1 
ATOM   2    C CA  . ALA A 1 7   ? 6.418   -25.923 -1.466  1.00 94.16  ? 5    ALA A CA  1 
ATOM   3    C C   . ALA A 1 7   ? 7.711   -25.146 -1.195  1.00 93.64  ? 5    ALA A C   1 
ATOM   4    O O   . ALA A 1 7   ? 8.433   -24.608 -2.093  1.00 93.67  ? 5    ALA A O   1 
ATOM   5    C CB  . ALA A 1 7   ? 6.169   -27.022 -0.384  1.00 93.40  ? 5    ALA A CB  1 
ATOM   6    N N   . ARG A 1 8   ? 7.981   -25.041 0.090   1.00 91.85  ? 6    ARG A N   1 
ATOM   7    C CA  . ARG A 1 8   ? 8.510   -23.777 0.490   1.00 90.62  ? 6    ARG A CA  1 
ATOM   8    C C   . ARG A 1 8   ? 9.987   -23.629 0.810   1.00 89.61  ? 6    ARG A C   1 
ATOM   9    O O   . ARG A 1 8   ? 10.372  -23.855 1.941   1.00 89.43  ? 6    ARG A O   1 
ATOM   10   C CB  . ARG A 1 8   ? 7.650   -23.253 1.604   1.00 91.08  ? 6    ARG A CB  1 
ATOM   11   C CG  . ARG A 1 8   ? 8.114   -23.609 2.943   1.00 93.18  ? 6    ARG A CG  1 
ATOM   12   C CD  . ARG A 1 8   ? 8.724   -22.371 3.540   1.00 96.55  ? 6    ARG A CD  1 
ATOM   13   N NE  . ARG A 1 8   ? 8.691   -22.445 5.001   1.00 100.58 ? 6    ARG A NE  1 
ATOM   14   C CZ  . ARG A 1 8   ? 9.765   -22.670 5.754   1.00 102.16 ? 6    ARG A CZ  1 
ATOM   15   N NH1 . ARG A 1 8   ? 10.949  -22.847 5.176   1.00 102.94 ? 6    ARG A NH1 1 
ATOM   16   N NH2 . ARG A 1 8   ? 9.665   -22.722 7.080   1.00 103.08 ? 6    ARG A NH2 1 
ATOM   17   N N   . LEU A 1 9   ? 10.805  -23.199 -0.162  1.00 88.47  ? 7    LEU A N   1 
ATOM   18   C CA  . LEU A 1 9   ? 12.258  -22.859 0.060   1.00 87.83  ? 7    LEU A CA  1 
ATOM   19   C C   . LEU A 1 9   ? 12.760  -22.740 1.509   1.00 87.27  ? 7    LEU A C   1 
ATOM   20   O O   . LEU A 1 9   ? 12.129  -22.081 2.330   1.00 87.92  ? 7    LEU A O   1 
ATOM   21   C CB  . LEU A 1 9   ? 12.677  -21.585 -0.697  1.00 87.37  ? 7    LEU A CB  1 
ATOM   22   C CG  . LEU A 1 9   ? 12.671  -21.585 -2.233  1.00 87.45  ? 7    LEU A CG  1 
ATOM   23   C CD1 . LEU A 1 9   ? 12.935  -20.182 -2.806  1.00 87.17  ? 7    LEU A CD1 1 
ATOM   24   C CD2 . LEU A 1 9   ? 13.680  -22.594 -2.796  1.00 87.46  ? 7    LEU A CD2 1 
ATOM   25   N N   . ALA A 1 10  ? 13.910  -23.353 1.803   1.00 86.39  ? 8    ALA A N   1 
ATOM   26   C CA  . ALA A 1 10  ? 14.396  -23.503 3.182   1.00 84.80  ? 8    ALA A CA  1 
ATOM   27   C C   . ALA A 1 10  ? 15.486  -22.503 3.471   1.00 84.00  ? 8    ALA A C   1 
ATOM   28   O O   . ALA A 1 10  ? 16.228  -22.155 2.579   1.00 84.11  ? 8    ALA A O   1 
ATOM   29   C CB  . ALA A 1 10  ? 14.908  -24.885 3.372   1.00 84.37  ? 8    ALA A CB  1 
ATOM   30   N N   . ALA A 1 11  ? 15.604  -22.037 4.707   1.00 83.37  ? 9    ALA A N   1 
ATOM   31   C CA  . ALA A 1 11  ? 16.594  -20.980 5.033   1.00 83.43  ? 9    ALA A CA  1 
ATOM   32   C C   . ALA A 1 11  ? 18.034  -21.345 4.661   1.00 83.72  ? 9    ALA A C   1 
ATOM   33   O O   . ALA A 1 11  ? 18.429  -22.502 4.629   1.00 84.42  ? 9    ALA A O   1 
ATOM   34   C CB  . ALA A 1 11  ? 16.497  -20.517 6.491   1.00 82.71  ? 9    ALA A CB  1 
ATOM   35   N N   . ASN A 1 12  ? 18.829  -20.340 4.373   1.00 84.15  ? 10   ASN A N   1 
ATOM   36   C CA  . ASN A 1 12  ? 20.161  -20.527 3.771   1.00 84.29  ? 10   ASN A CA  1 
ATOM   37   C C   . ASN A 1 12  ? 20.318  -21.580 2.746   1.00 83.87  ? 10   ASN A C   1 
ATOM   38   O O   . ASN A 1 12  ? 21.425  -21.919 2.371   1.00 83.85  ? 10   ASN A O   1 
ATOM   39   C CB  . ASN A 1 12  ? 21.231  -20.659 4.808   1.00 84.46  ? 10   ASN A CB  1 
ATOM   40   C CG  . ASN A 1 12  ? 21.637  -19.339 5.285   1.00 86.90  ? 10   ASN A CG  1 
ATOM   41   O OD1 . ASN A 1 12  ? 22.270  -18.577 4.553   1.00 87.97  ? 10   ASN A OD1 1 
ATOM   42   N ND2 . ASN A 1 12  ? 21.197  -18.991 6.496   1.00 90.96  ? 10   ASN A ND2 1 
ATOM   43   N N   . SER A 1 13  ? 19.188  -22.042 2.260   1.00 83.79  ? 11   SER A N   1 
ATOM   44   C CA  . SER A 1 13  ? 19.151  -23.072 1.264   1.00 84.54  ? 11   SER A CA  1 
ATOM   45   C C   . SER A 1 13  ? 19.981  -22.690 0.032   1.00 84.72  ? 11   SER A C   1 
ATOM   46   O O   . SER A 1 13  ? 20.154  -21.500 -0.273  1.00 84.69  ? 11   SER A O   1 
ATOM   47   C CB  . SER A 1 13  ? 17.680  -23.370 0.946   1.00 84.63  ? 11   SER A CB  1 
ATOM   48   O OG  . SER A 1 13  ? 17.439  -23.450 -0.426  1.00 86.72  ? 11   SER A OG  1 
ATOM   49   N N   . ALA A 1 14  ? 20.521  -23.694 -0.654  1.00 85.13  ? 12   ALA A N   1 
ATOM   50   C CA  . ALA A 1 14  ? 21.359  -23.438 -1.838  1.00 85.58  ? 12   ALA A CA  1 
ATOM   51   C C   . ALA A 1 14  ? 20.575  -22.695 -2.903  1.00 85.49  ? 12   ALA A C   1 
ATOM   52   O O   . ALA A 1 14  ? 21.042  -21.711 -3.472  1.00 85.48  ? 12   ALA A O   1 
ATOM   53   C CB  . ALA A 1 14  ? 21.862  -24.756 -2.412  1.00 85.55  ? 12   ALA A CB  1 
ATOM   54   N N   . ARG A 1 15  ? 19.372  -23.190 -3.157  1.00 85.30  ? 13   ARG A N   1 
ATOM   55   C CA  . ARG A 1 15  ? 18.553  -22.666 -4.219  1.00 85.83  ? 13   ARG A CA  1 
ATOM   56   C C   . ARG A 1 15  ? 18.198  -21.203 -3.907  1.00 85.90  ? 13   ARG A C   1 
ATOM   57   O O   . ARG A 1 15  ? 18.398  -20.305 -4.731  1.00 85.65  ? 13   ARG A O   1 
ATOM   58   C CB  . ARG A 1 15  ? 17.335  -23.565 -4.395  1.00 85.85  ? 13   ARG A CB  1 
ATOM   59   C CG  . ARG A 1 15  ? 16.274  -23.045 -5.283  1.00 86.90  ? 13   ARG A CG  1 
ATOM   60   C CD  . ARG A 1 15  ? 16.827  -22.525 -6.559  1.00 89.93  ? 13   ARG A CD  1 
ATOM   61   N NE  . ARG A 1 15  ? 15.739  -22.369 -7.537  1.00 94.12  ? 13   ARG A NE  1 
ATOM   62   C CZ  . ARG A 1 15  ? 15.871  -21.825 -8.754  1.00 93.14  ? 13   ARG A CZ  1 
ATOM   63   N NH1 . ARG A 1 15  ? 17.049  -21.357 -9.168  1.00 91.34  ? 13   ARG A NH1 1 
ATOM   64   N NH2 . ARG A 1 15  ? 14.822  -21.756 -9.563  1.00 91.37  ? 13   ARG A NH2 1 
ATOM   65   N N   . LEU A 1 16  ? 17.707  -20.989 -2.690  1.00 85.86  ? 14   LEU A N   1 
ATOM   66   C CA  . LEU A 1 16  ? 17.469  -19.679 -2.091  1.00 85.68  ? 14   LEU A CA  1 
ATOM   67   C C   . LEU A 1 16  ? 18.637  -18.745 -2.370  1.00 85.79  ? 14   LEU A C   1 
ATOM   68   O O   . LEU A 1 16  ? 18.507  -17.854 -3.174  1.00 85.80  ? 14   LEU A O   1 
ATOM   69   C CB  . LEU A 1 16  ? 17.338  -19.871 -0.581  1.00 86.20  ? 14   LEU A CB  1 
ATOM   70   C CG  . LEU A 1 16  ? 16.806  -18.987 0.554   1.00 85.82  ? 14   LEU A CG  1 
ATOM   71   C CD1 . LEU A 1 16  ? 17.062  -17.505 0.368   1.00 84.38  ? 14   LEU A CD1 1 
ATOM   72   C CD2 . LEU A 1 16  ? 15.343  -19.316 0.766   1.00 85.32  ? 14   LEU A CD2 1 
ATOM   73   N N   . LEU A 1 17  ? 19.784  -18.942 -1.736  1.00 85.94  ? 15   LEU A N   1 
ATOM   74   C CA  . LEU A 1 17  ? 20.859  -17.981 -1.935  1.00 86.44  ? 15   LEU A CA  1 
ATOM   75   C C   . LEU A 1 17  ? 21.152  -17.767 -3.389  1.00 86.41  ? 15   LEU A C   1 
ATOM   76   O O   . LEU A 1 17  ? 21.662  -16.723 -3.793  1.00 86.07  ? 15   LEU A O   1 
ATOM   77   C CB  . LEU A 1 17  ? 22.143  -18.430 -1.307  1.00 86.52  ? 15   LEU A CB  1 
ATOM   78   C CG  . LEU A 1 17  ? 22.101  -18.297 0.182   1.00 88.37  ? 15   LEU A CG  1 
ATOM   79   C CD1 . LEU A 1 17  ? 22.326  -19.710 0.681   1.00 91.25  ? 15   LEU A CD1 1 
ATOM   80   C CD2 . LEU A 1 17  ? 23.195  -17.366 0.648   1.00 88.04  ? 15   LEU A CD2 1 
ATOM   81   N N   . GLN A 1 18  ? 20.872  -18.769 -4.195  1.00 86.26  ? 16   GLN A N   1 
ATOM   82   C CA  . GLN A 1 18  ? 21.222  -18.604 -5.569  1.00 86.52  ? 16   GLN A CA  1 
ATOM   83   C C   . GLN A 1 18  ? 20.289  -17.568 -6.255  1.00 85.82  ? 16   GLN A C   1 
ATOM   84   O O   . GLN A 1 18  ? 20.778  -16.680 -6.975  1.00 86.35  ? 16   GLN A O   1 
ATOM   85   C CB  . GLN A 1 18  ? 21.255  -19.936 -6.276  1.00 86.70  ? 16   GLN A CB  1 
ATOM   86   C CG  . GLN A 1 18  ? 21.187  -19.786 -7.754  1.00 88.30  ? 16   GLN A CG  1 
ATOM   87   C CD  . GLN A 1 18  ? 20.515  -20.959 -8.372  1.00 91.02  ? 16   GLN A CD  1 
ATOM   88   O OE1 . GLN A 1 18  ? 19.481  -21.458 -7.888  1.00 92.36  ? 16   GLN A OE1 1 
ATOM   89   N NE2 . GLN A 1 18  ? 21.097  -21.435 -9.446  1.00 91.02  ? 16   GLN A NE2 1 
ATOM   90   N N   . LEU A 1 19  ? 18.972  -17.686 -6.015  1.00 84.15  ? 17   LEU A N   1 
ATOM   91   C CA  . LEU A 1 19  ? 17.952  -16.672 -6.381  1.00 81.69  ? 17   LEU A CA  1 
ATOM   92   C C   . LEU A 1 19  ? 18.268  -15.282 -5.760  1.00 81.07  ? 17   LEU A C   1 
ATOM   93   O O   . LEU A 1 19  ? 18.244  -14.259 -6.442  1.00 80.77  ? 17   LEU A O   1 
ATOM   94   C CB  . LEU A 1 19  ? 16.525  -17.164 -6.006  1.00 80.67  ? 17   LEU A CB  1 
ATOM   95   C CG  . LEU A 1 19  ? 15.833  -18.390 -6.704  1.00 79.62  ? 17   LEU A CG  1 
ATOM   96   C CD1 . LEU A 1 19  ? 14.768  -19.146 -5.848  1.00 79.42  ? 17   LEU A CD1 1 
ATOM   97   C CD2 . LEU A 1 19  ? 15.211  -18.099 -8.044  1.00 72.77  ? 17   LEU A CD2 1 
ATOM   98   N N   . HIS A 1 20  ? 18.617  -15.236 -4.482  1.00 80.36  ? 18   HIS A N   1 
ATOM   99   C CA  . HIS A 1 20  ? 18.736  -13.959 -3.806  1.00 80.11  ? 18   HIS A CA  1 
ATOM   100  C C   . HIS A 1 20  ? 19.874  -13.161 -4.348  1.00 80.43  ? 18   HIS A C   1 
ATOM   101  O O   . HIS A 1 20  ? 20.003  -11.976 -4.092  1.00 80.06  ? 18   HIS A O   1 
ATOM   102  C CB  . HIS A 1 20  ? 18.898  -14.163 -2.323  1.00 79.61  ? 18   HIS A CB  1 
ATOM   103  C CG  . HIS A 1 20  ? 19.063  -12.890 -1.565  1.00 79.04  ? 18   HIS A CG  1 
ATOM   104  N ND1 . HIS A 1 20  ? 20.284  -12.442 -1.123  1.00 81.36  ? 18   HIS A ND1 1 
ATOM   105  C CD2 . HIS A 1 20  ? 18.167  -11.947 -1.203  1.00 79.12  ? 18   HIS A CD2 1 
ATOM   106  C CE1 . HIS A 1 20  ? 20.130  -11.295 -0.483  1.00 80.92  ? 18   HIS A CE1 1 
ATOM   107  N NE2 . HIS A 1 20  ? 18.854  -10.970 -0.529  1.00 79.08  ? 18   HIS A NE2 1 
ATOM   108  N N   . LYS A 1 21  ? 20.706  -13.848 -5.105  1.00 81.74  ? 19   LYS A N   1 
ATOM   109  C CA  . LYS A 1 21  ? 21.867  -13.246 -5.767  1.00 82.92  ? 19   LYS A CA  1 
ATOM   110  C C   . LYS A 1 21  ? 21.410  -12.226 -6.785  1.00 82.29  ? 19   LYS A C   1 
ATOM   111  O O   . LYS A 1 21  ? 21.985  -11.147 -6.897  1.00 82.30  ? 19   LYS A O   1 
ATOM   112  C CB  . LYS A 1 21  ? 22.650  -14.335 -6.488  1.00 83.72  ? 19   LYS A CB  1 
ATOM   113  C CG  . LYS A 1 21  ? 23.926  -13.873 -7.171  1.00 86.22  ? 19   LYS A CG  1 
ATOM   114  C CD  . LYS A 1 21  ? 24.515  -15.000 -8.027  1.00 89.72  ? 19   LYS A CD  1 
ATOM   115  C CE  . LYS A 1 21  ? 23.451  -15.710 -8.856  1.00 90.16  ? 19   LYS A CE  1 
ATOM   116  N NZ  . LYS A 1 21  ? 24.131  -16.747 -9.641  1.00 92.45  ? 19   LYS A NZ  1 
ATOM   117  N N   . THR A 1 22  ? 20.349  -12.593 -7.499  1.00 81.91  ? 20   THR A N   1 
ATOM   118  C CA  . THR A 1 22  ? 19.763  -11.791 -8.576  1.00 81.59  ? 20   THR A CA  1 
ATOM   119  C C   . THR A 1 22  ? 18.904  -10.639 -8.112  1.00 81.59  ? 20   THR A C   1 
ATOM   120  O O   . THR A 1 22  ? 18.410  -9.898  -8.962  1.00 82.90  ? 20   THR A O   1 
ATOM   121  C CB  . THR A 1 22  ? 18.737  -12.559 -9.391  1.00 81.31  ? 20   THR A CB  1 
ATOM   122  O OG1 . THR A 1 22  ? 17.606  -12.780 -8.545  1.00 79.54  ? 20   THR A OG1 1 
ATOM   123  C CG2 . THR A 1 22  ? 19.289  -13.872 -9.900  1.00 81.07  ? 20   THR A CG2 1 
ATOM   124  N N   . VAL A 1 23  ? 18.627  -10.530 -6.817  1.00 80.57  ? 21   VAL A N   1 
ATOM   125  C CA  . VAL A 1 23  ? 17.861  -9.400  -6.302  1.00 79.05  ? 21   VAL A CA  1 
ATOM   126  C C   . VAL A 1 23  ? 18.535  -8.908  -5.026  1.00 79.60  ? 21   VAL A C   1 
ATOM   127  O O   . VAL A 1 23  ? 17.919  -8.848  -3.972  1.00 79.33  ? 21   VAL A O   1 
ATOM   128  C CB  . VAL A 1 23  ? 16.371  -9.744  -6.033  1.00 78.35  ? 21   VAL A CB  1 
ATOM   129  C CG1 . VAL A 1 23  ? 15.570  -9.918  -7.324  1.00 76.37  ? 21   VAL A CG1 1 
ATOM   130  C CG2 . VAL A 1 23  ? 16.272  -10.939 -5.171  1.00 78.14  ? 21   VAL A CG2 1 
ATOM   131  N N   . PRO A 1 24  ? 19.815  -8.531  -5.122  1.00 80.28  ? 22   PRO A N   1 
ATOM   132  C CA  . PRO A 1 24  ? 20.655  -8.223  -3.978  1.00 80.94  ? 22   PRO A CA  1 
ATOM   133  C C   . PRO A 1 24  ? 20.149  -7.107  -3.071  1.00 82.04  ? 22   PRO A C   1 
ATOM   134  O O   . PRO A 1 24  ? 20.420  -7.134  -1.871  1.00 82.84  ? 22   PRO A O   1 
ATOM   135  C CB  . PRO A 1 24  ? 21.944  -7.744  -4.633  1.00 80.54  ? 22   PRO A CB  1 
ATOM   136  C CG  . PRO A 1 24  ? 21.549  -7.302  -5.959  1.00 79.88  ? 22   PRO A CG  1 
ATOM   137  C CD  . PRO A 1 24  ? 20.568  -8.337  -6.367  1.00 79.99  ? 22   PRO A CD  1 
ATOM   138  N N   . GLN A 1 25  ? 19.446  -6.126  -3.618  1.00 82.28  ? 23   GLN A N   1 
ATOM   139  C CA  . GLN A 1 25  ? 18.964  -4.987  -2.824  1.00 82.65  ? 23   GLN A CA  1 
ATOM   140  C C   . GLN A 1 25  ? 17.835  -5.272  -1.823  1.00 82.23  ? 23   GLN A C   1 
ATOM   141  O O   . GLN A 1 25  ? 17.395  -4.371  -1.096  1.00 81.75  ? 23   GLN A O   1 
ATOM   142  C CB  . GLN A 1 25  ? 18.410  -3.991  -3.780  1.00 83.29  ? 23   GLN A CB  1 
ATOM   143  C CG  . GLN A 1 25  ? 19.382  -3.501  -4.749  1.00 86.33  ? 23   GLN A CG  1 
ATOM   144  C CD  . GLN A 1 25  ? 19.711  -2.122  -4.364  1.00 91.29  ? 23   GLN A CD  1 
ATOM   145  O OE1 . GLN A 1 25  ? 19.640  -1.198  -5.188  1.00 93.19  ? 23   GLN A OE1 1 
ATOM   146  N NE2 . GLN A 1 25  ? 20.012  -1.930  -3.064  1.00 92.26  ? 23   GLN A NE2 1 
ATOM   147  N N   . TRP A 1 26  ? 17.347  -6.509  -1.823  1.00 82.07  ? 24   TRP A N   1 
ATOM   148  C CA  . TRP A 1 26  ? 16.271  -6.941  -0.944  1.00 82.71  ? 24   TRP A CA  1 
ATOM   149  C C   . TRP A 1 26  ? 16.789  -7.603  0.301   1.00 82.51  ? 24   TRP A C   1 
ATOM   150  O O   . TRP A 1 26  ? 17.637  -8.426  0.188   1.00 83.28  ? 24   TRP A O   1 
ATOM   151  C CB  . TRP A 1 26  ? 15.466  -7.986  -1.686  1.00 83.90  ? 24   TRP A CB  1 
ATOM   152  C CG  . TRP A 1 26  ? 14.587  -7.432  -2.742  1.00 85.01  ? 24   TRP A CG  1 
ATOM   153  C CD1 . TRP A 1 26  ? 14.949  -7.038  -3.987  1.00 85.74  ? 24   TRP A CD1 1 
ATOM   154  C CD2 . TRP A 1 26  ? 13.185  -7.206  -2.638  1.00 86.77  ? 24   TRP A CD2 1 
ATOM   155  N NE1 . TRP A 1 26  ? 13.864  -6.574  -4.682  1.00 85.94  ? 24   TRP A NE1 1 
ATOM   156  C CE2 . TRP A 1 26  ? 12.760  -6.663  -3.878  1.00 87.19  ? 24   TRP A CE2 1 
ATOM   157  C CE3 . TRP A 1 26  ? 12.243  -7.398  -1.615  1.00 86.25  ? 24   TRP A CE3 1 
ATOM   158  C CZ2 . TRP A 1 26  ? 11.417  -6.319  -4.135  1.00 86.64  ? 24   TRP A CZ2 1 
ATOM   159  C CZ3 . TRP A 1 26  ? 10.924  -7.066  -1.861  1.00 86.17  ? 24   TRP A CZ3 1 
ATOM   160  C CH2 . TRP A 1 26  ? 10.516  -6.535  -3.127  1.00 86.11  ? 24   TRP A CH2 1 
ATOM   161  N N   . HIS A 1 27  ? 16.269  -7.293  1.477   1.00 82.59  ? 25   HIS A N   1 
ATOM   162  C CA  . HIS A 1 27  ? 16.753  -7.906  2.726   1.00 83.39  ? 25   HIS A CA  1 
ATOM   163  C C   . HIS A 1 27  ? 15.973  -9.172  3.088   1.00 83.03  ? 25   HIS A C   1 
ATOM   164  O O   . HIS A 1 27  ? 14.760  -9.224  2.903   1.00 83.10  ? 25   HIS A O   1 
ATOM   165  C CB  . HIS A 1 27  ? 16.675  -6.890  3.861   1.00 83.62  ? 25   HIS A CB  1 
ATOM   166  C CG  . HIS A 1 27  ? 17.463  -5.635  3.599   1.00 89.47  ? 25   HIS A CG  1 
ATOM   167  N ND1 . HIS A 1 27  ? 17.783  -4.724  4.591   1.00 93.27  ? 25   HIS A ND1 1 
ATOM   168  C CD2 . HIS A 1 27  ? 17.995  -5.130  2.449   1.00 94.03  ? 25   HIS A CD2 1 
ATOM   169  C CE1 . HIS A 1 27  ? 18.458  -3.710  4.065   1.00 93.01  ? 25   HIS A CE1 1 
ATOM   170  N NE2 . HIS A 1 27  ? 18.614  -3.937  2.769   1.00 93.60  ? 25   HIS A NE2 1 
ATOM   171  N N   . LEU A 1 28  ? 16.652  -10.196 3.602   1.00 83.20  ? 26   LEU A N   1 
ATOM   172  C CA  . LEU A 1 28  ? 15.925  -11.352 4.136   1.00 83.51  ? 26   LEU A CA  1 
ATOM   173  C C   . LEU A 1 28  ? 15.561  -11.182 5.616   1.00 84.29  ? 26   LEU A C   1 
ATOM   174  O O   . LEU A 1 28  ? 16.400  -10.859 6.436   1.00 84.01  ? 26   LEU A O   1 
ATOM   175  C CB  . LEU A 1 28  ? 16.768  -12.604 4.022   1.00 83.71  ? 26   LEU A CB  1 
ATOM   176  C CG  . LEU A 1 28  ? 17.406  -13.011 2.692   1.00 84.07  ? 26   LEU A CG  1 
ATOM   177  C CD1 . LEU A 1 28  ? 18.910  -13.367 2.854   1.00 81.27  ? 26   LEU A CD1 1 
ATOM   178  C CD2 . LEU A 1 28  ? 16.587  -14.155 2.046   1.00 82.65  ? 26   LEU A CD2 1 
ATOM   179  N N   . THR A 1 29  ? 14.276  -11.342 5.916   1.00 85.99  ? 27   THR A N   1 
ATOM   180  C CA  . THR A 1 29  ? 13.680  -11.711 7.216   1.00 86.62  ? 27   THR A CA  1 
ATOM   181  C C   . THR A 1 29  ? 14.588  -12.846 7.752   1.00 87.69  ? 27   THR A C   1 
ATOM   182  O O   . THR A 1 29  ? 14.794  -13.822 7.012   1.00 88.59  ? 27   THR A O   1 
ATOM   183  C CB  . THR A 1 29  ? 12.248  -12.136 6.751   1.00 86.52  ? 27   THR A CB  1 
ATOM   184  O OG1 . THR A 1 29  ? 11.534  -10.943 6.410   1.00 84.94  ? 27   THR A OG1 1 
ATOM   185  C CG2 . THR A 1 29  ? 11.442  -13.059 7.697   1.00 86.87  ? 27   THR A CG2 1 
ATOM   186  N N   . ASP A 1 30  ? 15.045  -12.872 9.015   1.00 88.65  ? 28   ASP A N   1 
ATOM   187  C CA  . ASP A 1 30  ? 14.244  -13.075 10.219  1.00 89.75  ? 28   ASP A CA  1 
ATOM   188  C C   . ASP A 1 30  ? 13.672  -14.469 9.860   1.00 89.13  ? 28   ASP A C   1 
ATOM   189  O O   . ASP A 1 30  ? 12.508  -14.645 9.395   1.00 89.82  ? 28   ASP A O   1 
ATOM   190  C CB  . ASP A 1 30  ? 13.211  -11.950 10.472  1.00 91.77  ? 28   ASP A CB  1 
ATOM   191  C CG  . ASP A 1 30  ? 13.881  -10.509 10.655  1.00 97.01  ? 28   ASP A CG  1 
ATOM   192  O OD1 . ASP A 1 30  ? 13.350  -9.671  11.472  1.00 100.78 ? 28   ASP A OD1 1 
ATOM   193  O OD2 . ASP A 1 30  ? 14.928  -10.212 9.988   1.00 100.43 ? 28   ASP A OD2 1 
ATOM   194  N N   . GLY A 1 31  ? 14.612  -15.416 9.979   1.00 87.85  ? 29   GLY A N   1 
ATOM   195  C CA  . GLY A 1 31  ? 14.554  -16.809 9.600   1.00 86.51  ? 29   GLY A CA  1 
ATOM   196  C C   . GLY A 1 31  ? 14.123  -17.198 8.205   1.00 86.13  ? 29   GLY A C   1 
ATOM   197  O O   . GLY A 1 31  ? 13.394  -18.189 8.028   1.00 85.86  ? 29   GLY A O   1 
ATOM   198  N N   . HIS A 1 32  ? 14.615  -16.422 7.239   1.00 85.08  ? 30   HIS A N   1 
ATOM   199  C CA  . HIS A 1 32  ? 14.334  -16.475 5.798   1.00 83.60  ? 30   HIS A CA  1 
ATOM   200  C C   . HIS A 1 32  ? 12.921  -16.758 5.387   1.00 82.66  ? 30   HIS A C   1 
ATOM   201  O O   . HIS A 1 32  ? 12.673  -17.454 4.419   1.00 82.14  ? 30   HIS A O   1 
ATOM   202  C CB  . HIS A 1 32  ? 15.315  -17.392 5.111   1.00 83.62  ? 30   HIS A CB  1 
ATOM   203  C CG  . HIS A 1 32  ? 16.725  -16.958 5.296   1.00 84.04  ? 30   HIS A CG  1 
ATOM   204  N ND1 . HIS A 1 32  ? 17.775  -17.515 4.602   1.00 83.98  ? 30   HIS A ND1 1 
ATOM   205  C CD2 . HIS A 1 32  ? 17.260  -15.991 6.082   1.00 84.04  ? 30   HIS A CD2 1 
ATOM   206  C CE1 . HIS A 1 32  ? 18.902  -16.929 4.973   1.00 83.20  ? 30   HIS A CE1 1 
ATOM   207  N NE2 . HIS A 1 32  ? 18.615  -15.989 5.855   1.00 84.41  ? 30   HIS A NE2 1 
ATOM   208  N N   . LEU A 1 33  ? 11.982  -16.168 6.107   1.00 82.11  ? 31   LEU A N   1 
ATOM   209  C CA  . LEU A 1 33  ? 10.570  -16.405 5.796   1.00 81.63  ? 31   LEU A CA  1 
ATOM   210  C C   . LEU A 1 33  ? 9.970   -15.503 4.688   1.00 81.17  ? 31   LEU A C   1 
ATOM   211  O O   . LEU A 1 33  ? 8.922   -15.840 4.091   1.00 80.34  ? 31   LEU A O   1 
ATOM   212  C CB  . LEU A 1 33  ? 9.747   -16.398 7.081   1.00 81.62  ? 31   LEU A CB  1 
ATOM   213  C CG  . LEU A 1 33  ? 9.864   -17.779 7.741   1.00 81.33  ? 31   LEU A CG  1 
ATOM   214  C CD1 . LEU A 1 33  ? 9.111   -17.729 9.048   1.00 80.24  ? 31   LEU A CD1 1 
ATOM   215  C CD2 . LEU A 1 33  ? 9.436   -19.008 6.809   1.00 79.15  ? 31   LEU A CD2 1 
ATOM   216  N N   . SER A 1 34  ? 10.673  -14.383 4.423   1.00 80.46  ? 32   SER A N   1 
ATOM   217  C CA  . SER A 1 34  ? 10.323  -13.414 3.381   1.00 79.28  ? 32   SER A CA  1 
ATOM   218  C C   . SER A 1 34  ? 11.459  -12.441 3.045   1.00 78.31  ? 32   SER A C   1 
ATOM   219  O O   . SER A 1 34  ? 12.499  -12.396 3.737   1.00 77.24  ? 32   SER A O   1 
ATOM   220  C CB  . SER A 1 34  ? 9.122   -12.580 3.815   1.00 79.83  ? 32   SER A CB  1 
ATOM   221  O OG  . SER A 1 34  ? 9.526   -11.500 4.657   1.00 80.10  ? 32   SER A OG  1 
ATOM   222  N N   . ILE A 1 35  ? 11.214  -11.633 2.007   1.00 76.78  ? 33   ILE A N   1 
ATOM   223  C CA  . ILE A 1 35  ? 12.145  -10.588 1.647   1.00 75.72  ? 33   ILE A CA  1 
ATOM   224  C C   . ILE A 1 35  ? 11.498  -9.207  1.661   1.00 75.23  ? 33   ILE A C   1 
ATOM   225  O O   . ILE A 1 35  ? 10.407  -9.039  1.131   1.00 75.79  ? 33   ILE A O   1 
ATOM   226  C CB  . ILE A 1 35  ? 12.800  -10.870 0.268   1.00 75.51  ? 33   ILE A CB  1 
ATOM   227  C CG1 . ILE A 1 35  ? 11.837  -11.476 -0.704  1.00 73.22  ? 33   ILE A CG1 1 
ATOM   228  C CG2 . ILE A 1 35  ? 13.902  -11.883 0.368   1.00 76.40  ? 33   ILE A CG2 1 
ATOM   229  C CD1 . ILE A 1 35  ? 12.348  -11.310 -2.083  1.00 70.95  ? 33   ILE A CD1 1 
ATOM   230  N N   . LYS A 1 36  ? 12.156  -8.227  2.266   1.00 73.83  ? 34   LYS A N   1 
ATOM   231  C CA  . LYS A 1 36  ? 11.654  -6.877  2.237   1.00 73.44  ? 34   LYS A CA  1 
ATOM   232  C C   . LYS A 1 36  ? 12.508  -5.981  1.327   1.00 73.50  ? 34   LYS A C   1 
ATOM   233  O O   . LYS A 1 36  ? 13.631  -6.325  1.014   1.00 74.46  ? 34   LYS A O   1 
ATOM   234  C CB  . LYS A 1 36  ? 11.620  -6.309  3.627   1.00 72.97  ? 34   LYS A CB  1 
ATOM   235  C CG  . LYS A 1 36  ? 10.753  -7.079  4.589   1.00 74.36  ? 34   LYS A CG  1 
ATOM   236  C CD  . LYS A 1 36  ? 10.822  -6.477  6.008   1.00 77.17  ? 34   LYS A CD  1 
ATOM   237  C CE  . LYS A 1 36  ? 10.012  -5.192  6.106   1.00 81.54  ? 34   LYS A CE  1 
ATOM   238  N NZ  . LYS A 1 36  ? 10.122  -4.655  7.474   1.00 84.84  ? 34   LYS A NZ  1 
ATOM   239  N N   . ARG A 1 37  ? 11.957  -4.861  0.853   1.00 72.97  ? 35   ARG A N   1 
ATOM   240  C CA  . ARG A 1 37  ? 12.746  -3.791  0.219   1.00 71.76  ? 35   ARG A CA  1 
ATOM   241  C C   . ARG A 1 37  ? 11.934  -2.497  0.199   1.00 71.52  ? 35   ARG A C   1 
ATOM   242  O O   . ARG A 1 37  ? 10.728  -2.543  0.218   1.00 72.00  ? 35   ARG A O   1 
ATOM   243  C CB  . ARG A 1 37  ? 13.121  -4.168  -1.185  1.00 71.36  ? 35   ARG A CB  1 
ATOM   244  C CG  . ARG A 1 37  ? 13.546  -2.989  -1.940  1.00 70.23  ? 35   ARG A CG  1 
ATOM   245  C CD  . ARG A 1 37  ? 14.199  -3.365  -3.216  1.00 70.31  ? 35   ARG A CD  1 
ATOM   246  N NE  . ARG A 1 37  ? 15.092  -2.253  -3.505  1.00 72.86  ? 35   ARG A NE  1 
ATOM   247  C CZ  . ARG A 1 37  ? 15.662  -1.972  -4.674  1.00 71.29  ? 35   ARG A CZ  1 
ATOM   248  N NH1 . ARG A 1 37  ? 15.480  -2.723  -5.755  1.00 71.89  ? 35   ARG A NH1 1 
ATOM   249  N NH2 . ARG A 1 37  ? 16.456  -0.931  -4.730  1.00 69.71  ? 35   ARG A NH2 1 
ATOM   250  N N   . LYS A 1 38  ? 12.581  -1.347  0.194   1.00 71.04  ? 36   LYS A N   1 
ATOM   251  C CA  . LYS A 1 38  ? 11.846  -0.083  0.283   1.00 70.74  ? 36   LYS A CA  1 
ATOM   252  C C   . LYS A 1 38  ? 12.180  0.831   -0.889  1.00 69.99  ? 36   LYS A C   1 
ATOM   253  O O   . LYS A 1 38  ? 13.302  1.346   -0.975  1.00 69.64  ? 36   LYS A O   1 
ATOM   254  C CB  . LYS A 1 38  ? 12.199  0.643   1.584   1.00 70.96  ? 36   LYS A CB  1 
ATOM   255  C CG  . LYS A 1 38  ? 11.466  1.965   1.737   1.00 71.80  ? 36   LYS A CG  1 
ATOM   256  C CD  . LYS A 1 38  ? 11.550  2.600   3.110   1.00 72.10  ? 36   LYS A CD  1 
ATOM   257  C CE  . LYS A 1 38  ? 10.430  3.647   3.183   1.00 74.96  ? 36   LYS A CE  1 
ATOM   258  N NZ  . LYS A 1 38  ? 10.566  4.680   4.262   1.00 76.89  ? 36   LYS A NZ  1 
ATOM   259  N N   . PHE A 1 39  ? 11.209  1.063   -1.767  1.00 68.97  ? 37   PHE A N   1 
ATOM   260  C CA  . PHE A 1 39  ? 11.488  1.817   -2.951  1.00 68.42  ? 37   PHE A CA  1 
ATOM   261  C C   . PHE A 1 39  ? 11.248  3.294   -2.728  1.00 69.16  ? 37   PHE A C   1 
ATOM   262  O O   . PHE A 1 39  ? 10.349  3.678   -1.984  1.00 69.70  ? 37   PHE A O   1 
ATOM   263  C CB  . PHE A 1 39  ? 10.649  1.284   -4.059  1.00 67.27  ? 37   PHE A CB  1 
ATOM   264  C CG  . PHE A 1 39  ? 11.056  -0.112  -4.531  1.00 67.29  ? 37   PHE A CG  1 
ATOM   265  C CD1 . PHE A 1 39  ? 10.536  -1.258  -3.928  1.00 66.44  ? 37   PHE A CD1 1 
ATOM   266  C CD2 . PHE A 1 39  ? 11.914  -0.282  -5.628  1.00 66.95  ? 37   PHE A CD2 1 
ATOM   267  C CE1 . PHE A 1 39  ? 10.860  -2.546  -4.401  1.00 66.12  ? 37   PHE A CE1 1 
ATOM   268  C CE2 . PHE A 1 39  ? 12.234  -1.571  -6.104  1.00 66.02  ? 37   PHE A CE2 1 
ATOM   269  C CZ  . PHE A 1 39  ? 11.718  -2.701  -5.481  1.00 66.11  ? 37   PHE A CZ  1 
ATOM   270  N N   . GLN A 1 40  ? 12.066  4.138   -3.334  1.00 69.61  ? 38   GLN A N   1 
ATOM   271  C CA  . GLN A 1 40  ? 11.857  5.539   -3.128  1.00 70.62  ? 38   GLN A CA  1 
ATOM   272  C C   . GLN A 1 40  ? 11.914  6.275   -4.433  1.00 70.12  ? 38   GLN A C   1 
ATOM   273  O O   . GLN A 1 40  ? 12.874  6.141   -5.184  1.00 70.64  ? 38   GLN A O   1 
ATOM   274  C CB  . GLN A 1 40  ? 12.925  6.041   -2.227  1.00 71.78  ? 38   GLN A CB  1 
ATOM   275  C CG  . GLN A 1 40  ? 12.906  7.552   -2.014  1.00 77.58  ? 38   GLN A CG  1 
ATOM   276  C CD  . GLN A 1 40  ? 12.821  7.827   -0.531  1.00 84.58  ? 38   GLN A CD  1 
ATOM   277  O OE1 . GLN A 1 40  ? 12.741  8.991   -0.092  1.00 85.10  ? 38   GLN A OE1 1 
ATOM   278  N NE2 . GLN A 1 40  ? 12.804  6.718   0.270   1.00 85.32  ? 38   GLN A NE2 1 
ATOM   279  N N   . PHE A 1 41  ? 10.893  7.044   -4.735  1.00 69.34  ? 39   PHE A N   1 
ATOM   280  C CA  . PHE A 1 41  ? 10.842  7.586   -6.063  1.00 69.39  ? 39   PHE A CA  1 
ATOM   281  C C   . PHE A 1 41  ? 10.770  9.031   -5.815  1.00 69.47  ? 39   PHE A C   1 
ATOM   282  O O   . PHE A 1 41  ? 10.589  9.433   -4.678  1.00 69.22  ? 39   PHE A O   1 
ATOM   283  C CB  . PHE A 1 41  ? 9.597   7.093   -6.857  1.00 69.58  ? 39   PHE A CB  1 
ATOM   284  C CG  . PHE A 1 41  ? 9.559   5.621   -7.078  1.00 68.26  ? 39   PHE A CG  1 
ATOM   285  C CD1 . PHE A 1 41  ? 8.853   4.796   -6.216  1.00 70.50  ? 39   PHE A CD1 1 
ATOM   286  C CD2 . PHE A 1 41  ? 10.257  5.050   -8.113  1.00 68.20  ? 39   PHE A CD2 1 
ATOM   287  C CE1 . PHE A 1 41  ? 8.829   3.397   -6.391  1.00 70.10  ? 39   PHE A CE1 1 
ATOM   288  C CE2 . PHE A 1 41  ? 10.244  3.677   -8.300  1.00 69.39  ? 39   PHE A CE2 1 
ATOM   289  C CZ  . PHE A 1 41  ? 9.526   2.847   -7.440  1.00 69.54  ? 39   PHE A CZ  1 
ATOM   290  N N   . SER A 1 42  ? 10.880  9.801   -6.883  1.00 69.98  ? 40   SER A N   1 
ATOM   291  C CA  . SER A 1 42  ? 10.861  11.232  -6.789  1.00 70.95  ? 40   SER A CA  1 
ATOM   292  C C   . SER A 1 42  ? 9.496   11.785  -6.300  1.00 70.27  ? 40   SER A C   1 
ATOM   293  O O   . SER A 1 42  ? 9.425   12.440  -5.281  1.00 70.16  ? 40   SER A O   1 
ATOM   294  C CB  . SER A 1 42  ? 11.360  11.771  -8.125  1.00 71.49  ? 40   SER A CB  1 
ATOM   295  O OG  . SER A 1 42  ? 10.869  13.058  -8.329  1.00 76.36  ? 40   SER A OG  1 
ATOM   296  N N   . ASP A 1 43  ? 8.397   11.489  -6.959  1.00 69.76  ? 41   ASP A N   1 
ATOM   297  C CA  . ASP A 1 43  ? 7.136   11.876  -6.315  1.00 70.11  ? 41   ASP A CA  1 
ATOM   298  C C   . ASP A 1 43  ? 6.150   10.692  -6.211  1.00 69.28  ? 41   ASP A C   1 
ATOM   299  O O   . ASP A 1 43  ? 6.520   9.564   -6.454  1.00 69.01  ? 41   ASP A O   1 
ATOM   300  C CB  . ASP A 1 43  ? 6.495   13.004  -7.079  1.00 70.28  ? 41   ASP A CB  1 
ATOM   301  C CG  . ASP A 1 43  ? 6.411   12.690  -8.499  1.00 72.93  ? 41   ASP A CG  1 
ATOM   302  O OD1 . ASP A 1 43  ? 6.542   11.503  -8.879  1.00 77.59  ? 41   ASP A OD1 1 
ATOM   303  O OD2 . ASP A 1 43  ? 6.245   13.615  -9.258  1.00 76.50  ? 41   ASP A OD2 1 
ATOM   304  N N   . PHE A 1 44  ? 4.900   10.962  -5.846  1.00 68.30  ? 42   PHE A N   1 
ATOM   305  C CA  . PHE A 1 44  ? 3.885   9.951   -5.921  1.00 67.33  ? 42   PHE A CA  1 
ATOM   306  C C   . PHE A 1 44  ? 3.634   9.585   -7.363  1.00 67.05  ? 42   PHE A C   1 
ATOM   307  O O   . PHE A 1 44  ? 3.330   8.431   -7.656  1.00 67.04  ? 42   PHE A O   1 
ATOM   308  C CB  . PHE A 1 44  ? 2.604   10.439  -5.291  1.00 67.19  ? 42   PHE A CB  1 
ATOM   309  C CG  . PHE A 1 44  ? 1.422   9.518   -5.455  1.00 66.29  ? 42   PHE A CG  1 
ATOM   310  C CD1 . PHE A 1 44  ? 1.310   8.360   -4.715  1.00 65.50  ? 42   PHE A CD1 1 
ATOM   311  C CD2 . PHE A 1 44  ? 0.376   9.858   -6.306  1.00 67.82  ? 42   PHE A CD2 1 
ATOM   312  C CE1 . PHE A 1 44  ? 0.183   7.535   -4.850  1.00 64.37  ? 42   PHE A CE1 1 
ATOM   313  C CE2 . PHE A 1 44  ? -0.754  9.038   -6.448  1.00 65.00  ? 42   PHE A CE2 1 
ATOM   314  C CZ  . PHE A 1 44  ? -0.847  7.888   -5.713  1.00 64.12  ? 42   PHE A CZ  1 
ATOM   315  N N   . ASN A 1 45  ? 3.773   10.535  -8.280  1.00 66.89  ? 43   ASN A N   1 
ATOM   316  C CA  . ASN A 1 45  ? 3.471   10.208  -9.672  1.00 66.21  ? 43   ASN A CA  1 
ATOM   317  C C   . ASN A 1 45  ? 4.339   9.068   -10.123 1.00 65.89  ? 43   ASN A C   1 
ATOM   318  O O   . ASN A 1 45  ? 3.842   8.118   -10.698 1.00 66.50  ? 43   ASN A O   1 
ATOM   319  C CB  . ASN A 1 45  ? 3.595   11.387  -10.610 1.00 66.02  ? 43   ASN A CB  1 
ATOM   320  C CG  . ASN A 1 45  ? 3.172   11.046  -12.032 1.00 66.34  ? 43   ASN A CG  1 
ATOM   321  O OD1 . ASN A 1 45  ? 3.979   10.556  -12.842 1.00 67.48  ? 43   ASN A OD1 1 
ATOM   322  N ND2 . ASN A 1 45  ? 1.924   11.363  -12.367 1.00 63.97  ? 43   ASN A ND2 1 
ATOM   323  N N   . GLU A 1 46  ? 5.627   9.120   -9.820  1.00 65.17  ? 44   GLU A N   1 
ATOM   324  C CA  . GLU A 1 46  ? 6.519   8.026   -10.183 1.00 64.24  ? 44   GLU A CA  1 
ATOM   325  C C   . GLU A 1 46  ? 6.139   6.758   -9.451  1.00 63.29  ? 44   GLU A C   1 
ATOM   326  O O   . GLU A 1 46  ? 5.996   5.708   -10.059 1.00 63.28  ? 44   GLU A O   1 
ATOM   327  C CB  . GLU A 1 46  ? 7.933   8.386   -9.809  1.00 64.50  ? 44   GLU A CB  1 
ATOM   328  C CG  . GLU A 1 46  ? 8.696   8.945   -10.913 1.00 66.10  ? 44   GLU A CG  1 
ATOM   329  C CD  . GLU A 1 46  ? 10.032  9.469   -10.462 1.00 71.43  ? 44   GLU A CD  1 
ATOM   330  O OE1 . GLU A 1 46  ? 10.673  8.891   -9.527  1.00 73.05  ? 44   GLU A OE1 1 
ATOM   331  O OE2 . GLU A 1 46  ? 10.450  10.481  -11.069 1.00 73.30  ? 44   GLU A OE2 1 
ATOM   332  N N   . ALA A 1 47  ? 5.981   6.865   -8.137  1.00 62.22  ? 45   ALA A N   1 
ATOM   333  C CA  . ALA A 1 47  ? 5.617   5.726   -7.307  1.00 61.80  ? 45   ALA A CA  1 
ATOM   334  C C   . ALA A 1 47  ? 4.407   4.954   -7.904  1.00 61.75  ? 45   ALA A C   1 
ATOM   335  O O   . ALA A 1 47  ? 4.404   3.682   -8.014  1.00 61.21  ? 45   ALA A O   1 
ATOM   336  C CB  . ALA A 1 47  ? 5.378   6.157   -5.832  1.00 61.04  ? 45   ALA A CB  1 
ATOM   337  N N   . TRP A 1 48  ? 3.402   5.716   -8.344  1.00 61.25  ? 46   TRP A N   1 
ATOM   338  C CA  . TRP A 1 48  ? 2.240   5.068   -8.941  1.00 61.40  ? 46   TRP A CA  1 
ATOM   339  C C   . TRP A 1 48  ? 2.540   4.364   -10.287 1.00 61.30  ? 46   TRP A C   1 
ATOM   340  O O   . TRP A 1 48  ? 2.189   3.169   -10.469 1.00 60.74  ? 46   TRP A O   1 
ATOM   341  C CB  . TRP A 1 48  ? 1.080   6.015   -9.075  1.00 61.51  ? 46   TRP A CB  1 
ATOM   342  C CG  . TRP A 1 48  ? -0.184  5.288   -9.360  1.00 62.91  ? 46   TRP A CG  1 
ATOM   343  C CD1 . TRP A 1 48  ? -0.850  5.269   -10.543 1.00 63.79  ? 46   TRP A CD1 1 
ATOM   344  C CD2 . TRP A 1 48  ? -0.956  4.450   -8.446  1.00 64.88  ? 46   TRP A CD2 1 
ATOM   345  N NE1 . TRP A 1 48  ? -1.992  4.496   -10.436 1.00 64.83  ? 46   TRP A NE1 1 
ATOM   346  C CE2 . TRP A 1 48  ? -2.080  3.978   -9.167  1.00 64.03  ? 46   TRP A CE2 1 
ATOM   347  C CE3 . TRP A 1 48  ? -0.799  4.050   -7.100  1.00 64.90  ? 46   TRP A CE3 1 
ATOM   348  C CZ2 . TRP A 1 48  ? -3.050  3.139   -8.590  1.00 61.92  ? 46   TRP A CZ2 1 
ATOM   349  C CZ3 . TRP A 1 48  ? -1.768  3.191   -6.537  1.00 63.89  ? 46   TRP A CZ3 1 
ATOM   350  C CH2 . TRP A 1 48  ? -2.870  2.758   -7.284  1.00 63.21  ? 46   TRP A CH2 1 
ATOM   351  N N   . GLY A 1 49  ? 3.206   5.084   -11.196 1.00 60.71  ? 47   GLY A N   1 
ATOM   352  C CA  . GLY A 1 49  ? 3.679   4.488   -12.418 1.00 61.11  ? 47   GLY A CA  1 
ATOM   353  C C   . GLY A 1 49  ? 4.324   3.154   -12.113 1.00 61.81  ? 47   GLY A C   1 
ATOM   354  O O   . GLY A 1 49  ? 4.024   2.157   -12.741 1.00 62.07  ? 47   GLY A O   1 
ATOM   355  N N   . PHE A 1 50  ? 5.206   3.136   -11.127 1.00 62.43  ? 48   PHE A N   1 
ATOM   356  C CA  . PHE A 1 50  ? 5.829   1.900   -10.668 1.00 63.25  ? 48   PHE A CA  1 
ATOM   357  C C   . PHE A 1 50  ? 4.802   0.847   -10.272 1.00 63.12  ? 48   PHE A C   1 
ATOM   358  O O   . PHE A 1 50  ? 4.651   -0.201  -10.923 1.00 62.33  ? 48   PHE A O   1 
ATOM   359  C CB  . PHE A 1 50  ? 6.588   2.207   -9.408  1.00 64.38  ? 48   PHE A CB  1 
ATOM   360  C CG  . PHE A 1 50  ? 7.294   1.035   -8.827  1.00 65.11  ? 48   PHE A CG  1 
ATOM   361  C CD1 . PHE A 1 50  ? 8.246   0.327   -9.594  1.00 67.38  ? 48   PHE A CD1 1 
ATOM   362  C CD2 . PHE A 1 50  ? 7.085   0.692   -7.504  1.00 62.18  ? 48   PHE A CD2 1 
ATOM   363  C CE1 . PHE A 1 50  ? 8.968   -0.737  -9.036  1.00 68.71  ? 48   PHE A CE1 1 
ATOM   364  C CE2 . PHE A 1 50  ? 7.791   -0.353  -6.916  1.00 63.50  ? 48   PHE A CE2 1 
ATOM   365  C CZ  . PHE A 1 50  ? 8.734   -1.086  -7.667  1.00 66.47  ? 48   PHE A CZ  1 
ATOM   366  N N   . MET A 1 51  ? 4.096   1.152   -9.187  1.00 62.78  ? 49   MET A N   1 
ATOM   367  C CA  . MET A 1 51  ? 3.101   0.227   -8.682  1.00 62.70  ? 49   MET A CA  1 
ATOM   368  C C   . MET A 1 51  ? 2.200   -0.316  -9.777  1.00 63.02  ? 49   MET A C   1 
ATOM   369  O O   . MET A 1 51  ? 1.922   -1.515  -9.798  1.00 63.05  ? 49   MET A O   1 
ATOM   370  C CB  . MET A 1 51  ? 2.298   0.852   -7.570  1.00 62.23  ? 49   MET A CB  1 
ATOM   371  C CG  . MET A 1 51  ? 3.126   1.098   -6.365  1.00 61.81  ? 49   MET A CG  1 
ATOM   372  S SD  . MET A 1 51  ? 2.207   1.926   -5.101  1.00 61.39  ? 49   MET A SD  1 
ATOM   373  C CE  . MET A 1 51  ? 1.174   0.538   -4.542  1.00 59.70  ? 49   MET A CE  1 
ATOM   374  N N   . SER A 1 52  ? 1.784   0.558   -10.686 1.00 63.16  ? 50   SER A N   1 
ATOM   375  C CA  . SER A 1 52  ? 0.914   0.174   -11.765 1.00 64.29  ? 50   SER A CA  1 
ATOM   376  C C   . SER A 1 52  ? 1.471   -0.967  -12.574 1.00 64.50  ? 50   SER A C   1 
ATOM   377  O O   . SER A 1 52  ? 0.733   -1.848  -13.003 1.00 64.97  ? 50   SER A O   1 
ATOM   378  C CB  . SER A 1 52  ? 0.726   1.343   -12.708 1.00 64.84  ? 50   SER A CB  1 
ATOM   379  O OG  . SER A 1 52  ? -0.377  2.094   -12.283 1.00 68.19  ? 50   SER A OG  1 
ATOM   380  N N   . ARG A 1 53  ? 2.774   -0.960  -12.830 1.00 64.24  ? 51   ARG A N   1 
ATOM   381  C CA  . ARG A 1 53  ? 3.334   -2.020  -13.647 1.00 63.45  ? 51   ARG A CA  1 
ATOM   382  C C   . ARG A 1 53  ? 3.357   -3.287  -12.808 1.00 63.48  ? 51   ARG A C   1 
ATOM   383  O O   . ARG A 1 53  ? 2.913   -4.346  -13.234 1.00 63.50  ? 51   ARG A O   1 
ATOM   384  C CB  . ARG A 1 53  ? 4.707   -1.628  -14.149 1.00 62.71  ? 51   ARG A CB  1 
ATOM   385  C CG  . ARG A 1 53  ? 4.606   -0.622  -15.242 1.00 62.06  ? 51   ARG A CG  1 
ATOM   386  C CD  . ARG A 1 53  ? 5.870   -0.477  -16.067 1.00 63.79  ? 51   ARG A CD  1 
ATOM   387  N NE  . ARG A 1 53  ? 6.313   -1.718  -16.717 1.00 63.01  ? 51   ARG A NE  1 
ATOM   388  C CZ  . ARG A 1 53  ? 7.593   -2.072  -16.807 1.00 61.99  ? 51   ARG A CZ  1 
ATOM   389  N NH1 . ARG A 1 53  ? 8.541   -1.264  -16.279 1.00 62.14  ? 51   ARG A NH1 1 
ATOM   390  N NH2 . ARG A 1 53  ? 7.909   -3.244  -17.343 1.00 58.18  ? 51   ARG A NH2 1 
ATOM   391  N N   . VAL A 1 54  ? 3.821   -3.152  -11.578 1.00 63.09  ? 52   VAL A N   1 
ATOM   392  C CA  . VAL A 1 54  ? 3.838   -4.282  -10.677 1.00 62.79  ? 52   VAL A CA  1 
ATOM   393  C C   . VAL A 1 54  ? 2.450   -4.893  -10.569 1.00 63.05  ? 52   VAL A C   1 
ATOM   394  O O   . VAL A 1 54  ? 2.325   -6.099  -10.631 1.00 63.60  ? 52   VAL A O   1 
ATOM   395  C CB  . VAL A 1 54  ? 4.465   -3.963  -9.292  1.00 62.07  ? 52   VAL A CB  1 
ATOM   396  C CG1 . VAL A 1 54  ? 4.360   -5.125  -8.424  1.00 60.06  ? 52   VAL A CG1 1 
ATOM   397  C CG2 . VAL A 1 54  ? 5.936   -3.664  -9.462  1.00 60.96  ? 52   VAL A CG2 1 
ATOM   398  N N   . ALA A 1 55  ? 1.411   -4.082  -10.459 1.00 63.33  ? 53   ALA A N   1 
ATOM   399  C CA  . ALA A 1 55  ? 0.039   -4.603  -10.396 1.00 63.37  ? 53   ALA A CA  1 
ATOM   400  C C   . ALA A 1 55  ? -0.272  -5.533  -11.535 1.00 63.65  ? 53   ALA A C   1 
ATOM   401  O O   . ALA A 1 55  ? -0.631  -6.685  -11.308 1.00 63.52  ? 53   ALA A O   1 
ATOM   402  C CB  . ALA A 1 55  ? -0.921  -3.506  -10.416 1.00 63.87  ? 53   ALA A CB  1 
ATOM   403  N N   . LEU A 1 56  ? -0.099  -5.039  -12.757 1.00 64.52  ? 54   LEU A N   1 
ATOM   404  C CA  . LEU A 1 56  ? -0.329  -5.833  -13.988 1.00 65.74  ? 54   LEU A CA  1 
ATOM   405  C C   . LEU A 1 56  ? 0.347   -7.190  -14.064 1.00 66.27  ? 54   LEU A C   1 
ATOM   406  O O   . LEU A 1 56  ? -0.202  -8.144  -14.591 1.00 66.95  ? 54   LEU A O   1 
ATOM   407  C CB  . LEU A 1 56  ? 0.107   -5.052  -15.212 1.00 65.65  ? 54   LEU A CB  1 
ATOM   408  C CG  . LEU A 1 56  ? -0.881  -4.022  -15.701 1.00 66.08  ? 54   LEU A CG  1 
ATOM   409  C CD1 . LEU A 1 56  ? -0.112  -2.996  -16.443 1.00 67.93  ? 54   LEU A CD1 1 
ATOM   410  C CD2 . LEU A 1 56  ? -1.871  -4.690  -16.598 1.00 67.95  ? 54   LEU A CD2 1 
ATOM   411  N N   . TYR A 1 57  ? 1.561   -7.244  -13.571 1.00 67.22  ? 55   TYR A N   1 
ATOM   412  C CA  . TYR A 1 57  ? 2.292   -8.444  -13.532 1.00 68.32  ? 55   TYR A CA  1 
ATOM   413  C C   . TYR A 1 57  ? 1.764   -9.357  -12.433 1.00 68.36  ? 55   TYR A C   1 
ATOM   414  O O   . TYR A 1 57  ? 1.490   -10.539 -12.660 1.00 67.80  ? 55   TYR A O   1 
ATOM   415  C CB  . TYR A 1 57  ? 3.698   -8.061  -13.251 1.00 69.55  ? 55   TYR A CB  1 
ATOM   416  C CG  . TYR A 1 57  ? 4.549   -9.232  -12.923 1.00 73.09  ? 55   TYR A CG  1 
ATOM   417  C CD1 . TYR A 1 57  ? 5.454   -9.777  -13.875 1.00 73.75  ? 55   TYR A CD1 1 
ATOM   418  C CD2 . TYR A 1 57  ? 4.467   -9.822  -11.667 1.00 74.03  ? 55   TYR A CD2 1 
ATOM   419  C CE1 . TYR A 1 57  ? 6.238   -10.885 -13.555 1.00 71.13  ? 55   TYR A CE1 1 
ATOM   420  C CE2 . TYR A 1 57  ? 5.252   -10.912 -11.366 1.00 74.80  ? 55   TYR A CE2 1 
ATOM   421  C CZ  . TYR A 1 57  ? 6.118   -11.429 -12.301 1.00 71.87  ? 55   TYR A CZ  1 
ATOM   422  O OH  . TYR A 1 57  ? 6.867   -12.484 -11.894 1.00 74.51  ? 55   TYR A OH  1 
ATOM   423  N N   . ALA A 1 58  ? 1.592   -8.802  -11.244 1.00 68.67  ? 56   ALA A N   1 
ATOM   424  C CA  . ALA A 1 58  ? 1.080   -9.563  -10.124 1.00 69.51  ? 56   ALA A CA  1 
ATOM   425  C C   . ALA A 1 58  ? -0.214  -10.340 -10.446 1.00 70.77  ? 56   ALA A C   1 
ATOM   426  O O   . ALA A 1 58  ? -0.265  -11.571 -10.361 1.00 70.87  ? 56   ALA A O   1 
ATOM   427  C CB  . ALA A 1 58  ? 0.894   -8.678  -8.977  1.00 68.99  ? 56   ALA A CB  1 
ATOM   428  N N   . ASP A 1 59  ? -1.248  -9.638  -10.868 1.00 72.38  ? 57   ASP A N   1 
ATOM   429  C CA  . ASP A 1 59  ? -2.475  -10.333 -11.221 1.00 74.23  ? 57   ASP A CA  1 
ATOM   430  C C   . ASP A 1 59  ? -2.292  -11.347 -12.355 1.00 74.78  ? 57   ASP A C   1 
ATOM   431  O O   . ASP A 1 59  ? -3.038  -12.388 -12.451 1.00 75.10  ? 57   ASP A O   1 
ATOM   432  C CB  . ASP A 1 59  ? -3.553  -9.357  -11.598 1.00 74.62  ? 57   ASP A CB  1 
ATOM   433  C CG  . ASP A 1 59  ? -4.854  -9.684  -10.930 1.00 78.11  ? 57   ASP A CG  1 
ATOM   434  O OD1 . ASP A 1 59  ? -4.837  -10.156 -9.737  1.00 78.78  ? 57   ASP A OD1 1 
ATOM   435  O OD2 . ASP A 1 59  ? -5.894  -9.474  -11.627 1.00 83.70  ? 57   ASP A OD2 1 
ATOM   436  N N   . LYS A 1 60  ? -1.305  -11.072 -13.205 1.00 74.78  ? 58   LYS A N   1 
ATOM   437  C CA  . LYS A 1 60  ? -1.066  -12.002 -14.273 1.00 74.87  ? 58   LYS A CA  1 
ATOM   438  C C   . LYS A 1 60  ? -0.546  -13.340 -13.726 1.00 75.00  ? 58   LYS A C   1 
ATOM   439  O O   . LYS A 1 60  ? -1.079  -14.380 -14.092 1.00 75.01  ? 58   LYS A O   1 
ATOM   440  C CB  . LYS A 1 60  ? -0.179  -11.430 -15.351 1.00 74.61  ? 58   LYS A CB  1 
ATOM   441  C CG  . LYS A 1 60  ? -0.005  -12.381 -16.481 1.00 75.10  ? 58   LYS A CG  1 
ATOM   442  C CD  . LYS A 1 60  ? 1.379   -12.240 -17.014 1.00 78.41  ? 58   LYS A CD  1 
ATOM   443  C CE  . LYS A 1 60  ? 1.421   -11.283 -18.182 1.00 79.28  ? 58   LYS A CE  1 
ATOM   444  N NZ  . LYS A 1 60  ? 1.618   -12.117 -19.381 1.00 82.68  ? 58   LYS A NZ  1 
ATOM   445  N N   . VAL A 1 61  ? 0.436   -13.311 -12.817 1.00 74.80  ? 59   VAL A N   1 
ATOM   446  C CA  . VAL A 1 61  ? 1.157   -14.536 -12.387 1.00 74.01  ? 59   VAL A CA  1 
ATOM   447  C C   . VAL A 1 61  ? 0.540   -14.989 -11.085 1.00 74.78  ? 59   VAL A C   1 
ATOM   448  O O   . VAL A 1 61  ? 1.122   -15.798 -10.322 1.00 75.42  ? 59   VAL A O   1 
ATOM   449  C CB  . VAL A 1 61  ? 2.656   -14.259 -12.122 1.00 73.62  ? 59   VAL A CB  1 
ATOM   450  C CG1 . VAL A 1 61  ? 3.277   -13.432 -13.257 1.00 72.41  ? 59   VAL A CG1 1 
ATOM   451  C CG2 . VAL A 1 61  ? 2.839   -13.542 -10.774 1.00 73.25  ? 59   VAL A CG2 1 
ATOM   452  N N   . ASP A 1 62  ? -0.623  -14.414 -10.799 1.00 75.06  ? 60   ASP A N   1 
ATOM   453  C CA  . ASP A 1 62  ? -1.351  -14.677 -9.573  1.00 75.72  ? 60   ASP A CA  1 
ATOM   454  C C   . ASP A 1 62  ? -0.535  -14.655 -8.278  1.00 75.53  ? 60   ASP A C   1 
ATOM   455  O O   . ASP A 1 62  ? -0.825  -15.388 -7.341  1.00 76.63  ? 60   ASP A O   1 
ATOM   456  C CB  . ASP A 1 62  ? -2.193  -15.942 -9.698  1.00 76.33  ? 60   ASP A CB  1 
ATOM   457  C CG  . ASP A 1 62  ? -3.634  -15.675 -9.287  1.00 81.66  ? 60   ASP A CG  1 
ATOM   458  O OD1 . ASP A 1 62  ? -4.445  -15.165 -10.149 1.00 86.84  ? 60   ASP A OD1 1 
ATOM   459  O OD2 . ASP A 1 62  ? -3.931  -15.895 -8.075  1.00 85.65  ? 60   ASP A OD2 1 
ATOM   460  N N   . HIS A 1 63  ? 0.466   -13.780 -8.202  1.00 75.27  ? 61   HIS A N   1 
ATOM   461  C CA  . HIS A 1 63  ? 1.255   -13.678 -6.993  1.00 74.72  ? 61   HIS A CA  1 
ATOM   462  C C   . HIS A 1 63  ? 1.324   -12.207 -6.560  1.00 73.96  ? 61   HIS A C   1 
ATOM   463  O O   . HIS A 1 63  ? 1.791   -11.392 -7.352  1.00 73.71  ? 61   HIS A O   1 
ATOM   464  C CB  . HIS A 1 63  ? 2.642   -14.261 -7.260  1.00 75.67  ? 61   HIS A CB  1 
ATOM   465  C CG  . HIS A 1 63  ? 3.408   -14.557 -6.012  1.00 76.96  ? 61   HIS A CG  1 
ATOM   466  N ND1 . HIS A 1 63  ? 3.211   -15.711 -5.281  1.00 78.49  ? 61   HIS A ND1 1 
ATOM   467  C CD2 . HIS A 1 63  ? 4.329   -13.828 -5.337  1.00 76.22  ? 61   HIS A CD2 1 
ATOM   468  C CE1 . HIS A 1 63  ? 3.982   -15.678 -4.206  1.00 78.85  ? 61   HIS A CE1 1 
ATOM   469  N NE2 . HIS A 1 63  ? 4.672   -14.549 -4.218  1.00 77.52  ? 61   HIS A NE2 1 
ATOM   470  N N   . HIS A 1 64  ? 0.871   -11.867 -5.338  1.00 72.61  ? 62   HIS A N   1 
ATOM   471  C CA  . HIS A 1 64  ? 0.727   -10.445 -4.930  1.00 72.13  ? 62   HIS A CA  1 
ATOM   472  C C   . HIS A 1 64  ? 1.654   -9.944  -3.806  1.00 71.37  ? 62   HIS A C   1 
ATOM   473  O O   . HIS A 1 64  ? 2.020   -10.698 -2.927  1.00 71.95  ? 62   HIS A O   1 
ATOM   474  C CB  . HIS A 1 64  ? -0.721  -10.099 -4.582  1.00 72.39  ? 62   HIS A CB  1 
ATOM   475  C CG  . HIS A 1 64  ? -1.685  -10.476 -5.649  1.00 74.36  ? 62   HIS A CG  1 
ATOM   476  N ND1 . HIS A 1 64  ? -2.111  -11.768 -5.833  1.00 76.73  ? 62   HIS A ND1 1 
ATOM   477  C CD2 . HIS A 1 64  ? -2.257  -9.750  -6.638  1.00 77.80  ? 62   HIS A CD2 1 
ATOM   478  C CE1 . HIS A 1 64  ? -2.908  -11.832 -6.888  1.00 78.74  ? 62   HIS A CE1 1 
ATOM   479  N NE2 . HIS A 1 64  ? -3.021  -10.619 -7.393  1.00 79.94  ? 62   HIS A NE2 1 
ATOM   480  N N   . PRO A 1 65  ? 2.061   -8.664  -3.851  1.00 70.53  ? 63   PRO A N   1 
ATOM   481  C CA  . PRO A 1 65  ? 2.893   -8.161  -2.786  1.00 70.02  ? 63   PRO A CA  1 
ATOM   482  C C   . PRO A 1 65  ? 2.109   -7.725  -1.579  1.00 70.81  ? 63   PRO A C   1 
ATOM   483  O O   . PRO A 1 65  ? 0.882   -7.614  -1.642  1.00 71.87  ? 63   PRO A O   1 
ATOM   484  C CB  . PRO A 1 65  ? 3.530   -6.934  -3.402  1.00 69.46  ? 63   PRO A CB  1 
ATOM   485  C CG  . PRO A 1 65  ? 2.541   -6.448  -4.369  1.00 69.50  ? 63   PRO A CG  1 
ATOM   486  C CD  . PRO A 1 65  ? 1.855   -7.650  -4.906  1.00 70.81  ? 63   PRO A CD  1 
ATOM   487  N N   . ASN A 1 66  ? 2.826   -7.505  -0.481  1.00 71.09  ? 64   ASN A N   1 
ATOM   488  C CA  . ASN A 1 66  ? 2.318   -6.800  0.667   1.00 71.10  ? 64   ASN A CA  1 
ATOM   489  C C   . ASN A 1 66  ? 3.066   -5.508  0.620   1.00 71.43  ? 64   ASN A C   1 
ATOM   490  O O   . ASN A 1 66  ? 4.282   -5.482  0.918   1.00 71.98  ? 64   ASN A O   1 
ATOM   491  C CB  . ASN A 1 66  ? 2.827   -7.441  1.948   1.00 71.18  ? 64   ASN A CB  1 
ATOM   492  C CG  . ASN A 1 66  ? 2.280   -8.780  2.196   1.00 71.36  ? 64   ASN A CG  1 
ATOM   493  O OD1 . ASN A 1 66  ? 1.864   -9.480  1.286   1.00 72.71  ? 64   ASN A OD1 1 
ATOM   494  N ND2 . ASN A 1 66  ? 2.295   -9.173  3.457   1.00 71.02  ? 64   ASN A ND2 1 
ATOM   495  N N   . TRP A 1 67  ? 2.408   -4.428  0.259   1.00 70.87  ? 65   TRP A N   1 
ATOM   496  C CA  . TRP A 1 67  ? 3.190   -3.223  0.136   1.00 71.14  ? 65   TRP A CA  1 
ATOM   497  C C   . TRP A 1 67  ? 2.447   -2.135  0.755   1.00 71.66  ? 65   TRP A C   1 
ATOM   498  O O   . TRP A 1 67  ? 1.235   -2.210  0.855   1.00 72.23  ? 65   TRP A O   1 
ATOM   499  C CB  . TRP A 1 67  ? 3.564   -2.855  -1.318  1.00 70.58  ? 65   TRP A CB  1 
ATOM   500  C CG  . TRP A 1 67  ? 2.446   -3.030  -2.348  1.00 71.46  ? 65   TRP A CG  1 
ATOM   501  C CD1 . TRP A 1 67  ? 1.108   -3.362  -2.113  1.00 69.76  ? 65   TRP A CD1 1 
ATOM   502  C CD2 . TRP A 1 67  ? 2.562   -2.869  -3.786  1.00 70.75  ? 65   TRP A CD2 1 
ATOM   503  N NE1 . TRP A 1 67  ? 0.426   -3.425  -3.310  1.00 67.71  ? 65   TRP A NE1 1 
ATOM   504  C CE2 . TRP A 1 67  ? 1.280   -3.116  -4.343  1.00 68.58  ? 65   TRP A CE2 1 
ATOM   505  C CE3 . TRP A 1 67  ? 3.629   -2.555  -4.656  1.00 69.03  ? 65   TRP A CE3 1 
ATOM   506  C CZ2 . TRP A 1 67  ? 1.045   -3.053  -5.726  1.00 69.87  ? 65   TRP A CZ2 1 
ATOM   507  C CZ3 . TRP A 1 67  ? 3.385   -2.481  -6.039  1.00 68.96  ? 65   TRP A CZ3 1 
ATOM   508  C CH2 . TRP A 1 67  ? 2.109   -2.724  -6.557  1.00 70.50  ? 65   TRP A CH2 1 
ATOM   509  N N   . TYR A 1 68  ? 3.194   -1.105  1.122   1.00 72.71  ? 66   TYR A N   1 
ATOM   510  C CA  . TYR A 1 68  ? 2.733   -0.018  1.928   1.00 73.34  ? 66   TYR A CA  1 
ATOM   511  C C   . TYR A 1 68  ? 3.306   1.225   1.273   1.00 72.48  ? 66   TYR A C   1 
ATOM   512  O O   . TYR A 1 68  ? 4.531   1.541   1.400   1.00 72.45  ? 66   TYR A O   1 
ATOM   513  C CB  . TYR A 1 68  ? 3.237   -0.201  3.370   1.00 75.71  ? 66   TYR A CB  1 
ATOM   514  C CG  . TYR A 1 68  ? 2.996   1.000   4.271   1.00 79.54  ? 66   TYR A CG  1 
ATOM   515  C CD1 . TYR A 1 68  ? 1.721   1.258   4.800   1.00 81.41  ? 66   TYR A CD1 1 
ATOM   516  C CD2 . TYR A 1 68  ? 4.054   1.888   4.586   1.00 83.07  ? 66   TYR A CD2 1 
ATOM   517  C CE1 . TYR A 1 68  ? 1.497   2.363   5.604   1.00 82.88  ? 66   TYR A CE1 1 
ATOM   518  C CE2 . TYR A 1 68  ? 3.849   2.988   5.413   1.00 83.86  ? 66   TYR A CE2 1 
ATOM   519  C CZ  . TYR A 1 68  ? 2.564   3.221   5.917   1.00 82.57  ? 66   TYR A CZ  1 
ATOM   520  O OH  . TYR A 1 68  ? 2.341   4.328   6.722   1.00 81.64  ? 66   TYR A OH  1 
ATOM   521  N N   . ASN A 1 69  ? 2.410   1.903   0.544   1.00 71.05  ? 67   ASN A N   1 
ATOM   522  C CA  . ASN A 1 69  ? 2.727   3.166   -0.114  1.00 70.49  ? 67   ASN A CA  1 
ATOM   523  C C   . ASN A 1 69  ? 2.329   4.421   0.720   1.00 70.98  ? 67   ASN A C   1 
ATOM   524  O O   . ASN A 1 69  ? 1.198   4.508   1.237   1.00 71.40  ? 67   ASN A O   1 
ATOM   525  C CB  . ASN A 1 69  ? 2.168   3.202   -1.541  1.00 68.79  ? 67   ASN A CB  1 
ATOM   526  C CG  . ASN A 1 69  ? 2.120   4.601   -2.120  1.00 69.34  ? 67   ASN A CG  1 
ATOM   527  O OD1 . ASN A 1 69  ? 1.042   5.101   -2.463  1.00 68.58  ? 67   ASN A OD1 1 
ATOM   528  N ND2 . ASN A 1 69  ? 3.285   5.266   -2.210  1.00 69.83  ? 67   ASN A ND2 1 
ATOM   529  N N   . VAL A 1 70  ? 3.280   5.359   0.860   1.00 70.93  ? 68   VAL A N   1 
ATOM   530  C CA  . VAL A 1 70  ? 3.009   6.713   1.330   1.00 71.01  ? 68   VAL A CA  1 
ATOM   531  C C   . VAL A 1 70  ? 3.748   7.605   0.365   1.00 71.07  ? 68   VAL A C   1 
ATOM   532  O O   . VAL A 1 70  ? 4.955   7.455   0.180   1.00 71.42  ? 68   VAL A O   1 
ATOM   533  C CB  . VAL A 1 70  ? 3.572   6.994   2.748   1.00 71.18  ? 68   VAL A CB  1 
ATOM   534  C CG1 . VAL A 1 70  ? 3.148   8.323   3.201   1.00 71.48  ? 68   VAL A CG1 1 
ATOM   535  C CG2 . VAL A 1 70  ? 3.097   5.980   3.765   1.00 72.25  ? 68   VAL A CG2 1 
ATOM   536  N N   . TYR A 1 71  ? 3.024   8.535   -0.245  1.00 71.32  ? 69   TYR A N   1 
ATOM   537  C CA  . TYR A 1 71  ? 3.613   9.467   -1.193  1.00 71.93  ? 69   TYR A CA  1 
ATOM   538  C C   . TYR A 1 71  ? 4.584   8.777   -2.159  1.00 72.02  ? 69   TYR A C   1 
ATOM   539  O O   . TYR A 1 71  ? 4.146   7.994   -3.022  1.00 72.41  ? 69   TYR A O   1 
ATOM   540  C CB  . TYR A 1 71  ? 4.255   10.706  -0.509  1.00 73.04  ? 69   TYR A CB  1 
ATOM   541  C CG  . TYR A 1 71  ? 4.540   11.818  -1.525  1.00 73.77  ? 69   TYR A CG  1 
ATOM   542  C CD1 . TYR A 1 71  ? 3.502   12.403  -2.271  1.00 72.77  ? 69   TYR A CD1 1 
ATOM   543  C CD2 . TYR A 1 71  ? 5.837   12.253  -1.753  1.00 75.15  ? 69   TYR A CD2 1 
ATOM   544  C CE1 . TYR A 1 71  ? 3.744   13.383  -3.224  1.00 74.73  ? 69   TYR A CE1 1 
ATOM   545  C CE2 . TYR A 1 71  ? 6.109   13.241  -2.718  1.00 77.20  ? 69   TYR A CE2 1 
ATOM   546  C CZ  . TYR A 1 71  ? 5.060   13.800  -3.454  1.00 76.38  ? 69   TYR A CZ  1 
ATOM   547  O OH  . TYR A 1 71  ? 5.360   14.758  -4.406  1.00 75.01  ? 69   TYR A OH  1 
ATOM   548  N N   . ASN A 1 72  ? 5.887   9.020   -1.997  1.00 71.33  ? 70   ASN A N   1 
ATOM   549  C CA  . ASN A 1 72  ? 6.869   8.573   -2.995  1.00 71.14  ? 70   ASN A CA  1 
ATOM   550  C C   . ASN A 1 72  ? 7.551   7.274   -2.561  1.00 70.90  ? 70   ASN A C   1 
ATOM   551  O O   . ASN A 1 72  ? 8.344   6.672   -3.319  1.00 71.12  ? 70   ASN A O   1 
ATOM   552  C CB  . ASN A 1 72  ? 7.953   9.618   -3.166  1.00 71.24  ? 70   ASN A CB  1 
ATOM   553  C CG  . ASN A 1 72  ? 8.716   9.778   -1.925  1.00 71.85  ? 70   ASN A CG  1 
ATOM   554  O OD1 . ASN A 1 72  ? 8.131   10.104  -0.925  1.00 75.82  ? 70   ASN A OD1 1 
ATOM   555  N ND2 . ASN A 1 72  ? 9.980   9.435   -1.928  1.00 73.30  ? 70   ASN A ND2 1 
ATOM   556  N N   . THR A 1 73  ? 7.266   6.865   -1.329  1.00 70.10  ? 71   THR A N   1 
ATOM   557  C CA  . THR A 1 73  ? 7.735   5.599   -0.776  1.00 69.86  ? 71   THR A CA  1 
ATOM   558  C C   . THR A 1 73  ? 6.831   4.406   -1.110  1.00 69.23  ? 71   THR A C   1 
ATOM   559  O O   . THR A 1 73  ? 5.616   4.521   -1.028  1.00 69.66  ? 71   THR A O   1 
ATOM   560  C CB  . THR A 1 73  ? 7.791   5.770   0.755   1.00 69.86  ? 71   THR A CB  1 
ATOM   561  O OG1 . THR A 1 73  ? 9.157   5.812   1.129   1.00 71.16  ? 71   THR A OG1 1 
ATOM   562  C CG2 . THR A 1 73  ? 7.052   4.605   1.552   1.00 71.40  ? 71   THR A CG2 1 
ATOM   563  N N   . VAL A 1 74  ? 7.403   3.265   -1.455  1.00 68.53  ? 72   VAL A N   1 
ATOM   564  C CA  . VAL A 1 74  ? 6.626   2.019   -1.540  1.00 68.16  ? 72   VAL A CA  1 
ATOM   565  C C   . VAL A 1 74  ? 7.440   0.935   -0.845  1.00 69.18  ? 72   VAL A C   1 
ATOM   566  O O   . VAL A 1 74  ? 8.538   0.606   -1.308  1.00 69.40  ? 72   VAL A O   1 
ATOM   567  C CB  . VAL A 1 74  ? 6.442   1.532   -2.994  1.00 67.92  ? 72   VAL A CB  1 
ATOM   568  C CG1 . VAL A 1 74  ? 5.477   0.398   -3.058  1.00 65.81  ? 72   VAL A CG1 1 
ATOM   569  C CG2 . VAL A 1 74  ? 6.033   2.676   -3.959  1.00 67.18  ? 72   VAL A CG2 1 
ATOM   570  N N   . ASP A 1 75  ? 6.897   0.376   0.240   1.00 69.69  ? 73   ASP A N   1 
ATOM   571  C CA  . ASP A 1 75  ? 7.604   -0.542  1.147   1.00 70.04  ? 73   ASP A CA  1 
ATOM   572  C C   . ASP A 1 75  ? 7.086   -1.963  0.992   1.00 69.94  ? 73   ASP A C   1 
ATOM   573  O O   . ASP A 1 75  ? 5.980   -2.256  1.355   1.00 70.09  ? 73   ASP A O   1 
ATOM   574  C CB  . ASP A 1 75  ? 7.289   -0.114  2.561   1.00 71.07  ? 73   ASP A CB  1 
ATOM   575  C CG  . ASP A 1 75  ? 8.399   -0.410  3.522   1.00 73.65  ? 73   ASP A CG  1 
ATOM   576  O OD1 . ASP A 1 75  ? 9.501   0.123   3.333   1.00 79.17  ? 73   ASP A OD1 1 
ATOM   577  O OD2 . ASP A 1 75  ? 8.172   -1.144  4.493   1.00 76.79  ? 73   ASP A OD2 1 
ATOM   578  N N   . VAL A 1 76  ? 7.875   -2.872  0.463   1.00 70.57  ? 74   VAL A N   1 
ATOM   579  C CA  . VAL A 1 76  ? 7.362   -4.171  0.083   1.00 70.36  ? 74   VAL A CA  1 
ATOM   580  C C   . VAL A 1 76  ? 7.992   -5.213  0.969   1.00 71.93  ? 74   VAL A C   1 
ATOM   581  O O   . VAL A 1 76  ? 9.174   -5.118  1.335   1.00 71.91  ? 74   VAL A O   1 
ATOM   582  C CB  . VAL A 1 76  ? 7.771   -4.530  -1.322  1.00 69.57  ? 74   VAL A CB  1 
ATOM   583  C CG1 . VAL A 1 76  ? 7.057   -5.814  -1.790  1.00 68.43  ? 74   VAL A CG1 1 
ATOM   584  C CG2 . VAL A 1 76  ? 7.545   -3.374  -2.239  1.00 68.10  ? 74   VAL A CG2 1 
ATOM   585  N N   . GLU A 1 77  ? 7.162   -6.197  1.311   1.00 73.40  ? 75   GLU A N   1 
ATOM   586  C CA  . GLU A 1 77  ? 7.569   -7.452  1.907   1.00 75.26  ? 75   GLU A CA  1 
ATOM   587  C C   . GLU A 1 77  ? 6.849   -8.649  1.151   1.00 75.79  ? 75   GLU A C   1 
ATOM   588  O O   . GLU A 1 77  ? 5.621   -8.659  0.913   1.00 75.75  ? 75   GLU A O   1 
ATOM   589  C CB  . GLU A 1 77  ? 7.374   -7.373  3.429   1.00 74.60  ? 75   GLU A CB  1 
ATOM   590  C CG  . GLU A 1 77  ? 6.807   -8.616  4.147   1.00 77.94  ? 75   GLU A CG  1 
ATOM   591  C CD  . GLU A 1 77  ? 7.416   -8.837  5.550   1.00 78.94  ? 75   GLU A CD  1 
ATOM   592  O OE1 . GLU A 1 77  ? 7.489   -7.892  6.400   1.00 84.42  ? 75   GLU A OE1 1 
ATOM   593  O OE2 . GLU A 1 77  ? 7.854   -9.981  5.789   1.00 79.65  ? 75   GLU A OE2 1 
ATOM   594  N N   . LEU A 1 78  ? 7.650   -9.620  0.717   1.00 76.65  ? 76   LEU A N   1 
ATOM   595  C CA  . LEU A 1 78  ? 7.175   -10.660 -0.161  1.00 77.50  ? 76   LEU A CA  1 
ATOM   596  C C   . LEU A 1 78  ? 7.394   -12.024 0.451   1.00 78.61  ? 76   LEU A C   1 
ATOM   597  O O   . LEU A 1 78  ? 8.488   -12.280 1.005   1.00 78.49  ? 76   LEU A O   1 
ATOM   598  C CB  . LEU A 1 78  ? 7.945   -10.575 -1.460  1.00 77.60  ? 76   LEU A CB  1 
ATOM   599  C CG  . LEU A 1 78  ? 7.386   -9.411  -2.231  1.00 78.35  ? 76   LEU A CG  1 
ATOM   600  C CD1 . LEU A 1 78  ? 8.142   -9.240  -3.481  1.00 79.63  ? 76   LEU A CD1 1 
ATOM   601  C CD2 . LEU A 1 78  ? 5.990   -9.813  -2.536  1.00 81.04  ? 76   LEU A CD2 1 
ATOM   602  N N   . SER A 1 79  ? 6.350   -12.872 0.357   1.00 79.65  ? 77   SER A N   1 
ATOM   603  C CA  . SER A 1 79  ? 6.409   -14.322 0.655   1.00 80.99  ? 77   SER A CA  1 
ATOM   604  C C   . SER A 1 79  ? 5.169   -15.096 0.200   1.00 82.95  ? 77   SER A C   1 
ATOM   605  O O   . SER A 1 79  ? 4.089   -14.540 0.152   1.00 83.33  ? 77   SER A O   1 
ATOM   606  C CB  . SER A 1 79  ? 6.670   -14.577 2.122   1.00 80.16  ? 77   SER A CB  1 
ATOM   607  O OG  . SER A 1 79  ? 5.870   -13.713 2.839   1.00 79.33  ? 77   SER A OG  1 
ATOM   608  N N   . THR A 1 80  ? 5.334   -16.378 -0.141  1.00 85.71  ? 78   THR A N   1 
ATOM   609  C CA  . THR A 1 80  ? 4.228   -17.206 -0.623  1.00 88.04  ? 78   THR A CA  1 
ATOM   610  C C   . THR A 1 80  ? 3.357   -17.554 0.557   1.00 90.42  ? 78   THR A C   1 
ATOM   611  O O   . THR A 1 80  ? 3.781   -18.286 1.454   1.00 90.39  ? 78   THR A O   1 
ATOM   612  C CB  . THR A 1 80  ? 4.740   -18.482 -1.259  1.00 87.60  ? 78   THR A CB  1 
ATOM   613  O OG1 . THR A 1 80  ? 6.058   -18.253 -1.763  1.00 86.25  ? 78   THR A OG1 1 
ATOM   614  C CG2 . THR A 1 80  ? 3.829   -18.903 -2.384  1.00 87.58  ? 78   THR A CG2 1 
ATOM   615  N N   . HIS A 1 81  ? 2.150   -16.980 0.577   1.00 93.88  ? 79   HIS A N   1 
ATOM   616  C CA  . HIS A 1 81  ? 1.221   -17.140 1.719   1.00 97.21  ? 79   HIS A CA  1 
ATOM   617  C C   . HIS A 1 81  ? 0.903   -18.655 1.942   1.00 97.33  ? 79   HIS A C   1 
ATOM   618  O O   . HIS A 1 81  ? 1.099   -19.205 3.065   1.00 96.81  ? 79   HIS A O   1 
ATOM   619  C CB  . HIS A 1 81  ? -0.051  -16.239 1.522   1.00 98.50  ? 79   HIS A CB  1 
ATOM   620  C CG  . HIS A 1 81  ? -1.275  -16.704 2.290   1.00 104.47 ? 79   HIS A CG  1 
ATOM   621  N ND1 . HIS A 1 81  ? -2.409  -17.217 1.668   1.00 108.00 ? 79   HIS A ND1 1 
ATOM   622  C CD2 . HIS A 1 81  ? -1.532  -16.749 3.627   1.00 107.53 ? 79   HIS A CD2 1 
ATOM   623  C CE1 . HIS A 1 81  ? -3.301  -17.558 2.586   1.00 108.72 ? 79   HIS A CE1 1 
ATOM   624  N NE2 . HIS A 1 81  ? -2.795  -17.282 3.781   1.00 109.80 ? 79   HIS A NE2 1 
ATOM   625  N N   . ASP A 1 82  ? 0.483   -19.280 0.821   1.00 97.82  ? 80   ASP A N   1 
ATOM   626  C CA  . ASP A 1 82  ? 0.005   -20.644 0.712   1.00 98.41  ? 80   ASP A CA  1 
ATOM   627  C C   . ASP A 1 82  ? 1.129   -21.606 1.009   1.00 97.49  ? 80   ASP A C   1 
ATOM   628  O O   . ASP A 1 82  ? 0.878   -22.774 1.189   1.00 98.60  ? 80   ASP A O   1 
ATOM   629  C CB  . ASP A 1 82  ? -0.594  -20.908 -0.698  1.00 99.13  ? 80   ASP A CB  1 
ATOM   630  C CG  . ASP A 1 82  ? -1.866  -19.987 -1.035  1.00 104.36 ? 80   ASP A CG  1 
ATOM   631  O OD1 . ASP A 1 82  ? -2.346  -19.193 -0.171  1.00 108.20 ? 80   ASP A OD1 1 
ATOM   632  O OD2 . ASP A 1 82  ? -2.408  -20.025 -2.191  1.00 108.97 ? 80   ASP A OD2 1 
ATOM   633  N N   . ALA A 1 83  ? 2.372   -21.151 1.073   1.00 95.96  ? 81   ALA A N   1 
ATOM   634  C CA  . ALA A 1 83  ? 3.407   -22.068 1.521   1.00 94.00  ? 81   ALA A CA  1 
ATOM   635  C C   . ALA A 1 83  ? 4.131   -21.563 2.742   1.00 92.77  ? 81   ALA A C   1 
ATOM   636  O O   . ALA A 1 83  ? 5.151   -22.113 3.106   1.00 92.65  ? 81   ALA A O   1 
ATOM   637  C CB  . ALA A 1 83  ? 4.354   -22.478 0.393   1.00 93.93  ? 81   ALA A CB  1 
ATOM   638  N N   . ALA A 1 84  ? 3.569   -20.549 3.400   1.00 91.41  ? 82   ALA A N   1 
ATOM   639  C CA  . ALA A 1 84  ? 4.154   -19.978 4.641   1.00 90.18  ? 82   ALA A CA  1 
ATOM   640  C C   . ALA A 1 84  ? 5.709   -19.809 4.673   1.00 89.19  ? 82   ALA A C   1 
ATOM   641  O O   . ALA A 1 84  ? 6.396   -20.311 5.571   1.00 88.65  ? 82   ALA A O   1 
ATOM   642  C CB  . ALA A 1 84  ? 3.627   -20.725 5.892   1.00 89.97  ? 82   ALA A CB  1 
ATOM   643  N N   . GLY A 1 85  ? 6.220   -19.061 3.690   1.00 88.39  ? 83   GLY A N   1 
ATOM   644  C CA  . GLY A 1 85  ? 7.656   -18.756 3.522   1.00 87.49  ? 83   GLY A CA  1 
ATOM   645  C C   . GLY A 1 85  ? 8.028   -18.343 2.081   1.00 86.66  ? 83   GLY A C   1 
ATOM   646  O O   . GLY A 1 85  ? 7.133   -18.051 1.253   1.00 86.30  ? 83   GLY A O   1 
ATOM   647  N N   . LEU A 1 86  ? 9.330   -18.316 1.766   1.00 85.46  ? 84   LEU A N   1 
ATOM   648  C CA  . LEU A 1 86  ? 9.745   -17.987 0.393   1.00 84.46  ? 84   LEU A CA  1 
ATOM   649  C C   . LEU A 1 86  ? 9.555   -19.139 -0.600  1.00 84.17  ? 84   LEU A C   1 
ATOM   650  O O   . LEU A 1 86  ? 9.715   -20.277 -0.226  1.00 84.06  ? 84   LEU A O   1 
ATOM   651  C CB  . LEU A 1 86  ? 11.185  -17.487 0.369   1.00 83.94  ? 84   LEU A CB  1 
ATOM   652  C CG  . LEU A 1 86  ? 11.280  -16.111 1.020   1.00 83.25  ? 84   LEU A CG  1 
ATOM   653  C CD1 . LEU A 1 86  ? 12.686  -15.736 1.470   1.00 81.15  ? 84   LEU A CD1 1 
ATOM   654  C CD2 . LEU A 1 86  ? 10.688  -15.059 0.086   1.00 82.03  ? 84   LEU A CD2 1 
ATOM   655  N N   . THR A 1 87  ? 9.136   -18.816 -1.827  1.00 84.29  ? 85   THR A N   1 
ATOM   656  C CA  . THR A 1 87  ? 9.198   -19.701 -3.007  1.00 84.65  ? 85   THR A CA  1 
ATOM   657  C C   . THR A 1 87  ? 9.752   -18.966 -4.208  1.00 84.77  ? 85   THR A C   1 
ATOM   658  O O   . THR A 1 87  ? 10.052  -17.794 -4.138  1.00 84.44  ? 85   THR A O   1 
ATOM   659  C CB  . THR A 1 87  ? 7.836   -20.365 -3.477  1.00 85.02  ? 85   THR A CB  1 
ATOM   660  O OG1 . THR A 1 87  ? 6.857   -19.375 -3.842  1.00 85.64  ? 85   THR A OG1 1 
ATOM   661  C CG2 . THR A 1 87  ? 7.279   -21.370 -2.453  1.00 85.35  ? 85   THR A CG2 1 
ATOM   662  N N   . GLU A 1 88  ? 9.891   -19.685 -5.308  1.00 85.75  ? 86   GLU A N   1 
ATOM   663  C CA  . GLU A 1 88  ? 10.406  -19.148 -6.559  1.00 87.39  ? 86   GLU A CA  1 
ATOM   664  C C   . GLU A 1 88  ? 9.708   -17.844 -6.916  1.00 86.97  ? 86   GLU A C   1 
ATOM   665  O O   . GLU A 1 88  ? 10.370  -16.829 -7.164  1.00 87.18  ? 86   GLU A O   1 
ATOM   666  C CB  . GLU A 1 88  ? 10.117  -20.138 -7.685  1.00 88.54  ? 86   GLU A CB  1 
ATOM   667  C CG  . GLU A 1 88  ? 10.308  -21.593 -7.308  1.00 94.62  ? 86   GLU A CG  1 
ATOM   668  C CD  . GLU A 1 88  ? 11.572  -22.127 -7.956  1.00 103.02 ? 86   GLU A CD  1 
ATOM   669  O OE1 . GLU A 1 88  ? 11.662  -21.901 -9.204  1.00 105.79 ? 86   GLU A OE1 1 
ATOM   670  O OE2 . GLU A 1 88  ? 12.453  -22.733 -7.241  1.00 104.32 ? 86   GLU A OE2 1 
ATOM   671  N N   . LYS A 1 89  ? 8.367   -17.920 -6.973  1.00 86.03  ? 87   LYS A N   1 
ATOM   672  C CA  . LYS A 1 89  ? 7.439   -16.814 -7.175  1.00 84.94  ? 87   LYS A CA  1 
ATOM   673  C C   . LYS A 1 89  ? 7.881   -15.471 -6.505  1.00 84.22  ? 87   LYS A C   1 
ATOM   674  O O   . LYS A 1 89  ? 7.956   -14.410 -7.142  1.00 84.73  ? 87   LYS A O   1 
ATOM   675  C CB  . LYS A 1 89  ? 6.050   -17.252 -6.670  1.00 84.94  ? 87   LYS A CB  1 
ATOM   676  C CG  . LYS A 1 89  ? 5.525   -18.558 -7.279  1.00 86.24  ? 87   LYS A CG  1 
ATOM   677  C CD  . LYS A 1 89  ? 4.553   -18.335 -8.453  1.00 86.90  ? 87   LYS A CD  1 
ATOM   678  C CE  . LYS A 1 89  ? 3.399   -19.325 -8.351  1.00 87.64  ? 87   LYS A CE  1 
ATOM   679  N NZ  . LYS A 1 89  ? 2.231   -18.832 -9.132  1.00 89.65  ? 87   LYS A NZ  1 
ATOM   680  N N   . ASP A 1 90  ? 8.198   -15.497 -5.229  1.00 82.77  ? 88   ASP A N   1 
ATOM   681  C CA  . ASP A 1 90  ? 8.677   -14.290 -4.606  1.00 82.01  ? 88   ASP A CA  1 
ATOM   682  C C   . ASP A 1 90  ? 9.867   -13.677 -5.315  1.00 80.85  ? 88   ASP A C   1 
ATOM   683  O O   . ASP A 1 90  ? 9.947   -12.463 -5.467  1.00 80.87  ? 88   ASP A O   1 
ATOM   684  C CB  . ASP A 1 90  ? 8.907   -14.540 -3.131  1.00 82.88  ? 88   ASP A CB  1 
ATOM   685  C CG  . ASP A 1 90  ? 7.612   -14.940 -2.440  1.00 85.27  ? 88   ASP A CG  1 
ATOM   686  O OD1 . ASP A 1 90  ? 6.749   -14.049 -2.246  1.00 89.06  ? 88   ASP A OD1 1 
ATOM   687  O OD2 . ASP A 1 90  ? 7.412   -16.146 -2.154  1.00 87.41  ? 88   ASP A OD2 1 
ATOM   688  N N   . PHE A 1 91  ? 10.772  -14.497 -5.815  1.00 79.71  ? 89   PHE A N   1 
ATOM   689  C CA  . PHE A 1 91  ? 11.929  -13.912 -6.530  1.00 78.75  ? 89   PHE A CA  1 
ATOM   690  C C   . PHE A 1 91  ? 11.631  -13.360 -7.929  1.00 77.26  ? 89   PHE A C   1 
ATOM   691  O O   . PHE A 1 91  ? 12.070  -12.269 -8.250  1.00 77.29  ? 89   PHE A O   1 
ATOM   692  C CB  . PHE A 1 91  ? 13.182  -14.811 -6.444  1.00 78.86  ? 89   PHE A CB  1 
ATOM   693  C CG  . PHE A 1 91  ? 13.661  -15.038 -5.004  1.00 79.18  ? 89   PHE A CG  1 
ATOM   694  C CD1 . PHE A 1 91  ? 13.123  -16.076 -4.225  1.00 78.48  ? 89   PHE A CD1 1 
ATOM   695  C CD2 . PHE A 1 91  ? 14.613  -14.178 -4.421  1.00 77.92  ? 89   PHE A CD2 1 
ATOM   696  C CE1 . PHE A 1 91  ? 13.544  -16.260 -2.912  1.00 77.43  ? 89   PHE A CE1 1 
ATOM   697  C CE2 . PHE A 1 91  ? 15.050  -14.358 -3.097  1.00 75.75  ? 89   PHE A CE2 1 
ATOM   698  C CZ  . PHE A 1 91  ? 14.520  -15.391 -2.351  1.00 76.63  ? 89   PHE A CZ  1 
ATOM   699  N N   . ALA A 1 92  ? 10.844  -14.078 -8.722  1.00 75.73  ? 90   ALA A N   1 
ATOM   700  C CA  . ALA A 1 92  ? 10.316  -13.530 -10.005 1.00 74.79  ? 90   ALA A CA  1 
ATOM   701  C C   . ALA A 1 92  ? 9.624   -12.171 -9.845  1.00 74.48  ? 90   ALA A C   1 
ATOM   702  O O   . ALA A 1 92  ? 9.849   -11.285 -10.668 1.00 74.77  ? 90   ALA A O   1 
ATOM   703  C CB  . ALA A 1 92  ? 9.375   -14.495 -10.703 1.00 74.40  ? 90   ALA A CB  1 
ATOM   704  N N   . LEU A 1 93  ? 8.777   -12.022 -8.815  1.00 73.53  ? 91   LEU A N   1 
ATOM   705  C CA  . LEU A 1 93  ? 8.227   -10.733 -8.408  1.00 72.54  ? 91   LEU A CA  1 
ATOM   706  C C   . LEU A 1 93  ? 9.284   -9.662  -8.056  1.00 72.26  ? 91   LEU A C   1 
ATOM   707  O O   . LEU A 1 93  ? 9.304   -8.586  -8.666  1.00 72.24  ? 91   LEU A O   1 
ATOM   708  C CB  . LEU A 1 93  ? 7.324   -10.926 -7.197  1.00 72.58  ? 91   LEU A CB  1 
ATOM   709  C CG  . LEU A 1 93  ? 6.340   -9.795  -6.846  1.00 71.35  ? 91   LEU A CG  1 
ATOM   710  C CD1 . LEU A 1 93  ? 6.010   -8.988  -8.091  1.00 69.46  ? 91   LEU A CD1 1 
ATOM   711  C CD2 . LEU A 1 93  ? 5.041   -10.342 -6.219  1.00 68.94  ? 91   LEU A CD2 1 
ATOM   712  N N   . ALA A 1 94  ? 10.140  -9.945  -7.072  1.00 71.32  ? 92   ALA A N   1 
ATOM   713  C CA  . ALA A 1 94  ? 11.173  -9.006  -6.665  1.00 70.70  ? 92   ALA A CA  1 
ATOM   714  C C   . ALA A 1 94  ? 12.003  -8.525  -7.856  1.00 70.34  ? 92   ALA A C   1 
ATOM   715  O O   . ALA A 1 94  ? 12.450  -7.371  -7.919  1.00 68.99  ? 92   ALA A O   1 
ATOM   716  C CB  . ALA A 1 94  ? 12.056  -9.660  -5.647  1.00 71.03  ? 92   ALA A CB  1 
ATOM   717  N N   . LYS A 1 95  ? 12.207  -9.443  -8.794  1.00 70.58  ? 93   LYS A N   1 
ATOM   718  C CA  . LYS A 1 95  ? 13.066  -9.209  -9.918  1.00 71.42  ? 93   LYS A CA  1 
ATOM   719  C C   . LYS A 1 95  ? 12.318  -8.210  -10.774 1.00 71.49  ? 93   LYS A C   1 
ATOM   720  O O   . LYS A 1 95  ? 12.841  -7.146  -11.090 1.00 71.34  ? 93   LYS A O   1 
ATOM   721  C CB  . LYS A 1 95  ? 13.369  -10.548 -10.603 1.00 71.86  ? 93   LYS A CB  1 
ATOM   722  C CG  . LYS A 1 95  ? 14.240  -10.527 -11.851 1.00 72.98  ? 93   LYS A CG  1 
ATOM   723  C CD  . LYS A 1 95  ? 15.682  -10.062 -11.637 1.00 77.38  ? 93   LYS A CD  1 
ATOM   724  C CE  . LYS A 1 95  ? 16.465  -10.194 -12.980 1.00 78.39  ? 93   LYS A CE  1 
ATOM   725  N NZ  . LYS A 1 95  ? 15.875  -9.397  -14.131 1.00 80.73  ? 93   LYS A NZ  1 
ATOM   726  N N   . PHE A 1 96  ? 11.058  -8.506  -11.067 1.00 71.86  ? 94   PHE A N   1 
ATOM   727  C CA  . PHE A 1 96  ? 10.231  -7.586  -11.853 1.00 72.63  ? 94   PHE A CA  1 
ATOM   728  C C   . PHE A 1 96  ? 10.164  -6.158  -11.296 1.00 72.74  ? 94   PHE A C   1 
ATOM   729  O O   . PHE A 1 96  ? 10.376  -5.158  -11.995 1.00 72.70  ? 94   PHE A O   1 
ATOM   730  C CB  . PHE A 1 96  ? 8.829   -8.102  -11.990 1.00 72.50  ? 94   PHE A CB  1 
ATOM   731  C CG  . PHE A 1 96  ? 8.022   -7.281  -12.906 1.00 73.77  ? 94   PHE A CG  1 
ATOM   732  C CD1 . PHE A 1 96  ? 8.231   -7.354  -14.274 1.00 73.99  ? 94   PHE A CD1 1 
ATOM   733  C CD2 . PHE A 1 96  ? 7.087   -6.388  -12.413 1.00 75.70  ? 94   PHE A CD2 1 
ATOM   734  C CE1 . PHE A 1 96  ? 7.509   -6.578  -15.158 1.00 74.81  ? 94   PHE A CE1 1 
ATOM   735  C CE2 . PHE A 1 96  ? 6.330   -5.593  -13.292 1.00 78.40  ? 94   PHE A CE2 1 
ATOM   736  C CZ  . PHE A 1 96  ? 6.554   -5.695  -14.690 1.00 75.66  ? 94   PHE A CZ  1 
ATOM   737  N N   . MET A 1 97  ? 9.869   -6.085  -10.017 1.00 73.06  ? 95   MET A N   1 
ATOM   738  C CA  . MET A 1 97  ? 9.930   -4.843  -9.312  1.00 73.85  ? 95   MET A CA  1 
ATOM   739  C C   . MET A 1 97  ? 11.254  -4.149  -9.521  1.00 74.53  ? 95   MET A C   1 
ATOM   740  O O   . MET A 1 97  ? 11.271  -2.991  -9.878  1.00 75.52  ? 95   MET A O   1 
ATOM   741  C CB  . MET A 1 97  ? 9.634   -5.063  -7.852  1.00 73.02  ? 95   MET A CB  1 
ATOM   742  C CG  . MET A 1 97  ? 8.290   -5.713  -7.675  1.00 72.77  ? 95   MET A CG  1 
ATOM   743  S SD  . MET A 1 97  ? 7.643   -5.776  -5.985  1.00 76.15  ? 95   MET A SD  1 
ATOM   744  C CE  . MET A 1 97  ? 7.189   -4.077  -5.589  1.00 74.56  ? 95   MET A CE  1 
ATOM   745  N N   . ASP A 1 98  ? 12.364  -4.849  -9.336  1.00 75.46  ? 96   ASP A N   1 
ATOM   746  C CA  . ASP A 1 98  ? 13.678  -4.222  -9.472  1.00 75.98  ? 96   ASP A CA  1 
ATOM   747  C C   . ASP A 1 98  ? 13.863  -3.610  -10.858 1.00 76.43  ? 96   ASP A C   1 
ATOM   748  O O   . ASP A 1 98  ? 14.433  -2.518  -10.993 1.00 76.73  ? 96   ASP A O   1 
ATOM   749  C CB  . ASP A 1 98  ? 14.745  -5.262  -9.262  1.00 76.04  ? 96   ASP A CB  1 
ATOM   750  C CG  . ASP A 1 98  ? 15.069  -5.515  -7.814  1.00 75.80  ? 96   ASP A CG  1 
ATOM   751  O OD1 . ASP A 1 98  ? 14.480  -4.959  -6.892  1.00 75.54  ? 96   ASP A OD1 1 
ATOM   752  O OD2 . ASP A 1 98  ? 15.995  -6.303  -7.600  1.00 78.81  ? 96   ASP A OD2 1 
ATOM   753  N N   . ASP A 1 99  ? 13.371  -4.314  -11.874 1.00 76.30  ? 97   ASP A N   1 
ATOM   754  C CA  . ASP A 1 99  ? 13.524  -3.871  -13.237 1.00 77.24  ? 97   ASP A CA  1 
ATOM   755  C C   . ASP A 1 99  ? 12.650  -2.679  -13.454 1.00 76.95  ? 97   ASP A C   1 
ATOM   756  O O   . ASP A 1 99  ? 13.103  -1.676  -13.956 1.00 77.10  ? 97   ASP A O   1 
ATOM   757  C CB  . ASP A 1 99  ? 13.149  -4.993  -14.204 1.00 77.84  ? 97   ASP A CB  1 
ATOM   758  C CG  . ASP A 1 99  ? 14.193  -6.078  -14.238 1.00 79.75  ? 97   ASP A CG  1 
ATOM   759  O OD1 . ASP A 1 99  ? 15.306  -5.803  -13.723 1.00 82.26  ? 97   ASP A OD1 1 
ATOM   760  O OD2 . ASP A 1 99  ? 13.912  -7.181  -14.753 1.00 79.94  ? 97   ASP A OD2 1 
ATOM   761  N N   . ALA A 1 100 ? 11.396  -2.789  -13.031 1.00 76.68  ? 98   ALA A N   1 
ATOM   762  C CA  . ALA A 1 100 ? 10.423  -1.708  -13.204 1.00 76.14  ? 98   ALA A CA  1 
ATOM   763  C C   . ALA A 1 100 ? 10.915  -0.443  -12.550 1.00 75.95  ? 98   ALA A C   1 
ATOM   764  O O   . ALA A 1 100 ? 10.672  0.650   -13.066 1.00 75.70  ? 98   ALA A O   1 
ATOM   765  C CB  . ALA A 1 100 ? 9.081   -2.093  -12.642 1.00 75.50  ? 98   ALA A CB  1 
ATOM   766  N N   . ALA A 1 101 ? 11.616  -0.598  -11.431 1.00 75.68  ? 99   ALA A N   1 
ATOM   767  C CA  . ALA A 1 101 ? 11.992  0.531   -10.629 1.00 76.18  ? 99   ALA A CA  1 
ATOM   768  C C   . ALA A 1 101 ? 13.243  1.170   -11.184 1.00 77.00  ? 99   ALA A C   1 
ATOM   769  O O   . ALA A 1 101 ? 13.512  2.348   -10.979 1.00 76.38  ? 99   ALA A O   1 
ATOM   770  C CB  . ALA A 1 101 ? 12.162  0.110   -9.214  1.00 75.78  ? 99   ALA A CB  1 
ATOM   771  N N   . LYS A 1 102 ? 13.998  0.381   -11.923 1.00 78.83  ? 100  LYS A N   1 
ATOM   772  C CA  . LYS A 1 102 ? 15.250  0.852   -12.478 1.00 80.95  ? 100  LYS A CA  1 
ATOM   773  C C   . LYS A 1 102 ? 15.012  2.000   -13.458 1.00 80.57  ? 100  LYS A C   1 
ATOM   774  O O   . LYS A 1 102 ? 15.720  2.972   -13.380 1.00 80.67  ? 100  LYS A O   1 
ATOM   775  C CB  . LYS A 1 102 ? 16.020  -0.325  -13.080 1.00 80.50  ? 100  LYS A CB  1 
ATOM   776  C CG  . LYS A 1 102 ? 17.539  -0.255  -12.924 1.00 83.68  ? 100  LYS A CG  1 
ATOM   777  C CD  . LYS A 1 102 ? 18.230  -1.681  -13.001 1.00 84.95  ? 100  LYS A CD  1 
ATOM   778  C CE  . LYS A 1 102 ? 17.422  -2.756  -13.850 1.00 90.57  ? 100  LYS A CE  1 
ATOM   779  N NZ  . LYS A 1 102 ? 17.585  -4.178  -13.352 1.00 88.36  ? 100  LYS A NZ  1 
ATOM   780  N N   . ASN A 1 103 ? 14.012  1.893   -14.332 1.00 81.12  ? 101  ASN A N   1 
ATOM   781  C CA  . ASN A 1 103 ? 13.571  2.988   -15.200 1.00 82.68  ? 101  ASN A CA  1 
ATOM   782  C C   . ASN A 1 103 ? 13.508  4.399   -14.588 1.00 83.64  ? 101  ASN A C   1 
ATOM   783  O O   . ASN A 1 103 ? 13.562  5.388   -15.315 1.00 84.43  ? 101  ASN A O   1 
ATOM   784  C CB  . ASN A 1 103 ? 12.175  2.705   -15.709 1.00 82.96  ? 101  ASN A CB  1 
ATOM   785  C CG  . ASN A 1 103 ? 12.117  1.516   -16.606 1.00 83.95  ? 101  ASN A CG  1 
ATOM   786  O OD1 . ASN A 1 103 ? 13.156  1.019   -17.037 1.00 84.88  ? 101  ASN A OD1 1 
ATOM   787  N ND2 . ASN A 1 103 ? 10.894  1.055   -16.922 1.00 82.90  ? 101  ASN A ND2 1 
ATOM   788  N N   . PHE A 1 104 ? 13.365  4.496   -13.269 1.00 84.15  ? 102  PHE A N   1 
ATOM   789  C CA  . PHE A 1 104 ? 13.258  5.774   -12.600 1.00 84.74  ? 102  PHE A CA  1 
ATOM   790  C C   . PHE A 1 104 ? 14.617  6.303   -12.189 1.00 86.43  ? 102  PHE A C   1 
ATOM   791  O O   . PHE A 1 104 ? 14.753  7.456   -11.882 1.00 87.37  ? 102  PHE A O   1 
ATOM   792  C CB  . PHE A 1 104 ? 12.219  5.711   -11.465 1.00 83.52  ? 102  PHE A CB  1 
ATOM   793  C CG  . PHE A 1 104 ? 10.832  5.430   -11.979 1.00 82.68  ? 102  PHE A CG  1 
ATOM   794  C CD1 . PHE A 1 104 ? 10.346  4.149   -12.065 1.00 82.81  ? 102  PHE A CD1 1 
ATOM   795  C CD2 . PHE A 1 104 ? 10.040  6.441   -12.489 1.00 82.72  ? 102  PHE A CD2 1 
ATOM   796  C CE1 . PHE A 1 104 ? 9.068   3.899   -12.605 1.00 81.78  ? 102  PHE A CE1 1 
ATOM   797  C CE2 . PHE A 1 104 ? 8.767   6.189   -13.030 1.00 79.73  ? 102  PHE A CE2 1 
ATOM   798  C CZ  . PHE A 1 104 ? 8.296   4.935   -13.088 1.00 80.44  ? 102  PHE A CZ  1 
ATOM   799  N N   . GLU A 1 105 ? 15.654  5.484   -12.226 1.00 88.25  ? 103  GLU A N   1 
ATOM   800  C CA  . GLU A 1 105 ? 17.008  6.025   -12.111 1.00 89.52  ? 103  GLU A CA  1 
ATOM   801  C C   . GLU A 1 105 ? 17.485  6.470   -13.477 1.00 89.48  ? 103  GLU A C   1 
ATOM   802  O O   . GLU A 1 105 ? 17.968  7.585   -13.598 1.00 90.02  ? 103  GLU A O   1 
ATOM   803  C CB  . GLU A 1 105 ? 17.977  5.006   -11.519 1.00 90.10  ? 103  GLU A CB  1 
ATOM   804  C CG  . GLU A 1 105 ? 17.560  4.455   -10.150 1.00 92.93  ? 103  GLU A CG  1 
ATOM   805  C CD  . GLU A 1 105 ? 17.823  2.952   -10.011 1.00 97.65  ? 103  GLU A CD  1 
ATOM   806  O OE1 . GLU A 1 105 ? 17.424  2.364   -8.964  1.00 98.03  ? 103  GLU A OE1 1 
ATOM   807  O OE2 . GLU A 1 105 ? 18.422  2.356   -10.959 1.00 99.52  ? 103  GLU A OE2 1 
ATOM   808  N N   . LEU B 1 6   ? -3.297  23.530  5.818   1.00 98.03  ? 4    LEU B N   1 
ATOM   809  C CA  . LEU B 1 6   ? -4.303  24.309  6.626   1.00 97.79  ? 4    LEU B CA  1 
ATOM   810  C C   . LEU B 1 6   ? -4.381  23.812  8.143   1.00 97.44  ? 4    LEU B C   1 
ATOM   811  O O   . LEU B 1 6   ? -4.180  22.631  8.426   1.00 97.35  ? 4    LEU B O   1 
ATOM   812  C CB  . LEU B 1 6   ? -5.666  24.412  5.841   1.00 97.71  ? 4    LEU B CB  1 
ATOM   813  C CG  . LEU B 1 6   ? -6.882  23.446  5.906   1.00 98.31  ? 4    LEU B CG  1 
ATOM   814  C CD1 . LEU B 1 6   ? -6.625  21.978  5.384   1.00 94.25  ? 4    LEU B CD1 1 
ATOM   815  C CD2 . LEU B 1 6   ? -7.621  23.522  7.335   1.00 98.06  ? 4    LEU B CD2 1 
ATOM   816  N N   . ALA B 1 7   ? -4.543  24.751  9.089   1.00 96.79  ? 5    ALA B N   1 
ATOM   817  C CA  . ALA B 1 7   ? -4.829  24.540  10.548  1.00 96.20  ? 5    ALA B CA  1 
ATOM   818  C C   . ALA B 1 7   ? -5.164  23.106  11.132  1.00 94.92  ? 5    ALA B C   1 
ATOM   819  O O   . ALA B 1 7   ? -6.253  22.536  10.855  1.00 95.11  ? 5    ALA B O   1 
ATOM   820  C CB  . ALA B 1 7   ? -6.034  25.624  10.958  1.00 95.82  ? 5    ALA B CB  1 
ATOM   821  N N   . ARG B 1 8   ? -4.316  22.576  12.001  1.00 92.82  ? 6    ARG B N   1 
ATOM   822  C CA  . ARG B 1 8   ? -4.533  21.219  12.505  1.00 91.45  ? 6    ARG B CA  1 
ATOM   823  C C   . ARG B 1 8   ? -5.779  20.831  13.391  1.00 90.35  ? 6    ARG B C   1 
ATOM   824  O O   . ARG B 1 8   ? -5.604  20.724  14.573  1.00 90.19  ? 6    ARG B O   1 
ATOM   825  C CB  . ARG B 1 8   ? -3.250  20.898  13.290  1.00 92.03  ? 6    ARG B CB  1 
ATOM   826  C CG  . ARG B 1 8   ? -3.021  19.434  13.491  1.00 92.55  ? 6    ARG B CG  1 
ATOM   827  C CD  . ARG B 1 8   ? -3.788  18.874  14.618  1.00 94.34  ? 6    ARG B CD  1 
ATOM   828  N NE  . ARG B 1 8   ? -2.945  18.730  15.812  1.00 97.50  ? 6    ARG B NE  1 
ATOM   829  C CZ  . ARG B 1 8   ? -3.352  18.143  16.945  1.00 99.40  ? 6    ARG B CZ  1 
ATOM   830  N NH1 . ARG B 1 8   ? -4.592  17.664  17.063  1.00 101.01 ? 6    ARG B NH1 1 
ATOM   831  N NH2 . ARG B 1 8   ? -2.536  18.041  17.972  1.00 99.25  ? 6    ARG B NH2 1 
ATOM   832  N N   . LEU B 1 9   ? -6.986  20.575  12.871  1.00 89.32  ? 7    LEU B N   1 
ATOM   833  C CA  . LEU B 1 9   ? -8.183  20.127  13.741  1.00 89.30  ? 7    LEU B CA  1 
ATOM   834  C C   . LEU B 1 9   ? -7.912  19.494  15.128  1.00 88.48  ? 7    LEU B C   1 
ATOM   835  O O   . LEU B 1 9   ? -7.013  18.633  15.241  1.00 89.41  ? 7    LEU B O   1 
ATOM   836  C CB  . LEU B 1 9   ? -9.095  19.121  13.023  1.00 89.00  ? 7    LEU B CB  1 
ATOM   837  C CG  . LEU B 1 9   ? -10.110 19.567  11.986  1.00 90.76  ? 7    LEU B CG  1 
ATOM   838  C CD1 . LEU B 1 9   ? -9.474  20.421  10.749  1.00 93.18  ? 7    LEU B CD1 1 
ATOM   839  C CD2 . LEU B 1 9   ? -10.856 18.325  11.532  1.00 89.16  ? 7    LEU B CD2 1 
ATOM   840  N N   . ALA B 1 10  ? -8.712  19.841  16.150  1.00 87.27  ? 8    ALA B N   1 
ATOM   841  C CA  . ALA B 1 10  ? -8.465  19.363  17.550  1.00 86.04  ? 8    ALA B CA  1 
ATOM   842  C C   . ALA B 1 10  ? -9.402  18.277  18.102  1.00 85.11  ? 8    ALA B C   1 
ATOM   843  O O   . ALA B 1 10  ? -10.607 18.319  17.839  1.00 84.81  ? 8    ALA B O   1 
ATOM   844  C CB  . ALA B 1 10  ? -8.468  20.541  18.489  1.00 86.85  ? 8    ALA B CB  1 
ATOM   845  N N   . ALA B 1 11  ? -8.851  17.358  18.904  1.00 84.17  ? 9    ALA B N   1 
ATOM   846  C CA  . ALA B 1 11  ? -9.597  16.157  19.423  1.00 84.14  ? 9    ALA B CA  1 
ATOM   847  C C   . ALA B 1 11  ? -11.021 16.419  19.950  1.00 84.27  ? 9    ALA B C   1 
ATOM   848  O O   . ALA B 1 11  ? -11.261 17.414  20.612  1.00 85.00  ? 9    ALA B O   1 
ATOM   849  C CB  . ALA B 1 11  ? -8.789  15.460  20.504  1.00 83.23  ? 9    ALA B CB  1 
ATOM   850  N N   . ASN B 1 12  ? -11.959 15.520  19.681  1.00 84.33  ? 10   ASN B N   1 
ATOM   851  C CA  . ASN B 1 12  ? -13.392 15.746  19.965  1.00 84.39  ? 10   ASN B CA  1 
ATOM   852  C C   . ASN B 1 12  ? -13.938 17.139  19.646  1.00 84.33  ? 10   ASN B C   1 
ATOM   853  O O   . ASN B 1 12  ? -15.043 17.453  20.061  1.00 84.56  ? 10   ASN B O   1 
ATOM   854  C CB  . ASN B 1 12  ? -13.753 15.400  21.407  1.00 84.64  ? 10   ASN B CB  1 
ATOM   855  C CG  . ASN B 1 12  ? -13.932 13.888  21.656  1.00 86.35  ? 10   ASN B CG  1 
ATOM   856  O OD1 . ASN B 1 12  ? -14.590 13.144  20.877  1.00 88.10  ? 10   ASN B OD1 1 
ATOM   857  N ND2 . ASN B 1 12  ? -13.339 13.428  22.767  1.00 86.33  ? 10   ASN B ND2 1 
ATOM   858  N N   . SER B 1 13  ? -13.180 17.960  18.907  1.00 84.37  ? 11   SER B N   1 
ATOM   859  C CA  . SER B 1 13  ? -13.648 19.258  18.438  1.00 84.53  ? 11   SER B CA  1 
ATOM   860  C C   . SER B 1 13  ? -14.992 19.156  17.672  1.00 84.85  ? 11   SER B C   1 
ATOM   861  O O   . SER B 1 13  ? -15.319 18.107  17.042  1.00 84.63  ? 11   SER B O   1 
ATOM   862  C CB  . SER B 1 13  ? -12.548 19.932  17.627  1.00 84.21  ? 11   SER B CB  1 
ATOM   863  O OG  . SER B 1 13  ? -12.986 20.226  16.304  1.00 85.72  ? 11   SER B OG  1 
ATOM   864  N N   . ALA B 1 14  ? -15.797 20.224  17.761  1.00 85.41  ? 12   ALA B N   1 
ATOM   865  C CA  . ALA B 1 14  ? -17.137 20.175  17.122  1.00 85.98  ? 12   ALA B CA  1 
ATOM   866  C C   . ALA B 1 14  ? -17.043 20.063  15.601  1.00 86.04  ? 12   ALA B C   1 
ATOM   867  O O   . ALA B 1 14  ? -17.795 19.278  14.978  1.00 85.85  ? 12   ALA B O   1 
ATOM   868  C CB  . ALA B 1 14  ? -18.066 21.325  17.556  1.00 85.67  ? 12   ALA B CB  1 
ATOM   869  N N   . ARG B 1 15  ? -16.085 20.805  15.028  1.00 85.88  ? 13   ARG B N   1 
ATOM   870  C CA  . ARG B 1 15  ? -15.859 20.745  13.598  1.00 86.49  ? 13   ARG B CA  1 
ATOM   871  C C   . ARG B 1 15  ? -15.666 19.272  13.192  1.00 86.37  ? 13   ARG B C   1 
ATOM   872  O O   . ARG B 1 15  ? -16.417 18.691  12.354  1.00 85.82  ? 13   ARG B O   1 
ATOM   873  C CB  . ARG B 1 15  ? -14.637 21.628  13.266  1.00 87.34  ? 13   ARG B CB  1 
ATOM   874  C CG  . ARG B 1 15  ? -13.825 21.216  11.996  1.00 88.96  ? 13   ARG B CG  1 
ATOM   875  C CD  . ARG B 1 15  ? -14.429 21.661  10.665  1.00 91.14  ? 13   ARG B CD  1 
ATOM   876  N NE  . ARG B 1 15  ? -15.873 21.409  10.522  1.00 92.48  ? 13   ARG B NE  1 
ATOM   877  C CZ  . ARG B 1 15  ? -16.545 21.373  9.359   1.00 92.33  ? 13   ARG B CZ  1 
ATOM   878  N NH1 . ARG B 1 15  ? -15.919 21.524  8.167   1.00 89.33  ? 13   ARG B NH1 1 
ATOM   879  N NH2 . ARG B 1 15  ? -17.864 21.161  9.397   1.00 90.14  ? 13   ARG B NH2 1 
ATOM   880  N N   . LEU B 1 16  ? -14.682 18.692  13.885  1.00 86.14  ? 14   LEU B N   1 
ATOM   881  C CA  . LEU B 1 16  ? -14.214 17.356  13.693  1.00 86.02  ? 14   LEU B CA  1 
ATOM   882  C C   . LEU B 1 16  ? -15.368 16.381  13.730  1.00 86.44  ? 14   LEU B C   1 
ATOM   883  O O   . LEU B 1 16  ? -15.729 15.793  12.692  1.00 86.44  ? 14   LEU B O   1 
ATOM   884  C CB  . LEU B 1 16  ? -13.180 17.047  14.762  1.00 85.76  ? 14   LEU B CB  1 
ATOM   885  C CG  . LEU B 1 16  ? -12.355 15.772  14.627  1.00 84.77  ? 14   LEU B CG  1 
ATOM   886  C CD1 . LEU B 1 16  ? -11.196 15.780  15.624  1.00 84.77  ? 14   LEU B CD1 1 
ATOM   887  C CD2 . LEU B 1 16  ? -13.244 14.584  14.847  1.00 83.01  ? 14   LEU B CD2 1 
ATOM   888  N N   . LEU B 1 17  ? -15.981 16.243  14.902  1.00 86.86  ? 15   LEU B N   1 
ATOM   889  C CA  . LEU B 1 17  ? -17.116 15.313  15.040  1.00 87.63  ? 15   LEU B CA  1 
ATOM   890  C C   . LEU B 1 17  ? -18.156 15.450  13.916  1.00 87.49  ? 15   LEU B C   1 
ATOM   891  O O   . LEU B 1 17  ? -18.819 14.467  13.515  1.00 86.77  ? 15   LEU B O   1 
ATOM   892  C CB  . LEU B 1 17  ? -17.765 15.463  16.423  1.00 88.07  ? 15   LEU B CB  1 
ATOM   893  C CG  . LEU B 1 17  ? -16.899 14.796  17.524  1.00 90.46  ? 15   LEU B CG  1 
ATOM   894  C CD1 . LEU B 1 17  ? -17.027 15.546  18.859  1.00 90.28  ? 15   LEU B CD1 1 
ATOM   895  C CD2 . LEU B 1 17  ? -17.076 13.207  17.653  1.00 89.68  ? 15   LEU B CD2 1 
ATOM   896  N N   . GLN B 1 18  ? -18.269 16.670  13.382  1.00 87.64  ? 16   GLN B N   1 
ATOM   897  C CA  . GLN B 1 18  ? -19.279 16.892  12.371  1.00 87.72  ? 16   GLN B CA  1 
ATOM   898  C C   . GLN B 1 18  ? -18.976 16.200  11.052  1.00 86.79  ? 16   GLN B C   1 
ATOM   899  O O   . GLN B 1 18  ? -19.871 15.521  10.458  1.00 86.85  ? 16   GLN B O   1 
ATOM   900  C CB  . GLN B 1 18  ? -19.508 18.350  12.119  1.00 88.27  ? 16   GLN B CB  1 
ATOM   901  C CG  . GLN B 1 18  ? -20.785 18.451  11.320  1.00 90.70  ? 16   GLN B CG  1 
ATOM   902  C CD  . GLN B 1 18  ? -20.967 19.810  10.820  1.00 94.22  ? 16   GLN B CD  1 
ATOM   903  O OE1 . GLN B 1 18  ? -19.975 20.547  10.621  1.00 96.10  ? 16   GLN B OE1 1 
ATOM   904  N NE2 . GLN B 1 18  ? -22.232 20.205  10.631  1.00 95.24  ? 16   GLN B NE2 1 
ATOM   905  N N   . LEU B 1 19  ? -17.724 16.410  10.610  1.00 85.12  ? 17   LEU B N   1 
ATOM   906  C CA  . LEU B 1 19  ? -17.143 15.729  9.438   1.00 82.94  ? 17   LEU B CA  1 
ATOM   907  C C   . LEU B 1 19  ? -17.199 14.216  9.602   1.00 81.95  ? 17   LEU B C   1 
ATOM   908  O O   . LEU B 1 19  ? -17.691 13.489  8.730   1.00 81.06  ? 17   LEU B O   1 
ATOM   909  C CB  . LEU B 1 19  ? -15.691 16.159  9.287   1.00 82.71  ? 17   LEU B CB  1 
ATOM   910  C CG  . LEU B 1 19  ? -15.438 17.613  8.940   1.00 79.88  ? 17   LEU B CG  1 
ATOM   911  C CD1 . LEU B 1 19  ? -14.278 18.153  9.755   1.00 78.00  ? 17   LEU B CD1 1 
ATOM   912  C CD2 . LEU B 1 19  ? -15.173 17.684  7.475   1.00 75.66  ? 17   LEU B CD2 1 
ATOM   913  N N   . HIS B 1 20  ? -16.705 13.756  10.745  1.00 81.22  ? 18   HIS B N   1 
ATOM   914  C CA  . HIS B 1 20  ? -16.715 12.343  11.022  1.00 81.39  ? 18   HIS B CA  1 
ATOM   915  C C   . HIS B 1 20  ? -18.074 11.696  10.867  1.00 81.86  ? 18   HIS B C   1 
ATOM   916  O O   . HIS B 1 20  ? -18.173 10.496  10.594  1.00 81.61  ? 18   HIS B O   1 
ATOM   917  C CB  . HIS B 1 20  ? -16.281 12.038  12.430  1.00 81.38  ? 18   HIS B CB  1 
ATOM   918  C CG  . HIS B 1 20  ? -16.117 10.570  12.676  1.00 81.35  ? 18   HIS B CG  1 
ATOM   919  N ND1 . HIS B 1 20  ? -15.447 10.058  13.769  1.00 83.08  ? 18   HIS B ND1 1 
ATOM   920  C CD2 . HIS B 1 20  ? -16.486 9.499   11.930  1.00 81.78  ? 18   HIS B CD2 1 
ATOM   921  C CE1 . HIS B 1 20  ? -15.422 8.736   13.691  1.00 82.63  ? 18   HIS B CE1 1 
ATOM   922  N NE2 . HIS B 1 20  ? -16.054 8.373   12.589  1.00 82.33  ? 18   HIS B NE2 1 
ATOM   923  N N   . LYS B 1 21  ? -19.127 12.474  11.072  1.00 83.08  ? 19   LYS B N   1 
ATOM   924  C CA  . LYS B 1 21  ? -20.475 11.948  10.962  1.00 83.87  ? 19   LYS B CA  1 
ATOM   925  C C   . LYS B 1 21  ? -20.726 11.481  9.513   1.00 83.54  ? 19   LYS B C   1 
ATOM   926  O O   . LYS B 1 21  ? -21.473 10.499  9.300   1.00 83.55  ? 19   LYS B O   1 
ATOM   927  C CB  . LYS B 1 21  ? -21.487 12.996  11.451  1.00 85.15  ? 19   LYS B CB  1 
ATOM   928  C CG  . LYS B 1 21  ? -22.573 12.449  12.394  1.00 87.00  ? 19   LYS B CG  1 
ATOM   929  C CD  . LYS B 1 21  ? -23.385 11.280  11.719  1.00 93.15  ? 19   LYS B CD  1 
ATOM   930  C CE  . LYS B 1 21  ? -24.869 11.161  12.254  1.00 93.03  ? 19   LYS B CE  1 
ATOM   931  N NZ  . LYS B 1 21  ? -25.847 11.919  11.384  1.00 95.08  ? 19   LYS B NZ  1 
ATOM   932  N N   . THR B 1 22  ? -20.036 12.148  8.564   1.00 83.14  ? 20   THR B N   1 
ATOM   933  C CA  . THR B 1 22  ? -20.140 11.941  7.087   1.00 82.74  ? 20   THR B CA  1 
ATOM   934  C C   . THR B 1 22  ? -19.342 10.742  6.521   1.00 82.66  ? 20   THR B C   1 
ATOM   935  O O   . THR B 1 22  ? -19.355 10.441  5.314   1.00 83.60  ? 20   THR B O   1 
ATOM   936  C CB  . THR B 1 22  ? -19.613 13.194  6.349   1.00 82.69  ? 20   THR B CB  1 
ATOM   937  O OG1 . THR B 1 22  ? -18.222 13.015  6.063   1.00 80.93  ? 20   THR B OG1 1 
ATOM   938  C CG2 . THR B 1 22  ? -19.819 14.460  7.203   1.00 81.79  ? 20   THR B CG2 1 
ATOM   939  N N   . VAL B 1 23  ? -18.633 10.066  7.398   1.00 81.67  ? 21   VAL B N   1 
ATOM   940  C CA  . VAL B 1 23  ? -17.654 9.140   6.965   1.00 80.03  ? 21   VAL B CA  1 
ATOM   941  C C   . VAL B 1 23  ? -17.573 8.104   8.101   1.00 80.62  ? 21   VAL B C   1 
ATOM   942  O O   . VAL B 1 23  ? -16.519 7.668   8.508   1.00 80.28  ? 21   VAL B O   1 
ATOM   943  C CB  . VAL B 1 23  ? -16.435 9.979   6.694   1.00 78.97  ? 21   VAL B CB  1 
ATOM   944  C CG1 . VAL B 1 23  ? -15.677 10.301  7.956   1.00 78.37  ? 21   VAL B CG1 1 
ATOM   945  C CG2 . VAL B 1 23  ? -15.660 9.353   5.671   1.00 76.59  ? 21   VAL B CG2 1 
ATOM   946  N N   . PRO B 1 24  ? -18.742 7.690   8.600   1.00 81.46  ? 22   PRO B N   1 
ATOM   947  C CA  . PRO B 1 24  ? -18.925 6.908   9.844   1.00 82.22  ? 22   PRO B CA  1 
ATOM   948  C C   . PRO B 1 24  ? -18.176 5.552   9.946   1.00 83.04  ? 22   PRO B C   1 
ATOM   949  O O   . PRO B 1 24  ? -17.905 5.084   11.053  1.00 83.89  ? 22   PRO B O   1 
ATOM   950  C CB  . PRO B 1 24  ? -20.441 6.634   9.863   1.00 82.27  ? 22   PRO B CB  1 
ATOM   951  C CG  . PRO B 1 24  ? -20.891 6.798   8.446   1.00 82.11  ? 22   PRO B CG  1 
ATOM   952  C CD  . PRO B 1 24  ? -20.028 7.929   7.917   1.00 81.48  ? 22   PRO B CD  1 
ATOM   953  N N   . GLN B 1 25  ? -17.864 4.920   8.825   1.00 83.05  ? 23   GLN B N   1 
ATOM   954  C CA  . GLN B 1 25  ? -17.228 3.612   8.842   1.00 83.20  ? 23   GLN B CA  1 
ATOM   955  C C   . GLN B 1 25  ? -15.791 3.659   9.305   1.00 82.53  ? 23   GLN B C   1 
ATOM   956  O O   . GLN B 1 25  ? -15.155 2.615   9.429   1.00 82.32  ? 23   GLN B O   1 
ATOM   957  C CB  . GLN B 1 25  ? -17.228 3.067   7.422   1.00 84.38  ? 23   GLN B CB  1 
ATOM   958  C CG  . GLN B 1 25  ? -18.587 2.791   6.851   1.00 86.82  ? 23   GLN B CG  1 
ATOM   959  C CD  . GLN B 1 25  ? -19.082 1.512   7.433   1.00 91.25  ? 23   GLN B CD  1 
ATOM   960  O OE1 . GLN B 1 25  ? -19.210 0.510   6.716   1.00 93.88  ? 23   GLN B OE1 1 
ATOM   961  N NE2 . GLN B 1 25  ? -19.290 1.496   8.764   1.00 91.07  ? 23   GLN B NE2 1 
ATOM   962  N N   . TRP B 1 26  ? -15.286 4.866   9.516   1.00 82.10  ? 24   TRP B N   1 
ATOM   963  C CA  . TRP B 1 26  ? -13.885 5.094   9.803   1.00 82.85  ? 24   TRP B CA  1 
ATOM   964  C C   . TRP B 1 26  ? -13.639 5.206   11.315  1.00 82.82  ? 24   TRP B C   1 
ATOM   965  O O   . TRP B 1 26  ? -14.419 5.838   11.995  1.00 83.28  ? 24   TRP B O   1 
ATOM   966  C CB  . TRP B 1 26  ? -13.420 6.386   9.103   1.00 84.00  ? 24   TRP B CB  1 
ATOM   967  C CG  . TRP B 1 26  ? -13.296 6.285   7.631   1.00 84.45  ? 24   TRP B CG  1 
ATOM   968  C CD1 . TRP B 1 26  ? -14.297 6.113   6.761   1.00 85.96  ? 24   TRP B CD1 1 
ATOM   969  C CD2 . TRP B 1 26  ? -12.085 6.337   6.853   1.00 87.99  ? 24   TRP B CD2 1 
ATOM   970  N NE1 . TRP B 1 26  ? -13.812 6.030   5.481   1.00 88.08  ? 24   TRP B NE1 1 
ATOM   971  C CE2 . TRP B 1 26  ? -12.451 6.168   5.507   1.00 87.81  ? 24   TRP B CE2 1 
ATOM   972  C CE3 . TRP B 1 26  ? -10.718 6.472   7.167   1.00 89.63  ? 24   TRP B CE3 1 
ATOM   973  C CZ2 . TRP B 1 26  ? -11.519 6.154   4.468   1.00 86.50  ? 24   TRP B CZ2 1 
ATOM   974  C CZ3 . TRP B 1 26  ? -9.791  6.460   6.122   1.00 87.15  ? 24   TRP B CZ3 1 
ATOM   975  C CH2 . TRP B 1 26  ? -10.204 6.315   4.796   1.00 85.69  ? 24   TRP B CH2 1 
ATOM   976  N N   . HIS B 1 27  ? -12.560 4.623   11.841  1.00 82.67  ? 25   HIS B N   1 
ATOM   977  C CA  . HIS B 1 27  ? -12.268 4.670   13.259  1.00 82.98  ? 25   HIS B CA  1 
ATOM   978  C C   . HIS B 1 27  ? -11.301 5.786   13.490  1.00 82.43  ? 25   HIS B C   1 
ATOM   979  O O   . HIS B 1 27  ? -10.454 5.948   12.690  1.00 82.76  ? 25   HIS B O   1 
ATOM   980  C CB  . HIS B 1 27  ? -11.708 3.331   13.688  1.00 82.89  ? 25   HIS B CB  1 
ATOM   981  C CG  . HIS B 1 27  ? -12.706 2.209   13.571  1.00 88.68  ? 25   HIS B CG  1 
ATOM   982  N ND1 . HIS B 1 27  ? -13.445 1.974   12.421  1.00 92.26  ? 25   HIS B ND1 1 
ATOM   983  C CD2 . HIS B 1 27  ? -13.099 1.257   14.458  1.00 93.42  ? 25   HIS B CD2 1 
ATOM   984  C CE1 . HIS B 1 27  ? -14.240 0.927   12.599  1.00 92.43  ? 25   HIS B CE1 1 
ATOM   985  N NE2 . HIS B 1 27  ? -14.055 0.477   13.828  1.00 94.42  ? 25   HIS B NE2 1 
ATOM   986  N N   . LEU B 1 28  ? -11.444 6.611   14.526  1.00 82.70  ? 26   LEU B N   1 
ATOM   987  C CA  . LEU B 1 28  ? -10.363 7.577   14.860  1.00 82.79  ? 26   LEU B CA  1 
ATOM   988  C C   . LEU B 1 28  ? -9.320  6.969   15.770  1.00 83.90  ? 26   LEU B C   1 
ATOM   989  O O   . LEU B 1 28  ? -9.660  6.317   16.733  1.00 84.18  ? 26   LEU B O   1 
ATOM   990  C CB  . LEU B 1 28  ? -10.867 8.858   15.523  1.00 82.43  ? 26   LEU B CB  1 
ATOM   991  C CG  . LEU B 1 28  ? -12.042 9.638   14.910  1.00 82.58  ? 26   LEU B CG  1 
ATOM   992  C CD1 . LEU B 1 28  ? -13.336 9.061   15.427  1.00 79.70  ? 26   LEU B CD1 1 
ATOM   993  C CD2 . LEU B 1 28  ? -11.968 11.132  15.162  1.00 81.09  ? 26   LEU B CD2 1 
ATOM   994  N N   . THR B 1 29  ? -8.041  7.141   15.456  1.00 85.48  ? 27   THR B N   1 
ATOM   995  C CA  . THR B 1 29  ? -6.964  6.924   16.451  1.00 86.36  ? 27   THR B CA  1 
ATOM   996  C C   . THR B 1 29  ? -7.298  7.882   17.632  1.00 87.35  ? 27   THR B C   1 
ATOM   997  O O   . THR B 1 29  ? -7.799  8.977   17.395  1.00 88.46  ? 27   THR B O   1 
ATOM   998  C CB  . THR B 1 29  ? -5.585  7.130   15.797  1.00 86.77  ? 27   THR B CB  1 
ATOM   999  O OG1 . THR B 1 29  ? -5.751  7.886   14.582  1.00 83.53  ? 27   THR B OG1 1 
ATOM   1000 C CG2 . THR B 1 29  ? -4.864  5.713   15.539  1.00 87.64  ? 27   THR B CG2 1 
ATOM   1001 N N   . ASP B 1 30  ? -6.980  7.615   18.891  1.00 88.18  ? 28   ASP B N   1 
ATOM   1002 C CA  . ASP B 1 30  ? -5.677  7.576   19.475  1.00 88.68  ? 28   ASP B CA  1 
ATOM   1003 C C   . ASP B 1 30  ? -4.885  8.830   19.129  1.00 88.09  ? 28   ASP B C   1 
ATOM   1004 O O   . ASP B 1 30  ? -4.217  8.880   18.150  1.00 89.07  ? 28   ASP B O   1 
ATOM   1005 C CB  . ASP B 1 30  ? -4.970  6.255   19.282  1.00 89.37  ? 28   ASP B CB  1 
ATOM   1006 C CG  . ASP B 1 30  ? -4.922  5.494   20.552  1.00 92.02  ? 28   ASP B CG  1 
ATOM   1007 O OD1 . ASP B 1 30  ? -5.737  4.566   20.784  1.00 95.71  ? 28   ASP B OD1 1 
ATOM   1008 O OD2 . ASP B 1 30  ? -4.107  5.908   21.374  1.00 93.29  ? 28   ASP B OD2 1 
ATOM   1009 N N   . GLY B 1 31  ? -5.132  9.945   19.758  1.00 87.20  ? 29   GLY B N   1 
ATOM   1010 C CA  . GLY B 1 31  ? -6.409  10.516  19.841  1.00 86.39  ? 29   GLY B CA  1 
ATOM   1011 C C   . GLY B 1 31  ? -6.187  11.889  19.273  1.00 85.86  ? 29   GLY B C   1 
ATOM   1012 O O   . GLY B 1 31  ? -5.179  12.502  19.520  1.00 85.69  ? 29   GLY B O   1 
ATOM   1013 N N   . HIS B 1 32  ? -7.047  12.427  18.443  1.00 85.07  ? 30   HIS B N   1 
ATOM   1014 C CA  . HIS B 1 32  ? -7.751  11.889  17.367  1.00 83.66  ? 30   HIS B CA  1 
ATOM   1015 C C   . HIS B 1 32  ? -6.758  12.399  16.302  1.00 82.87  ? 30   HIS B C   1 
ATOM   1016 O O   . HIS B 1 32  ? -6.955  13.440  15.646  1.00 82.02  ? 30   HIS B O   1 
ATOM   1017 C CB  . HIS B 1 32  ? -9.066  12.649  17.302  1.00 83.91  ? 30   HIS B CB  1 
ATOM   1018 C CG  . HIS B 1 32  ? -10.145 12.075  18.170  1.00 84.39  ? 30   HIS B CG  1 
ATOM   1019 N ND1 . HIS B 1 32  ? -11.236 12.813  18.582  1.00 84.69  ? 30   HIS B ND1 1 
ATOM   1020 C CD2 . HIS B 1 32  ? -10.327 10.825  18.662  1.00 84.53  ? 30   HIS B CD2 1 
ATOM   1021 C CE1 . HIS B 1 32  ? -12.045 12.041  19.291  1.00 84.73  ? 30   HIS B CE1 1 
ATOM   1022 N NE2 . HIS B 1 32  ? -11.515 10.833  19.361  1.00 85.42  ? 30   HIS B NE2 1 
ATOM   1023 N N   . LEU B 1 33  ? -5.650  11.675  16.193  1.00 82.09  ? 31   LEU B N   1 
ATOM   1024 C CA  . LEU B 1 33  ? -4.543  12.083  15.340  1.00 81.36  ? 31   LEU B CA  1 
ATOM   1025 C C   . LEU B 1 33  ? -4.689  11.739  13.855  1.00 80.81  ? 31   LEU B C   1 
ATOM   1026 O O   . LEU B 1 33  ? -4.023  12.323  12.995  1.00 80.09  ? 31   LEU B O   1 
ATOM   1027 C CB  . LEU B 1 33  ? -3.274  11.481  15.910  1.00 81.35  ? 31   LEU B CB  1 
ATOM   1028 C CG  . LEU B 1 33  ? -2.846  12.456  16.995  1.00 81.28  ? 31   LEU B CG  1 
ATOM   1029 C CD1 . LEU B 1 33  ? -1.384  12.228  17.456  1.00 79.56  ? 31   LEU B CD1 1 
ATOM   1030 C CD2 . LEU B 1 33  ? -3.080  13.915  16.459  1.00 82.16  ? 31   LEU B CD2 1 
ATOM   1031 N N   . SER B 1 34  ? -5.588  10.794  13.582  1.00 80.14  ? 32   SER B N   1 
ATOM   1032 C CA  . SER B 1 34  ? -5.779  10.244  12.258  1.00 79.02  ? 32   SER B CA  1 
ATOM   1033 C C   . SER B 1 34  ? -7.052  9.377   12.210  1.00 78.48  ? 32   SER B C   1 
ATOM   1034 O O   . SER B 1 34  ? -7.657  9.073   13.280  1.00 77.64  ? 32   SER B O   1 
ATOM   1035 C CB  . SER B 1 34  ? -4.561  9.395   11.888  1.00 78.67  ? 32   SER B CB  1 
ATOM   1036 O OG  . SER B 1 34  ? -4.650  8.091   12.438  1.00 77.77  ? 32   SER B OG  1 
ATOM   1037 N N   . ILE B 1 35  ? -7.420  8.958   10.985  1.00 77.05  ? 33   ILE B N   1 
ATOM   1038 C CA  . ILE B 1 35  ? -8.517  7.993   10.803  1.00 76.22  ? 33   ILE B CA  1 
ATOM   1039 C C   . ILE B 1 35  ? -8.276  6.770   9.900   1.00 75.72  ? 33   ILE B C   1 
ATOM   1040 O O   . ILE B 1 35  ? -7.839  6.906   8.763   1.00 76.25  ? 33   ILE B O   1 
ATOM   1041 C CB  . ILE B 1 35  ? -9.767  8.674   10.290  1.00 76.57  ? 33   ILE B CB  1 
ATOM   1042 C CG1 . ILE B 1 35  ? -9.405  9.753   9.253   1.00 74.89  ? 33   ILE B CG1 1 
ATOM   1043 C CG2 . ILE B 1 35  ? -10.591 9.216   11.487  1.00 77.69  ? 33   ILE B CG2 1 
ATOM   1044 C CD1 . ILE B 1 35  ? -10.472 9.869   8.174   1.00 71.59  ? 33   ILE B CD1 1 
ATOM   1045 N N   . LYS B 1 36  ? -8.632  5.588   10.399  1.00 74.49  ? 34   LYS B N   1 
ATOM   1046 C CA  . LYS B 1 36  ? -8.315  4.323   9.768   1.00 73.80  ? 34   LYS B CA  1 
ATOM   1047 C C   . LYS B 1 36  ? -9.565  3.755   9.182   1.00 73.41  ? 34   LYS B C   1 
ATOM   1048 O O   . LYS B 1 36  ? -10.607 4.145   9.616   1.00 74.00  ? 34   LYS B O   1 
ATOM   1049 C CB  . LYS B 1 36  ? -7.734  3.364   10.796  1.00 73.45  ? 34   LYS B CB  1 
ATOM   1050 C CG  . LYS B 1 36  ? -6.417  3.909   11.351  1.00 75.61  ? 34   LYS B CG  1 
ATOM   1051 C CD  . LYS B 1 36  ? -5.748  2.921   12.262  1.00 79.21  ? 34   LYS B CD  1 
ATOM   1052 C CE  . LYS B 1 36  ? -5.015  1.880   11.462  1.00 82.79  ? 34   LYS B CE  1 
ATOM   1053 N NZ  . LYS B 1 36  ? -4.256  1.083   12.450  1.00 86.73  ? 34   LYS B NZ  1 
ATOM   1054 N N   . ARG B 1 37  ? -9.453  2.895   8.160   1.00 72.80  ? 35   ARG B N   1 
ATOM   1055 C CA  . ARG B 1 37  ? -10.522 2.000   7.705   1.00 71.50  ? 35   ARG B CA  1 
ATOM   1056 C C   . ARG B 1 37  ? -9.925  0.930   6.815   1.00 71.54  ? 35   ARG B C   1 
ATOM   1057 O O   . ARG B 1 37  ? -8.902  1.160   6.209   1.00 72.25  ? 35   ARG B O   1 
ATOM   1058 C CB  . ARG B 1 37  ? -11.555 2.727   6.910   1.00 71.07  ? 35   ARG B CB  1 
ATOM   1059 C CG  . ARG B 1 37  ? -12.563 1.786   6.277   1.00 70.67  ? 35   ARG B CG  1 
ATOM   1060 C CD  . ARG B 1 37  ? -13.689 2.589   5.661   1.00 71.14  ? 35   ARG B CD  1 
ATOM   1061 N NE  . ARG B 1 37  ? -14.822 1.756   5.287   1.00 73.27  ? 35   ARG B NE  1 
ATOM   1062 C CZ  . ARG B 1 37  ? -15.704 2.080   4.335   1.00 74.50  ? 35   ARG B CZ  1 
ATOM   1063 N NH1 . ARG B 1 37  ? -15.587 3.221   3.648   1.00 76.18  ? 35   ARG B NH1 1 
ATOM   1064 N NH2 . ARG B 1 37  ? -16.712 1.265   4.061   1.00 72.00  ? 35   ARG B NH2 1 
ATOM   1065 N N   . LYS B 1 38  ? -10.555 -0.233  6.718   1.00 71.04  ? 36   LYS B N   1 
ATOM   1066 C CA  . LYS B 1 38  ? -9.974  -1.330  5.977   1.00 70.46  ? 36   LYS B CA  1 
ATOM   1067 C C   . LYS B 1 38  ? -11.007 -1.813  5.002   1.00 70.07  ? 36   LYS B C   1 
ATOM   1068 O O   . LYS B 1 38  ? -12.070 -2.247  5.399   1.00 69.81  ? 36   LYS B O   1 
ATOM   1069 C CB  . LYS B 1 38  ? -9.542  -2.450  6.914   1.00 70.43  ? 36   LYS B CB  1 
ATOM   1070 C CG  . LYS B 1 38  ? -9.319  -3.841  6.283   1.00 71.87  ? 36   LYS B CG  1 
ATOM   1071 C CD  . LYS B 1 38  ? -8.222  -4.635  7.051   1.00 74.25  ? 36   LYS B CD  1 
ATOM   1072 C CE  . LYS B 1 38  ? -8.618  -6.101  7.214   1.00 78.05  ? 36   LYS B CE  1 
ATOM   1073 N NZ  . LYS B 1 38  ? -7.405  -6.967  7.238   1.00 81.03  ? 36   LYS B NZ  1 
ATOM   1074 N N   . PHE B 1 39  ? -10.676 -1.750  3.716   1.00 69.58  ? 37   PHE B N   1 
ATOM   1075 C CA  . PHE B 1 39  ? -11.572 -2.153  2.647   1.00 68.50  ? 37   PHE B CA  1 
ATOM   1076 C C   . PHE B 1 39  ? -11.334 -3.562  2.279   1.00 69.32  ? 37   PHE B C   1 
ATOM   1077 O O   . PHE B 1 39  ? -10.225 -4.067  2.410   1.00 70.52  ? 37   PHE B O   1 
ATOM   1078 C CB  . PHE B 1 39  ? -11.296 -1.265  1.500   1.00 67.52  ? 37   PHE B CB  1 
ATOM   1079 C CG  . PHE B 1 39  ? -11.639 0.153   1.801   1.00 67.61  ? 37   PHE B CG  1 
ATOM   1080 C CD1 . PHE B 1 39  ? -10.743 0.966   2.489   1.00 66.97  ? 37   PHE B CD1 1 
ATOM   1081 C CD2 . PHE B 1 39  ? -12.896 0.663   1.474   1.00 66.43  ? 37   PHE B CD2 1 
ATOM   1082 C CE1 . PHE B 1 39  ? -11.063 2.296   2.783   1.00 67.40  ? 37   PHE B CE1 1 
ATOM   1083 C CE2 . PHE B 1 39  ? -13.229 1.973   1.763   1.00 67.60  ? 37   PHE B CE2 1 
ATOM   1084 C CZ  . PHE B 1 39  ? -12.307 2.808   2.425   1.00 68.01  ? 37   PHE B CZ  1 
ATOM   1085 N N   . GLN B 1 40  ? -12.377 -4.243  1.856   1.00 70.06  ? 38   GLN B N   1 
ATOM   1086 C CA  . GLN B 1 40  ? -12.262 -5.655  1.479   1.00 70.93  ? 38   GLN B CA  1 
ATOM   1087 C C   . GLN B 1 40  ? -13.053 -5.759  0.189   1.00 70.49  ? 38   GLN B C   1 
ATOM   1088 O O   . GLN B 1 40  ? -14.222 -5.357  0.168   1.00 70.87  ? 38   GLN B O   1 
ATOM   1089 C CB  . GLN B 1 40  ? -12.949 -6.512  2.529   1.00 71.59  ? 38   GLN B CB  1 
ATOM   1090 C CG  . GLN B 1 40  ? -12.484 -7.953  2.610   1.00 77.68  ? 38   GLN B CG  1 
ATOM   1091 C CD  . GLN B 1 40  ? -11.432 -8.172  3.746   1.00 86.27  ? 38   GLN B CD  1 
ATOM   1092 O OE1 . GLN B 1 40  ? -11.302 -7.367  4.725   1.00 88.21  ? 38   GLN B OE1 1 
ATOM   1093 N NE2 . GLN B 1 40  ? -10.671 -9.271  3.609   1.00 86.73  ? 38   GLN B NE2 1 
ATOM   1094 N N   . PHE B 1 41  ? -12.438 -6.247  -0.889  1.00 70.07  ? 39   PHE B N   1 
ATOM   1095 C CA  . PHE B 1 41  ? -13.151 -6.416  -2.184  1.00 69.77  ? 39   PHE B CA  1 
ATOM   1096 C C   . PHE B 1 41  ? -13.045 -7.837  -2.546  1.00 69.88  ? 39   PHE B C   1 
ATOM   1097 O O   . PHE B 1 41  ? -12.250 -8.533  -1.944  1.00 69.97  ? 39   PHE B O   1 
ATOM   1098 C CB  . PHE B 1 41  ? -12.478 -5.611  -3.274  1.00 69.34  ? 39   PHE B CB  1 
ATOM   1099 C CG  . PHE B 1 41  ? -12.368 -4.198  -2.933  1.00 68.54  ? 39   PHE B CG  1 
ATOM   1100 C CD1 . PHE B 1 41  ? -11.415 -3.775  -2.023  1.00 68.99  ? 39   PHE B CD1 1 
ATOM   1101 C CD2 . PHE B 1 41  ? -13.262 -3.282  -3.452  1.00 68.88  ? 39   PHE B CD2 1 
ATOM   1102 C CE1 . PHE B 1 41  ? -11.301 -2.415  -1.673  1.00 70.42  ? 39   PHE B CE1 1 
ATOM   1103 C CE2 . PHE B 1 41  ? -13.187 -1.925  -3.096  1.00 70.22  ? 39   PHE B CE2 1 
ATOM   1104 C CZ  . PHE B 1 41  ? -12.182 -1.481  -2.209  1.00 69.00  ? 39   PHE B CZ  1 
ATOM   1105 N N   . SER B 1 42  ? -13.786 -8.293  -3.543  1.00 70.25  ? 40   SER B N   1 
ATOM   1106 C CA  . SER B 1 42  ? -13.666 -9.731  -3.902  1.00 71.25  ? 40   SER B CA  1 
ATOM   1107 C C   . SER B 1 42  ? -12.235 -10.156 -4.175  1.00 70.71  ? 40   SER B C   1 
ATOM   1108 O O   . SER B 1 42  ? -11.702 -11.030 -3.508  1.00 70.58  ? 40   SER B O   1 
ATOM   1109 C CB  . SER B 1 42  ? -14.471 -10.113 -5.133  1.00 71.32  ? 40   SER B CB  1 
ATOM   1110 O OG  . SER B 1 42  ? -15.799 -9.726  -4.939  1.00 76.34  ? 40   SER B OG  1 
ATOM   1111 N N   . ASP B 1 43  ? -11.613 -9.550  -5.176  1.00 70.49  ? 41   ASP B N   1 
ATOM   1112 C CA  . ASP B 1 43  ? -10.291 -9.985  -5.553  1.00 70.26  ? 41   ASP B CA  1 
ATOM   1113 C C   . ASP B 1 43  ? -9.356  -8.801  -5.548  1.00 69.47  ? 41   ASP B C   1 
ATOM   1114 O O   . ASP B 1 43  ? -9.730  -7.685  -5.196  1.00 69.26  ? 41   ASP B O   1 
ATOM   1115 C CB  . ASP B 1 43  ? -10.348 -10.607 -6.941  1.00 70.30  ? 41   ASP B CB  1 
ATOM   1116 C CG  . ASP B 1 43  ? -10.932 -9.671  -7.936  1.00 72.62  ? 41   ASP B CG  1 
ATOM   1117 O OD1 . ASP B 1 43  ? -11.014 -8.448  -7.619  1.00 75.09  ? 41   ASP B OD1 1 
ATOM   1118 O OD2 . ASP B 1 43  ? -11.314 -10.142 -9.021  1.00 74.03  ? 41   ASP B OD2 1 
ATOM   1119 N N   . PHE B 1 44  ? -8.123  -9.073  -5.945  1.00 68.94  ? 42   PHE B N   1 
ATOM   1120 C CA  . PHE B 1 44  ? -7.176  -8.010  -6.285  1.00 68.08  ? 42   PHE B CA  1 
ATOM   1121 C C   . PHE B 1 44  ? -7.682  -7.046  -7.386  1.00 67.60  ? 42   PHE B C   1 
ATOM   1122 O O   . PHE B 1 44  ? -7.576  -5.814  -7.253  1.00 67.30  ? 42   PHE B O   1 
ATOM   1123 C CB  . PHE B 1 44  ? -5.856  -8.603  -6.726  1.00 67.03  ? 42   PHE B CB  1 
ATOM   1124 C CG  . PHE B 1 44  ? -4.844  -7.580  -6.975  1.00 66.89  ? 42   PHE B CG  1 
ATOM   1125 C CD1 . PHE B 1 44  ? -4.255  -6.901  -5.919  1.00 66.93  ? 42   PHE B CD1 1 
ATOM   1126 C CD2 . PHE B 1 44  ? -4.480  -7.232  -8.278  1.00 69.65  ? 42   PHE B CD2 1 
ATOM   1127 C CE1 . PHE B 1 44  ? -3.249  -5.897  -6.143  1.00 66.14  ? 42   PHE B CE1 1 
ATOM   1128 C CE2 . PHE B 1 44  ? -3.474  -6.225  -8.514  1.00 68.36  ? 42   PHE B CE2 1 
ATOM   1129 C CZ  . PHE B 1 44  ? -2.867  -5.564  -7.428  1.00 65.16  ? 42   PHE B CZ  1 
ATOM   1130 N N   . ASN B 1 45  ? -8.200  -7.616  -8.478  1.00 67.40  ? 43   ASN B N   1 
ATOM   1131 C CA  . ASN B 1 45  ? -8.664  -6.802  -9.598  1.00 66.89  ? 43   ASN B CA  1 
ATOM   1132 C C   . ASN B 1 45  ? -9.565  -5.633  -9.177  1.00 66.50  ? 43   ASN B C   1 
ATOM   1133 O O   . ASN B 1 45  ? -9.357  -4.497  -9.635  1.00 66.35  ? 43   ASN B O   1 
ATOM   1134 C CB  . ASN B 1 45  ? -9.389  -7.652  -10.608 1.00 67.30  ? 43   ASN B CB  1 
ATOM   1135 C CG  . ASN B 1 45  ? -9.635  -6.910  -11.892 1.00 69.30  ? 43   ASN B CG  1 
ATOM   1136 O OD1 . ASN B 1 45  ? -10.546 -6.072  -11.981 1.00 71.20  ? 43   ASN B OD1 1 
ATOM   1137 N ND2 . ASN B 1 45  ? -8.820  -7.214  -12.917 1.00 70.57  ? 43   ASN B ND2 1 
ATOM   1138 N N   . GLU B 1 46  ? -10.548 -5.917  -8.303  1.00 65.89  ? 44   GLU B N   1 
ATOM   1139 C CA  . GLU B 1 46  ? -11.382 -4.873  -7.687  1.00 64.86  ? 44   GLU B CA  1 
ATOM   1140 C C   . GLU B 1 46  ? -10.558 -3.921  -6.867  1.00 63.85  ? 44   GLU B C   1 
ATOM   1141 O O   . GLU B 1 46  ? -10.647 -2.714  -7.062  1.00 64.09  ? 44   GLU B O   1 
ATOM   1142 C CB  . GLU B 1 46  ? -12.444 -5.464  -6.791  1.00 65.16  ? 44   GLU B CB  1 
ATOM   1143 C CG  . GLU B 1 46  ? -13.723 -5.583  -7.518  1.00 67.58  ? 44   GLU B CG  1 
ATOM   1144 C CD  . GLU B 1 46  ? -14.632 -6.631  -6.945  1.00 71.01  ? 44   GLU B CD  1 
ATOM   1145 O OE1 . GLU B 1 46  ? -14.718 -6.760  -5.697  1.00 73.82  ? 44   GLU B OE1 1 
ATOM   1146 O OE2 . GLU B 1 46  ? -15.263 -7.329  -7.767  1.00 72.41  ? 44   GLU B OE2 1 
ATOM   1147 N N   . ALA B 1 47  ? -9.735  -4.454  -5.970  1.00 62.61  ? 45   ALA B N   1 
ATOM   1148 C CA  . ALA B 1 47  ? -8.989  -3.596  -5.068  1.00 62.02  ? 45   ALA B CA  1 
ATOM   1149 C C   . ALA B 1 47  ? -8.193  -2.601  -5.879  1.00 61.96  ? 45   ALA B C   1 
ATOM   1150 O O   . ALA B 1 47  ? -8.083  -1.415  -5.532  1.00 61.94  ? 45   ALA B O   1 
ATOM   1151 C CB  . ALA B 1 47  ? -8.080  -4.400  -4.174  1.00 62.03  ? 45   ALA B CB  1 
ATOM   1152 N N   . TRP B 1 48  ? -7.664  -3.065  -6.992  1.00 61.44  ? 46   TRP B N   1 
ATOM   1153 C CA  . TRP B 1 48  ? -6.879  -2.167  -7.758  1.00 61.61  ? 46   TRP B CA  1 
ATOM   1154 C C   . TRP B 1 48  ? -7.703  -1.104  -8.475  1.00 61.07  ? 46   TRP B C   1 
ATOM   1155 O O   . TRP B 1 48  ? -7.347  0.075   -8.439  1.00 60.20  ? 46   TRP B O   1 
ATOM   1156 C CB  . TRP B 1 48  ? -6.030  -2.943  -8.716  1.00 62.48  ? 46   TRP B CB  1 
ATOM   1157 C CG  . TRP B 1 48  ? -4.937  -2.069  -9.309  1.00 64.02  ? 46   TRP B CG  1 
ATOM   1158 C CD1 . TRP B 1 48  ? -4.871  -1.602  -10.586 1.00 64.64  ? 46   TRP B CD1 1 
ATOM   1159 C CD2 . TRP B 1 48  ? -3.769  -1.571  -8.642  1.00 63.49  ? 46   TRP B CD2 1 
ATOM   1160 N NE1 . TRP B 1 48  ? -3.744  -0.848  -10.749 1.00 64.50  ? 46   TRP B NE1 1 
ATOM   1161 C CE2 . TRP B 1 48  ? -3.047  -0.819  -9.575  1.00 63.28  ? 46   TRP B CE2 1 
ATOM   1162 C CE3 . TRP B 1 48  ? -3.263  -1.691  -7.346  1.00 64.49  ? 46   TRP B CE3 1 
ATOM   1163 C CZ2 . TRP B 1 48  ? -1.840  -0.186  -9.256  1.00 64.01  ? 46   TRP B CZ2 1 
ATOM   1164 C CZ3 . TRP B 1 48  ? -2.057  -1.037  -7.029  1.00 63.50  ? 46   TRP B CZ3 1 
ATOM   1165 C CH2 . TRP B 1 48  ? -1.372  -0.305  -7.974  1.00 63.22  ? 46   TRP B CH2 1 
ATOM   1166 N N   . GLY B 1 49  ? -8.799  -1.532  -9.100  1.00 60.84  ? 47   GLY B N   1 
ATOM   1167 C CA  . GLY B 1 49  ? -9.780  -0.612  -9.678  1.00 61.48  ? 47   GLY B CA  1 
ATOM   1168 C C   . GLY B 1 49  ? -10.102 0.490   -8.685  1.00 62.36  ? 47   GLY B C   1 
ATOM   1169 O O   . GLY B 1 49  ? -9.993  1.693   -9.013  1.00 62.49  ? 47   GLY B O   1 
ATOM   1170 N N   . PHE B 1 50  ? -10.460 0.065   -7.463  1.00 62.58  ? 48   PHE B N   1 
ATOM   1171 C CA  . PHE B 1 50  ? -10.549 0.943   -6.328  1.00 63.12  ? 48   PHE B CA  1 
ATOM   1172 C C   . PHE B 1 50  ? -9.356  1.897   -6.165  1.00 63.28  ? 48   PHE B C   1 
ATOM   1173 O O   . PHE B 1 50  ? -9.507  3.112   -6.396  1.00 62.99  ? 48   PHE B O   1 
ATOM   1174 C CB  . PHE B 1 50  ? -10.691 0.159   -5.044  1.00 63.72  ? 48   PHE B CB  1 
ATOM   1175 C CG  . PHE B 1 50  ? -10.855 1.056   -3.829  1.00 65.77  ? 48   PHE B CG  1 
ATOM   1176 C CD1 . PHE B 1 50  ? -11.888 1.991   -3.768  1.00 66.93  ? 48   PHE B CD1 1 
ATOM   1177 C CD2 . PHE B 1 50  ? -9.976  0.994   -2.768  1.00 66.15  ? 48   PHE B CD2 1 
ATOM   1178 C CE1 . PHE B 1 50  ? -12.016 2.829   -2.649  1.00 68.09  ? 48   PHE B CE1 1 
ATOM   1179 C CE2 . PHE B 1 50  ? -10.119 1.836   -1.644  1.00 64.96  ? 48   PHE B CE2 1 
ATOM   1180 C CZ  . PHE B 1 50  ? -11.132 2.733   -1.587  1.00 65.15  ? 48   PHE B CZ  1 
ATOM   1181 N N   . MET B 1 51  ? -8.187  1.359   -5.771  1.00 62.90  ? 49   MET B N   1 
ATOM   1182 C CA  . MET B 1 51  ? -6.988  2.197   -5.582  1.00 62.97  ? 49   MET B CA  1 
ATOM   1183 C C   . MET B 1 51  ? -6.705  3.102   -6.744  1.00 63.11  ? 49   MET B C   1 
ATOM   1184 O O   . MET B 1 51  ? -6.425  4.277   -6.543  1.00 63.20  ? 49   MET B O   1 
ATOM   1185 C CB  . MET B 1 51  ? -5.742  1.409   -5.278  1.00 62.37  ? 49   MET B CB  1 
ATOM   1186 C CG  . MET B 1 51  ? -5.906  0.539   -4.078  1.00 63.26  ? 49   MET B CG  1 
ATOM   1187 S SD  . MET B 1 51  ? -4.467  -0.458  -3.659  1.00 63.87  ? 49   MET B SD  1 
ATOM   1188 C CE  . MET B 1 51  ? -3.226  0.818   -3.444  1.00 61.89  ? 49   MET B CE  1 
ATOM   1189 N N   . SER B 1 52  ? -6.821  2.576   -7.951  1.00 63.56  ? 50   SER B N   1 
ATOM   1190 C CA  . SER B 1 52  ? -6.620  3.396   -9.140  1.00 65.00  ? 50   SER B CA  1 
ATOM   1191 C C   . SER B 1 52  ? -7.368  4.724   -9.106  1.00 65.12  ? 50   SER B C   1 
ATOM   1192 O O   . SER B 1 52  ? -6.769  5.790   -9.418  1.00 65.37  ? 50   SER B O   1 
ATOM   1193 C CB  . SER B 1 52  ? -7.011  2.633   -10.390 1.00 65.69  ? 50   SER B CB  1 
ATOM   1194 O OG  . SER B 1 52  ? -6.347  1.360   -10.396 1.00 70.17  ? 50   SER B OG  1 
ATOM   1195 N N   . ARG B 1 53  ? -8.660  4.687   -8.752  1.00 64.71  ? 51   ARG B N   1 
ATOM   1196 C CA  . ARG B 1 53  ? -9.422  5.942   -8.736  1.00 64.12  ? 51   ARG B CA  1 
ATOM   1197 C C   . ARG B 1 53  ? -8.917  6.829   -7.581  1.00 64.33  ? 51   ARG B C   1 
ATOM   1198 O O   . ARG B 1 53  ? -8.810  8.075   -7.750  1.00 64.59  ? 51   ARG B O   1 
ATOM   1199 C CB  . ARG B 1 53  ? -10.927 5.707   -8.644  1.00 64.04  ? 51   ARG B CB  1 
ATOM   1200 C CG  . ARG B 1 53  ? -11.519 5.061   -9.852  1.00 64.19  ? 51   ARG B CG  1 
ATOM   1201 C CD  . ARG B 1 53  ? -13.000 4.910   -9.700  1.00 65.06  ? 51   ARG B CD  1 
ATOM   1202 N NE  . ARG B 1 53  ? -13.609 6.237   -9.656  1.00 64.93  ? 51   ARG B NE  1 
ATOM   1203 C CZ  . ARG B 1 53  ? -14.774 6.505   -9.097  1.00 63.08  ? 51   ARG B CZ  1 
ATOM   1204 N NH1 . ARG B 1 53  ? -15.481 5.531   -8.527  1.00 66.10  ? 51   ARG B NH1 1 
ATOM   1205 N NH2 . ARG B 1 53  ? -15.216 7.744   -9.098  1.00 60.42  ? 51   ARG B NH2 1 
ATOM   1206 N N   . VAL B 1 54  ? -8.594  6.208   -6.431  1.00 63.47  ? 52   VAL B N   1 
ATOM   1207 C CA  . VAL B 1 54  ? -8.182  7.002   -5.271  1.00 63.49  ? 52   VAL B CA  1 
ATOM   1208 C C   . VAL B 1 54  ? -6.880  7.701   -5.626  1.00 63.55  ? 52   VAL B C   1 
ATOM   1209 O O   . VAL B 1 54  ? -6.653  8.849   -5.235  1.00 63.31  ? 52   VAL B O   1 
ATOM   1210 C CB  . VAL B 1 54  ? -7.970  6.185   -3.964  1.00 64.04  ? 52   VAL B CB  1 
ATOM   1211 C CG1 . VAL B 1 54  ? -7.708  7.111   -2.813  1.00 62.62  ? 52   VAL B CG1 1 
ATOM   1212 C CG2 . VAL B 1 54  ? -9.188  5.308   -3.626  1.00 64.49  ? 52   VAL B CG2 1 
ATOM   1213 N N   . ALA B 1 55  ? -6.042  7.001   -6.397  1.00 63.94  ? 53   ALA B N   1 
ATOM   1214 C CA  . ALA B 1 55  ? -4.763  7.561   -6.897  1.00 63.79  ? 53   ALA B CA  1 
ATOM   1215 C C   . ALA B 1 55  ? -4.984  8.842   -7.621  1.00 63.66  ? 53   ALA B C   1 
ATOM   1216 O O   . ALA B 1 55  ? -4.354  9.817   -7.313  1.00 63.52  ? 53   ALA B O   1 
ATOM   1217 C CB  . ALA B 1 55  ? -4.043  6.587   -7.796  1.00 63.82  ? 53   ALA B CB  1 
ATOM   1218 N N   . LEU B 1 56  ? -5.923  8.831   -8.550  1.00 64.70  ? 54   LEU B N   1 
ATOM   1219 C CA  . LEU B 1 56  ? -6.188  9.967   -9.429  1.00 65.80  ? 54   LEU B CA  1 
ATOM   1220 C C   . LEU B 1 56  ? -6.603  11.206  -8.665  1.00 66.48  ? 54   LEU B C   1 
ATOM   1221 O O   . LEU B 1 56  ? -6.103  12.331  -8.887  1.00 67.01  ? 54   LEU B O   1 
ATOM   1222 C CB  . LEU B 1 56  ? -7.289  9.584   -10.399 1.00 65.53  ? 54   LEU B CB  1 
ATOM   1223 C CG  . LEU B 1 56  ? -6.797  8.935   -11.680 1.00 66.30  ? 54   LEU B CG  1 
ATOM   1224 C CD1 . LEU B 1 56  ? -7.967  8.748   -12.519 1.00 70.99  ? 54   LEU B CD1 1 
ATOM   1225 C CD2 . LEU B 1 56  ? -5.844  9.840   -12.414 1.00 67.33  ? 54   LEU B CD2 1 
ATOM   1226 N N   . TYR B 1 57  ? -7.528  10.972  -7.756  1.00 67.58  ? 55   TYR B N   1 
ATOM   1227 C CA  . TYR B 1 57  ? -8.016  12.000  -6.868  1.00 68.83  ? 55   TYR B CA  1 
ATOM   1228 C C   . TYR B 1 57  ? -6.863  12.557  -6.008  1.00 68.53  ? 55   TYR B C   1 
ATOM   1229 O O   . TYR B 1 57  ? -6.707  13.764  -5.913  1.00 68.03  ? 55   TYR B O   1 
ATOM   1230 C CB  . TYR B 1 57  ? -9.169  11.419  -6.010  1.00 70.28  ? 55   TYR B CB  1 
ATOM   1231 C CG  . TYR B 1 57  ? -9.523  12.297  -4.844  1.00 72.70  ? 55   TYR B CG  1 
ATOM   1232 C CD1 . TYR B 1 57  ? -10.685 13.100  -4.849  1.00 74.23  ? 55   TYR B CD1 1 
ATOM   1233 C CD2 . TYR B 1 57  ? -8.674  12.355  -3.729  1.00 74.65  ? 55   TYR B CD2 1 
ATOM   1234 C CE1 . TYR B 1 57  ? -10.991 13.959  -3.737  1.00 74.72  ? 55   TYR B CE1 1 
ATOM   1235 C CE2 . TYR B 1 57  ? -8.958  13.191  -2.615  1.00 76.90  ? 55   TYR B CE2 1 
ATOM   1236 C CZ  . TYR B 1 57  ? -10.110 13.999  -2.621  1.00 75.28  ? 55   TYR B CZ  1 
ATOM   1237 O OH  . TYR B 1 57  ? -10.321 14.796  -1.508  1.00 73.51  ? 55   TYR B OH  1 
ATOM   1238 N N   . ALA B 1 58  ? -6.050  11.667  -5.421  1.00 68.69  ? 56   ALA B N   1 
ATOM   1239 C CA  . ALA B 1 58  ? -4.997  12.056  -4.483  1.00 69.16  ? 56   ALA B CA  1 
ATOM   1240 C C   . ALA B 1 58  ? -3.969  12.945  -5.110  1.00 70.45  ? 56   ALA B C   1 
ATOM   1241 O O   . ALA B 1 58  ? -3.594  13.955  -4.534  1.00 70.88  ? 56   ALA B O   1 
ATOM   1242 C CB  . ALA B 1 58  ? -4.345  10.880  -3.861  1.00 68.03  ? 56   ALA B CB  1 
ATOM   1243 N N   . ASP B 1 59  ? -3.506  12.600  -6.297  1.00 71.98  ? 57   ASP B N   1 
ATOM   1244 C CA  . ASP B 1 59  ? -2.552  13.466  -6.915  1.00 73.78  ? 57   ASP B CA  1 
ATOM   1245 C C   . ASP B 1 59  ? -3.210  14.782  -7.331  1.00 74.39  ? 57   ASP B C   1 
ATOM   1246 O O   . ASP B 1 59  ? -2.531  15.824  -7.361  1.00 74.71  ? 57   ASP B O   1 
ATOM   1247 C CB  . ASP B 1 59  ? -1.882  12.793  -8.084  1.00 74.43  ? 57   ASP B CB  1 
ATOM   1248 C CG  . ASP B 1 59  ? -0.372  13.114  -8.155  1.00 78.54  ? 57   ASP B CG  1 
ATOM   1249 O OD1 . ASP B 1 59  ? 0.341   13.075  -7.086  1.00 77.51  ? 57   ASP B OD1 1 
ATOM   1250 O OD2 . ASP B 1 59  ? 0.090   13.404  -9.307  1.00 83.83  ? 57   ASP B OD2 1 
ATOM   1251 N N   . LYS B 1 60  ? -4.520  14.754  -7.620  1.00 74.61  ? 58   LYS B N   1 
ATOM   1252 C CA  . LYS B 1 60  ? -5.252  15.983  -7.945  1.00 74.46  ? 58   LYS B CA  1 
ATOM   1253 C C   . LYS B 1 60  ? -5.233  16.944  -6.782  1.00 74.24  ? 58   LYS B C   1 
ATOM   1254 O O   . LYS B 1 60  ? -4.779  18.065  -6.923  1.00 74.45  ? 58   LYS B O   1 
ATOM   1255 C CB  . LYS B 1 60  ? -6.694  15.698  -8.396  1.00 75.37  ? 58   LYS B CB  1 
ATOM   1256 C CG  . LYS B 1 60  ? -7.622  16.930  -8.660  1.00 74.92  ? 58   LYS B CG  1 
ATOM   1257 C CD  . LYS B 1 60  ? -8.525  16.676  -9.920  1.00 79.26  ? 58   LYS B CD  1 
ATOM   1258 C CE  . LYS B 1 60  ? -9.954  17.352  -9.917  1.00 81.81  ? 58   LYS B CE  1 
ATOM   1259 N NZ  . LYS B 1 60  ? -10.091 18.737  -10.657 1.00 88.60  ? 58   LYS B NZ  1 
ATOM   1260 N N   . VAL B 1 61  ? -5.675  16.484  -5.623  1.00 73.96  ? 59   VAL B N   1 
ATOM   1261 C CA  . VAL B 1 61  ? -5.919  17.372  -4.490  1.00 73.50  ? 59   VAL B CA  1 
ATOM   1262 C C   . VAL B 1 61  ? -4.671  17.421  -3.650  1.00 74.07  ? 59   VAL B C   1 
ATOM   1263 O O   . VAL B 1 61  ? -4.663  17.901  -2.530  1.00 74.61  ? 59   VAL B O   1 
ATOM   1264 C CB  . VAL B 1 61  ? -7.143  16.918  -3.618  1.00 73.02  ? 59   VAL B CB  1 
ATOM   1265 C CG1 . VAL B 1 61  ? -8.331  16.493  -4.466  1.00 71.65  ? 59   VAL B CG1 1 
ATOM   1266 C CG2 . VAL B 1 61  ? -6.778  15.805  -2.724  1.00 72.17  ? 59   VAL B CG2 1 
ATOM   1267 N N   . ASP B 1 62  ? -3.618  16.854  -4.199  1.00 74.73  ? 60   ASP B N   1 
ATOM   1268 C CA  . ASP B 1 62  ? -2.301  16.784  -3.581  1.00 75.16  ? 60   ASP B CA  1 
ATOM   1269 C C   . ASP B 1 62  ? -2.241  16.251  -2.143  1.00 74.89  ? 60   ASP B C   1 
ATOM   1270 O O   . ASP B 1 62  ? -1.379  16.579  -1.371  1.00 76.08  ? 60   ASP B O   1 
ATOM   1271 C CB  . ASP B 1 62  ? -1.598  18.112  -3.760  1.00 75.08  ? 60   ASP B CB  1 
ATOM   1272 C CG  . ASP B 1 62  ? -0.154  18.021  -3.474  1.00 78.01  ? 60   ASP B CG  1 
ATOM   1273 O OD1 . ASP B 1 62  ? 0.358   16.921  -3.192  1.00 82.73  ? 60   ASP B OD1 1 
ATOM   1274 O OD2 . ASP B 1 62  ? 0.499   19.060  -3.484  1.00 83.53  ? 60   ASP B OD2 1 
ATOM   1275 N N   . HIS B 1 63  ? -3.136  15.369  -1.791  1.00 74.79  ? 61   HIS B N   1 
ATOM   1276 C CA  . HIS B 1 63  ? -3.182  14.889  -0.424  1.00 74.57  ? 61   HIS B CA  1 
ATOM   1277 C C   . HIS B 1 63  ? -3.328  13.354  -0.465  1.00 74.14  ? 61   HIS B C   1 
ATOM   1278 O O   . HIS B 1 63  ? -4.297  12.843  -1.064  1.00 73.53  ? 61   HIS B O   1 
ATOM   1279 C CB  . HIS B 1 63  ? -4.342  15.568  0.266   1.00 75.06  ? 61   HIS B CB  1 
ATOM   1280 C CG  . HIS B 1 63  ? -4.440  15.300  1.734   1.00 77.09  ? 61   HIS B CG  1 
ATOM   1281 N ND1 . HIS B 1 63  ? -3.658  15.952  2.659   1.00 79.82  ? 61   HIS B ND1 1 
ATOM   1282 C CD2 . HIS B 1 63  ? -5.282  14.506  2.445   1.00 77.89  ? 61   HIS B CD2 1 
ATOM   1283 C CE1 . HIS B 1 63  ? -3.981  15.530  3.875   1.00 80.07  ? 61   HIS B CE1 1 
ATOM   1284 N NE2 . HIS B 1 63  ? -4.965  14.658  3.774   1.00 77.03  ? 61   HIS B NE2 1 
ATOM   1285 N N   . HIS B 1 64  ? -2.370  12.633  0.160   1.00 73.05  ? 62   HIS B N   1 
ATOM   1286 C CA  . HIS B 1 64  ? -2.104  11.211  -0.186  1.00 72.07  ? 62   HIS B CA  1 
ATOM   1287 C C   . HIS B 1 64  ? -2.352  10.198  0.903   1.00 70.79  ? 62   HIS B C   1 
ATOM   1288 O O   . HIS B 1 64  ? -2.124  10.487  2.009   1.00 71.46  ? 62   HIS B O   1 
ATOM   1289 C CB  . HIS B 1 64  ? -0.668  11.082  -0.668  1.00 72.20  ? 62   HIS B CB  1 
ATOM   1290 C CG  . HIS B 1 64  ? -0.397  11.853  -1.917  1.00 73.78  ? 62   HIS B CG  1 
ATOM   1291 N ND1 . HIS B 1 64  ? 0.350   13.012  -1.927  1.00 75.82  ? 62   HIS B ND1 1 
ATOM   1292 C CD2 . HIS B 1 64  ? -0.797  11.642  -3.194  1.00 73.80  ? 62   HIS B CD2 1 
ATOM   1293 C CE1 . HIS B 1 64  ? 0.429   13.460  -3.168  1.00 77.66  ? 62   HIS B CE1 1 
ATOM   1294 N NE2 . HIS B 1 64  ? -0.263  12.648  -3.954  1.00 77.05  ? 62   HIS B NE2 1 
ATOM   1295 N N   . PRO B 1 65  ? -2.782  8.985   0.582   1.00 70.06  ? 63   PRO B N   1 
ATOM   1296 C CA  . PRO B 1 65  ? -3.077  8.070   1.662   1.00 69.90  ? 63   PRO B CA  1 
ATOM   1297 C C   . PRO B 1 65  ? -1.849  7.382   2.160   1.00 70.59  ? 63   PRO B C   1 
ATOM   1298 O O   . PRO B 1 65  ? -0.806  7.441   1.509   1.00 71.37  ? 63   PRO B O   1 
ATOM   1299 C CB  . PRO B 1 65  ? -3.911  6.998   0.983   1.00 69.59  ? 63   PRO B CB  1 
ATOM   1300 C CG  . PRO B 1 65  ? -4.015  7.381   -0.450  1.00 68.41  ? 63   PRO B CG  1 
ATOM   1301 C CD  . PRO B 1 65  ? -3.014  8.373   -0.730  1.00 69.75  ? 63   PRO B CD  1 
ATOM   1302 N N   . ASN B 1 66  ? -1.991  6.728   3.310   1.00 71.10  ? 64   ASN B N   1 
ATOM   1303 C CA  . ASN B 1 66  ? -1.064  5.704   3.787   1.00 71.12  ? 64   ASN B CA  1 
ATOM   1304 C C   . ASN B 1 66  ? -1.876  4.486   3.715   1.00 71.24  ? 64   ASN B C   1 
ATOM   1305 O O   . ASN B 1 66  ? -2.746  4.290   4.561   1.00 71.66  ? 64   ASN B O   1 
ATOM   1306 C CB  . ASN B 1 66  ? -0.756  5.852   5.250   1.00 70.75  ? 64   ASN B CB  1 
ATOM   1307 C CG  . ASN B 1 66  ? -0.119  7.172   5.574   1.00 72.99  ? 64   ASN B CG  1 
ATOM   1308 O OD1 . ASN B 1 66  ? 1.079   7.186   5.861   1.00 76.60  ? 64   ASN B OD1 1 
ATOM   1309 N ND2 . ASN B 1 66  ? -0.901  8.297   5.558   1.00 71.34  ? 64   ASN B ND2 1 
ATOM   1310 N N   . TRP B 1 67  ? -1.620  3.662   2.718   1.00 70.95  ? 65   TRP B N   1 
ATOM   1311 C CA  . TRP B 1 67  ? -2.368  2.450   2.620   1.00 70.81  ? 65   TRP B CA  1 
ATOM   1312 C C   . TRP B 1 67  ? -1.487  1.249   2.419   1.00 71.33  ? 65   TRP B C   1 
ATOM   1313 O O   . TRP B 1 67  ? -0.358  1.357   1.960   1.00 71.72  ? 65   TRP B O   1 
ATOM   1314 C CB  . TRP B 1 67  ? -3.401  2.582   1.519   1.00 70.07  ? 65   TRP B CB  1 
ATOM   1315 C CG  . TRP B 1 67  ? -2.871  3.215   0.271   1.00 69.79  ? 65   TRP B CG  1 
ATOM   1316 C CD1 . TRP B 1 67  ? -1.569  3.510   -0.017  1.00 67.73  ? 65   TRP B CD1 1 
ATOM   1317 C CD2 . TRP B 1 67  ? -3.637  3.586   -0.892  1.00 67.90  ? 65   TRP B CD2 1 
ATOM   1318 N NE1 . TRP B 1 67  ? -1.491  4.048   -1.278  1.00 67.37  ? 65   TRP B NE1 1 
ATOM   1319 C CE2 . TRP B 1 67  ? -2.743  4.103   -1.830  1.00 66.03  ? 65   TRP B CE2 1 
ATOM   1320 C CE3 . TRP B 1 67  ? -4.998  3.533   -1.216  1.00 68.46  ? 65   TRP B CE3 1 
ATOM   1321 C CZ2 . TRP B 1 67  ? -3.156  4.562   -3.069  1.00 68.50  ? 65   TRP B CZ2 1 
ATOM   1322 C CZ3 . TRP B 1 67  ? -5.416  4.014   -2.452  1.00 67.77  ? 65   TRP B CZ3 1 
ATOM   1323 C CH2 . TRP B 1 67  ? -4.504  4.503   -3.365  1.00 68.98  ? 65   TRP B CH2 1 
ATOM   1324 N N   . TYR B 1 68  ? -2.027  0.094   2.767   1.00 72.40  ? 66   TYR B N   1 
ATOM   1325 C CA  . TYR B 1 68  ? -1.283  -1.140  2.817   1.00 73.10  ? 66   TYR B CA  1 
ATOM   1326 C C   . TYR B 1 68  ? -2.167  -2.112  2.118   1.00 72.01  ? 66   TYR B C   1 
ATOM   1327 O O   . TYR B 1 68  ? -3.287  -2.332  2.543   1.00 72.48  ? 66   TYR B O   1 
ATOM   1328 C CB  . TYR B 1 68  ? -1.052  -1.531  4.276   1.00 75.31  ? 66   TYR B CB  1 
ATOM   1329 C CG  . TYR B 1 68  ? -0.471  -2.897  4.458   1.00 79.05  ? 66   TYR B CG  1 
ATOM   1330 C CD1 . TYR B 1 68  ? 0.905   -3.127  4.251   1.00 82.13  ? 66   TYR B CD1 1 
ATOM   1331 C CD2 . TYR B 1 68  ? -1.290  -3.976  4.875   1.00 82.03  ? 66   TYR B CD2 1 
ATOM   1332 C CE1 . TYR B 1 68  ? 1.453   -4.418  4.415   1.00 83.06  ? 66   TYR B CE1 1 
ATOM   1333 C CE2 . TYR B 1 68  ? -0.767  -5.253  5.051   1.00 82.67  ? 66   TYR B CE2 1 
ATOM   1334 C CZ  . TYR B 1 68  ? 0.601   -5.465  4.812   1.00 82.20  ? 66   TYR B CZ  1 
ATOM   1335 O OH  . TYR B 1 68  ? 1.110   -6.728  4.972   1.00 82.56  ? 66   TYR B OH  1 
ATOM   1336 N N   . ASN B 1 69  ? -1.698  -2.639  1.003   1.00 70.75  ? 67   ASN B N   1 
ATOM   1337 C CA  . ASN B 1 69  ? -2.503  -3.535  0.220   1.00 70.45  ? 67   ASN B CA  1 
ATOM   1338 C C   . ASN B 1 69  ? -1.917  -4.933  0.266   1.00 70.72  ? 67   ASN B C   1 
ATOM   1339 O O   . ASN B 1 69  ? -0.696  -5.138  0.108   1.00 71.12  ? 67   ASN B O   1 
ATOM   1340 C CB  . ASN B 1 69  ? -2.612  -3.038  -1.214  1.00 70.05  ? 67   ASN B CB  1 
ATOM   1341 C CG  . ASN B 1 69  ? -3.269  -4.049  -2.136  1.00 71.69  ? 67   ASN B CG  1 
ATOM   1342 O OD1 . ASN B 1 69  ? -2.750  -4.374  -3.209  1.00 71.99  ? 67   ASN B OD1 1 
ATOM   1343 N ND2 . ASN B 1 69  ? -4.410  -4.576  -1.710  1.00 73.75  ? 67   ASN B ND2 1 
ATOM   1344 N N   . VAL B 1 70  ? -2.791  -5.894  0.532   1.00 70.65  ? 68   VAL B N   1 
ATOM   1345 C CA  . VAL B 1 70  ? -2.481  -7.299  0.355   1.00 70.76  ? 68   VAL B CA  1 
ATOM   1346 C C   . VAL B 1 70  ? -3.655  -7.845  -0.438  1.00 70.98  ? 68   VAL B C   1 
ATOM   1347 O O   . VAL B 1 70  ? -4.794  -7.849  0.046   1.00 71.30  ? 68   VAL B O   1 
ATOM   1348 C CB  . VAL B 1 70  ? -2.417  -8.080  1.700   1.00 70.61  ? 68   VAL B CB  1 
ATOM   1349 C CG1 . VAL B 1 70  ? -2.318  -9.581  1.440   1.00 71.77  ? 68   VAL B CG1 1 
ATOM   1350 C CG2 . VAL B 1 70  ? -1.266  -7.637  2.588   1.00 70.06  ? 68   VAL B CG2 1 
ATOM   1351 N N   . TYR B 1 71  ? -3.404  -8.308  -1.647  1.00 71.23  ? 69   TYR B N   1 
ATOM   1352 C CA  . TYR B 1 71  ? -4.455  -8.979  -2.359  1.00 71.96  ? 69   TYR B CA  1 
ATOM   1353 C C   . TYR B 1 71  ? -5.744  -8.111  -2.446  1.00 72.00  ? 69   TYR B C   1 
ATOM   1354 O O   . TYR B 1 71  ? -5.747  -7.072  -3.138  1.00 72.52  ? 69   TYR B O   1 
ATOM   1355 C CB  . TYR B 1 71  ? -4.696  -10.404 -1.814  1.00 73.38  ? 69   TYR B CB  1 
ATOM   1356 C CG  . TYR B 1 71  ? -5.552  -11.131 -2.785  1.00 75.29  ? 69   TYR B CG  1 
ATOM   1357 C CD1 . TYR B 1 71  ? -5.098  -11.299 -4.085  1.00 77.47  ? 69   TYR B CD1 1 
ATOM   1358 C CD2 . TYR B 1 71  ? -6.864  -11.528 -2.472  1.00 75.01  ? 69   TYR B CD2 1 
ATOM   1359 C CE1 . TYR B 1 71  ? -5.907  -11.873 -5.052  1.00 78.66  ? 69   TYR B CE1 1 
ATOM   1360 C CE2 . TYR B 1 71  ? -7.687  -12.114 -3.428  1.00 75.54  ? 69   TYR B CE2 1 
ATOM   1361 C CZ  . TYR B 1 71  ? -7.184  -12.284 -4.721  1.00 77.51  ? 69   TYR B CZ  1 
ATOM   1362 O OH  . TYR B 1 71  ? -7.895  -12.860 -5.751  1.00 79.06  ? 69   TYR B OH  1 
ATOM   1363 N N   . ASN B 1 72  ? -6.821  -8.481  -1.762  1.00 71.28  ? 70   ASN B N   1 
ATOM   1364 C CA  . ASN B 1 72  ? -8.109  -7.812  -2.010  1.00 71.01  ? 70   ASN B CA  1 
ATOM   1365 C C   . ASN B 1 72  ? -8.460  -6.884  -0.877  1.00 70.77  ? 70   ASN B C   1 
ATOM   1366 O O   . ASN B 1 72  ? -9.521  -6.278  -0.881  1.00 71.12  ? 70   ASN B O   1 
ATOM   1367 C CB  . ASN B 1 72  ? -9.214  -8.837  -2.117  1.00 71.44  ? 70   ASN B CB  1 
ATOM   1368 C CG  . ASN B 1 72  ? -9.434  -9.583  -0.795  1.00 71.79  ? 70   ASN B CG  1 
ATOM   1369 O OD1 . ASN B 1 72  ? -8.515  -9.997  -0.093  1.00 72.63  ? 70   ASN B OD1 1 
ATOM   1370 N ND2 . ASN B 1 72  ? -10.653 -9.702  -0.441  1.00 75.48  ? 70   ASN B ND2 1 
ATOM   1371 N N   . THR B 1 73  ? -7.593  -6.800  0.116   1.00 69.81  ? 71   THR B N   1 
ATOM   1372 C CA  . THR B 1 73  ? -7.828  -5.905  1.195   1.00 69.78  ? 71   THR B CA  1 
ATOM   1373 C C   . THR B 1 73  ? -6.901  -4.676  0.999   1.00 69.61  ? 71   THR B C   1 
ATOM   1374 O O   . THR B 1 73  ? -5.726  -4.810  0.620   1.00 70.18  ? 71   THR B O   1 
ATOM   1375 C CB  . THR B 1 73  ? -7.561  -6.573  2.555   1.00 69.98  ? 71   THR B CB  1 
ATOM   1376 O OG1 . THR B 1 73  ? -6.482  -5.892  3.176   1.00 74.08  ? 71   THR B OG1 1 
ATOM   1377 C CG2 . THR B 1 73  ? -7.102  -8.046  2.449   1.00 71.03  ? 71   THR B CG2 1 
ATOM   1378 N N   . VAL B 1 74  ? -7.416  -3.472  1.248   1.00 69.18  ? 72   VAL B N   1 
ATOM   1379 C CA  . VAL B 1 74  ? -6.621  -2.228  1.207   1.00 68.49  ? 72   VAL B CA  1 
ATOM   1380 C C   . VAL B 1 74  ? -6.881  -1.495  2.532   1.00 69.73  ? 72   VAL B C   1 
ATOM   1381 O O   . VAL B 1 74  ? -8.045  -1.135  2.853   1.00 70.01  ? 72   VAL B O   1 
ATOM   1382 C CB  . VAL B 1 74  ? -7.138  -1.311  0.126   1.00 67.88  ? 72   VAL B CB  1 
ATOM   1383 C CG1 . VAL B 1 74  ? -6.415  0.033   0.155   1.00 66.96  ? 72   VAL B CG1 1 
ATOM   1384 C CG2 . VAL B 1 74  ? -7.068  -1.968  -1.200  1.00 66.38  ? 72   VAL B CG2 1 
ATOM   1385 N N   . ASP B 1 75  ? -5.818  -1.256  3.302   1.00 70.07  ? 73   ASP B N   1 
ATOM   1386 C CA  . ASP B 1 75  ? -5.972  -0.812  4.678   1.00 70.17  ? 73   ASP B CA  1 
ATOM   1387 C C   . ASP B 1 75  ? -5.444  0.588   4.813   1.00 69.90  ? 73   ASP B C   1 
ATOM   1388 O O   . ASP B 1 75  ? -4.255  0.778   4.795   1.00 70.07  ? 73   ASP B O   1 
ATOM   1389 C CB  . ASP B 1 75  ? -5.172  -1.746  5.565   1.00 70.94  ? 73   ASP B CB  1 
ATOM   1390 C CG  . ASP B 1 75  ? -5.628  -1.742  7.021   1.00 73.47  ? 73   ASP B CG  1 
ATOM   1391 O OD1 . ASP B 1 75  ? -6.551  -0.979  7.390   1.00 79.22  ? 73   ASP B OD1 1 
ATOM   1392 O OD2 . ASP B 1 75  ? -5.044  -2.517  7.807   1.00 74.38  ? 73   ASP B OD2 1 
ATOM   1393 N N   . VAL B 1 76  ? -6.318  1.573   4.957   1.00 70.37  ? 74   VAL B N   1 
ATOM   1394 C CA  . VAL B 1 76  ? -5.897  2.981   4.934   1.00 70.78  ? 74   VAL B CA  1 
ATOM   1395 C C   . VAL B 1 76  ? -5.849  3.626   6.269   1.00 71.91  ? 74   VAL B C   1 
ATOM   1396 O O   . VAL B 1 76  ? -6.631  3.265   7.129   1.00 72.29  ? 74   VAL B O   1 
ATOM   1397 C CB  . VAL B 1 76  ? -6.892  3.868   4.235   1.00 70.55  ? 74   VAL B CB  1 
ATOM   1398 C CG1 . VAL B 1 76  ? -6.172  5.103   3.730   1.00 71.04  ? 74   VAL B CG1 1 
ATOM   1399 C CG2 . VAL B 1 76  ? -7.549  3.140   3.133   1.00 70.59  ? 74   VAL B CG2 1 
ATOM   1400 N N   . GLU B 1 77  ? -4.961  4.612   6.399   1.00 73.26  ? 75   GLU B N   1 
ATOM   1401 C CA  . GLU B 1 77  ? -4.873  5.493   7.556   1.00 74.83  ? 75   GLU B CA  1 
ATOM   1402 C C   . GLU B 1 77  ? -4.542  6.908   7.038   1.00 75.46  ? 75   GLU B C   1 
ATOM   1403 O O   . GLU B 1 77  ? -3.562  7.102   6.346   1.00 75.83  ? 75   GLU B O   1 
ATOM   1404 C CB  . GLU B 1 77  ? -3.855  4.969   8.580   1.00 74.52  ? 75   GLU B CB  1 
ATOM   1405 C CG  . GLU B 1 77  ? -3.082  6.061   9.333   1.00 76.78  ? 75   GLU B CG  1 
ATOM   1406 C CD  . GLU B 1 77  ? -2.561  5.564   10.678  1.00 80.58  ? 75   GLU B CD  1 
ATOM   1407 O OE1 . GLU B 1 77  ? -1.972  4.453   10.691  1.00 84.58  ? 75   GLU B OE1 1 
ATOM   1408 O OE2 . GLU B 1 77  ? -2.751  6.255   11.719  1.00 78.84  ? 75   GLU B OE2 1 
ATOM   1409 N N   . LEU B 1 78  ? -5.384  7.886   7.353   1.00 76.17  ? 76   LEU B N   1 
ATOM   1410 C CA  . LEU B 1 78  ? -5.261  9.200   6.772   1.00 77.05  ? 76   LEU B CA  1 
ATOM   1411 C C   . LEU B 1 78  ? -4.917  10.246  7.834   1.00 78.25  ? 76   LEU B C   1 
ATOM   1412 O O   . LEU B 1 78  ? -5.444  10.148  8.953   1.00 78.55  ? 76   LEU B O   1 
ATOM   1413 C CB  . LEU B 1 78  ? -6.578  9.563   6.085   1.00 76.48  ? 76   LEU B CB  1 
ATOM   1414 C CG  . LEU B 1 78  ? -7.078  8.645   4.974   1.00 76.69  ? 76   LEU B CG  1 
ATOM   1415 C CD1 . LEU B 1 78  ? -8.542  8.877   4.563   1.00 75.95  ? 76   LEU B CD1 1 
ATOM   1416 C CD2 . LEU B 1 78  ? -6.178  8.796   3.783   1.00 77.87  ? 76   LEU B CD2 1 
ATOM   1417 N N   . SER B 1 79  ? -4.045  11.213  7.479   1.00 79.11  ? 77   SER B N   1 
ATOM   1418 C CA  . SER B 1 79  ? -3.807  12.457  8.235   1.00 80.47  ? 77   SER B CA  1 
ATOM   1419 C C   . SER B 1 79  ? -2.822  13.412  7.581   1.00 82.57  ? 77   SER B C   1 
ATOM   1420 O O   . SER B 1 79  ? -1.827  12.994  7.026   1.00 82.79  ? 77   SER B O   1 
ATOM   1421 C CB  . SER B 1 79  ? -3.298  12.177  9.601   1.00 79.98  ? 77   SER B CB  1 
ATOM   1422 O OG  . SER B 1 79  ? -2.368  11.170  9.472   1.00 79.15  ? 77   SER B OG  1 
ATOM   1423 N N   . THR B 1 80  ? -3.088  14.711  7.675   1.00 85.42  ? 78   THR B N   1 
ATOM   1424 C CA  . THR B 1 80  ? -2.262  15.712  7.022   1.00 87.75  ? 78   THR B CA  1 
ATOM   1425 C C   . THR B 1 80  ? -0.942  15.753  7.730   1.00 90.21  ? 78   THR B C   1 
ATOM   1426 O O   . THR B 1 80  ? -0.886  16.137  8.904   1.00 90.25  ? 78   THR B O   1 
ATOM   1427 C CB  . THR B 1 80  ? -2.919  17.073  7.097   1.00 87.90  ? 78   THR B CB  1 
ATOM   1428 O OG1 . THR B 1 80  ? -4.328  16.923  6.831   1.00 85.44  ? 78   THR B OG1 1 
ATOM   1429 C CG2 . THR B 1 80  ? -2.224  18.102  6.106   1.00 88.55  ? 78   THR B CG2 1 
ATOM   1430 N N   . HIS B 1 81  ? 0.104   15.314  7.024   1.00 93.40  ? 79   HIS B N   1 
ATOM   1431 C CA  . HIS B 1 81  ? 1.446   15.193  7.607   1.00 96.30  ? 79   HIS B CA  1 
ATOM   1432 C C   . HIS B 1 81  ? 1.984   16.550  8.093   1.00 96.58  ? 79   HIS B C   1 
ATOM   1433 O O   . HIS B 1 81  ? 2.454   16.664  9.227   1.00 96.11  ? 79   HIS B O   1 
ATOM   1434 C CB  . HIS B 1 81  ? 2.422   14.572  6.608   1.00 97.03  ? 79   HIS B CB  1 
ATOM   1435 C CG  . HIS B 1 81  ? 3.867   14.752  6.991   1.00 102.73 ? 79   HIS B CG  1 
ATOM   1436 N ND1 . HIS B 1 81  ? 4.596   15.884  6.661   1.00 106.70 ? 79   HIS B ND1 1 
ATOM   1437 C CD2 . HIS B 1 81  ? 4.715   13.955  7.693   1.00 105.48 ? 79   HIS B CD2 1 
ATOM   1438 C CE1 . HIS B 1 81  ? 5.826   15.771  7.132   1.00 106.60 ? 79   HIS B CE1 1 
ATOM   1439 N NE2 . HIS B 1 81  ? 5.924   14.610  7.760   1.00 107.31 ? 79   HIS B NE2 1 
ATOM   1440 N N   . ASP B 1 82  ? 1.900   17.567  7.227   1.00 97.45  ? 80   ASP B N   1 
ATOM   1441 C CA  . ASP B 1 82  ? 2.408   18.924  7.535   1.00 98.38  ? 80   ASP B CA  1 
ATOM   1442 C C   . ASP B 1 82  ? 1.617   19.586  8.643   1.00 97.37  ? 80   ASP B C   1 
ATOM   1443 O O   . ASP B 1 82  ? 1.968   20.648  9.112   1.00 98.20  ? 80   ASP B O   1 
ATOM   1444 C CB  . ASP B 1 82  ? 2.396   19.847  6.298   1.00 99.65  ? 80   ASP B CB  1 
ATOM   1445 C CG  . ASP B 1 82  ? 3.360   19.380  5.199   1.00 103.54 ? 80   ASP B CG  1 
ATOM   1446 O OD1 . ASP B 1 82  ? 4.065   18.346  5.406   1.00 105.96 ? 80   ASP B OD1 1 
ATOM   1447 O OD2 . ASP B 1 82  ? 3.398   20.041  4.121   1.00 107.73 ? 80   ASP B OD2 1 
ATOM   1448 N N   . ALA B 1 83  ? 0.522   18.955  9.032   1.00 96.08  ? 81   ALA B N   1 
ATOM   1449 C CA  . ALA B 1 83  ? -0.325  19.402  10.134  1.00 94.17  ? 81   ALA B CA  1 
ATOM   1450 C C   . ALA B 1 83  ? -0.141  18.549  11.393  1.00 92.89  ? 81   ALA B C   1 
ATOM   1451 O O   . ALA B 1 83  ? -0.686  18.878  12.418  1.00 92.68  ? 81   ALA B O   1 
ATOM   1452 C CB  . ALA B 1 83  ? -1.785  19.304  9.699   1.00 94.05  ? 81   ALA B CB  1 
ATOM   1453 N N   . ALA B 1 84  ? 0.613   17.452  11.304  1.00 91.46  ? 82   ALA B N   1 
ATOM   1454 C CA  . ALA B 1 84  ? 0.701   16.410  12.350  1.00 89.97  ? 82   ALA B CA  1 
ATOM   1455 C C   . ALA B 1 84  ? -0.579  16.120  13.102  1.00 89.23  ? 82   ALA B C   1 
ATOM   1456 O O   . ALA B 1 84  ? -0.580  16.086  14.324  1.00 89.14  ? 82   ALA B O   1 
ATOM   1457 C CB  . ALA B 1 84  ? 1.866   16.636  13.328  1.00 89.75  ? 82   ALA B CB  1 
ATOM   1458 N N   . GLY B 1 85  ? -1.651  15.861  12.351  1.00 88.66  ? 83   GLY B N   1 
ATOM   1459 C CA  . GLY B 1 85  ? -2.964  15.431  12.871  1.00 87.33  ? 83   GLY B CA  1 
ATOM   1460 C C   . GLY B 1 85  ? -3.974  15.508  11.731  1.00 86.58  ? 83   GLY B C   1 
ATOM   1461 O O   . GLY B 1 85  ? -3.584  15.610  10.562  1.00 86.50  ? 83   GLY B O   1 
ATOM   1462 N N   . LEU B 1 86  ? -5.269  15.487  12.049  1.00 85.69  ? 84   LEU B N   1 
ATOM   1463 C CA  . LEU B 1 86  ? -6.292  15.510  10.998  1.00 84.65  ? 84   LEU B CA  1 
ATOM   1464 C C   . LEU B 1 86  ? -6.581  16.946  10.582  1.00 84.62  ? 84   LEU B C   1 
ATOM   1465 O O   . LEU B 1 86  ? -6.401  17.863  11.371  1.00 84.93  ? 84   LEU B O   1 
ATOM   1466 C CB  . LEU B 1 86  ? -7.568  14.766  11.426  1.00 83.89  ? 84   LEU B CB  1 
ATOM   1467 C CG  . LEU B 1 86  ? -7.464  13.283  11.810  1.00 83.55  ? 84   LEU B CG  1 
ATOM   1468 C CD1 . LEU B 1 86  ? -8.563  12.948  12.771  1.00 84.69  ? 84   LEU B CD1 1 
ATOM   1469 C CD2 . LEU B 1 86  ? -7.492  12.287  10.631  1.00 81.76  ? 84   LEU B CD2 1 
ATOM   1470 N N   . THR B 1 87  ? -6.975  17.130  9.327   1.00 84.75  ? 85   THR B N   1 
ATOM   1471 C CA  . THR B 1 87  ? -7.508  18.388  8.826   1.00 84.85  ? 85   THR B CA  1 
ATOM   1472 C C   . THR B 1 87  ? -8.640  18.077  7.826   1.00 85.37  ? 85   THR B C   1 
ATOM   1473 O O   . THR B 1 87  ? -9.006  16.905  7.627   1.00 84.88  ? 85   THR B O   1 
ATOM   1474 C CB  . THR B 1 87  ? -6.402  19.258  8.209   1.00 84.97  ? 85   THR B CB  1 
ATOM   1475 O OG1 . THR B 1 87  ? -6.239  18.956  6.815   1.00 85.62  ? 85   THR B OG1 1 
ATOM   1476 C CG2 . THR B 1 87  ? -5.073  19.053  8.947   1.00 83.98  ? 85   THR B CG2 1 
ATOM   1477 N N   . GLU B 1 88  ? -9.209  19.124  7.226   1.00 86.49  ? 86   GLU B N   1 
ATOM   1478 C CA  . GLU B 1 88  ? -10.328 18.988  6.264   1.00 87.97  ? 86   GLU B CA  1 
ATOM   1479 C C   . GLU B 1 88  ? -10.061 17.935  5.155   1.00 87.38  ? 86   GLU B C   1 
ATOM   1480 O O   . GLU B 1 88  ? -10.886 17.012  4.932   1.00 87.31  ? 86   GLU B O   1 
ATOM   1481 C CB  . GLU B 1 88  ? -10.622 20.360  5.617   1.00 89.07  ? 86   GLU B CB  1 
ATOM   1482 C CG  . GLU B 1 88  ? -11.166 21.426  6.590   1.00 95.04  ? 86   GLU B CG  1 
ATOM   1483 C CD  . GLU B 1 88  ? -12.618 21.147  7.115   1.00 101.80 ? 86   GLU B CD  1 
ATOM   1484 O OE1 . GLU B 1 88  ? -13.202 20.073  6.793   1.00 104.26 ? 86   GLU B OE1 1 
ATOM   1485 O OE2 . GLU B 1 88  ? -13.173 22.009  7.859   1.00 102.38 ? 86   GLU B OE2 1 
ATOM   1486 N N   . LYS B 1 89  ? -8.907  18.112  4.480   1.00 86.31  ? 87   LYS B N   1 
ATOM   1487 C CA  . LYS B 1 89  ? -8.407  17.228  3.427   1.00 84.98  ? 87   LYS B CA  1 
ATOM   1488 C C   . LYS B 1 89  ? -8.542  15.726  3.734   1.00 84.22  ? 87   LYS B C   1 
ATOM   1489 O O   . LYS B 1 89  ? -8.985  14.979  2.867   1.00 84.47  ? 87   LYS B O   1 
ATOM   1490 C CB  . LYS B 1 89  ? -6.958  17.559  3.081   1.00 84.50  ? 87   LYS B CB  1 
ATOM   1491 C CG  . LYS B 1 89  ? -6.733  18.937  2.617   1.00 84.00  ? 87   LYS B CG  1 
ATOM   1492 C CD  . LYS B 1 89  ? -5.294  19.259  2.928   1.00 86.33  ? 87   LYS B CD  1 
ATOM   1493 C CE  . LYS B 1 89  ? -4.812  20.372  2.061   1.00 87.98  ? 87   LYS B CE  1 
ATOM   1494 N NZ  . LYS B 1 89  ? -5.009  19.897  0.653   1.00 88.80  ? 87   LYS B NZ  1 
ATOM   1495 N N   . ASP B 1 90  ? -8.170  15.293  4.941   1.00 82.80  ? 88   ASP B N   1 
ATOM   1496 C CA  . ASP B 1 90  ? -8.341  13.889  5.355   1.00 82.03  ? 88   ASP B CA  1 
ATOM   1497 C C   . ASP B 1 90  ? -9.769  13.381  5.237   1.00 81.02  ? 88   ASP B C   1 
ATOM   1498 O O   . ASP B 1 90  ? -10.002 12.214  4.933   1.00 80.56  ? 88   ASP B O   1 
ATOM   1499 C CB  . ASP B 1 90  ? -7.875  13.705  6.781   1.00 82.44  ? 88   ASP B CB  1 
ATOM   1500 C CG  . ASP B 1 90  ? -6.449  14.129  6.967   1.00 86.05  ? 88   ASP B CG  1 
ATOM   1501 O OD1 . ASP B 1 90  ? -5.579  13.385  6.493   1.00 91.46  ? 88   ASP B OD1 1 
ATOM   1502 O OD2 . ASP B 1 90  ? -6.159  15.206  7.547   1.00 89.58  ? 88   ASP B OD2 1 
ATOM   1503 N N   . PHE B 1 91  ? -10.737 14.259  5.469   1.00 79.99  ? 89   PHE B N   1 
ATOM   1504 C CA  . PHE B 1 91  ? -12.112 13.829  5.400   1.00 78.86  ? 89   PHE B CA  1 
ATOM   1505 C C   . PHE B 1 91  ? -12.649 13.871  3.992   1.00 78.16  ? 89   PHE B C   1 
ATOM   1506 O O   . PHE B 1 91  ? -13.464 12.972  3.654   1.00 78.96  ? 89   PHE B O   1 
ATOM   1507 C CB  . PHE B 1 91  ? -12.985 14.622  6.331   1.00 78.76  ? 89   PHE B CB  1 
ATOM   1508 C CG  . PHE B 1 91  ? -12.723 14.334  7.757   1.00 79.00  ? 89   PHE B CG  1 
ATOM   1509 C CD1 . PHE B 1 91  ? -11.755 15.075  8.467   1.00 79.61  ? 89   PHE B CD1 1 
ATOM   1510 C CD2 . PHE B 1 91  ? -13.432 13.319  8.414   1.00 77.42  ? 89   PHE B CD2 1 
ATOM   1511 C CE1 . PHE B 1 91  ? -11.503 14.794  9.848   1.00 79.77  ? 89   PHE B CE1 1 
ATOM   1512 C CE2 . PHE B 1 91  ? -13.198 13.036  9.770   1.00 76.93  ? 89   PHE B CE2 1 
ATOM   1513 C CZ  . PHE B 1 91  ? -12.221 13.761  10.490  1.00 78.08  ? 89   PHE B CZ  1 
ATOM   1514 N N   . ALA B 1 92  ? -12.205 14.864  3.194   1.00 76.09  ? 90   ALA B N   1 
ATOM   1515 C CA  . ALA B 1 92  ? -12.455 14.925  1.747   1.00 74.92  ? 90   ALA B CA  1 
ATOM   1516 C C   . ALA B 1 92  ? -12.114 13.589  1.050   1.00 74.72  ? 90   ALA B C   1 
ATOM   1517 O O   . ALA B 1 92  ? -12.904 12.998  0.252   1.00 74.70  ? 90   ALA B O   1 
ATOM   1518 C CB  . ALA B 1 92  ? -11.620 16.006  1.179   1.00 74.70  ? 90   ALA B CB  1 
ATOM   1519 N N   . LEU B 1 93  ? -10.918 13.120  1.396   1.00 74.09  ? 91   LEU B N   1 
ATOM   1520 C CA  . LEU B 1 93  ? -10.354 11.847  0.948   1.00 73.29  ? 91   LEU B CA  1 
ATOM   1521 C C   . LEU B 1 93  ? -11.216 10.676  1.336   1.00 72.63  ? 91   LEU B C   1 
ATOM   1522 O O   . LEU B 1 93  ? -11.731 9.923   0.495   1.00 72.58  ? 91   LEU B O   1 
ATOM   1523 C CB  . LEU B 1 93  ? -9.012  11.678  1.629   1.00 73.24  ? 91   LEU B CB  1 
ATOM   1524 C CG  . LEU B 1 93  ? -7.989  10.707  1.079   1.00 73.02  ? 91   LEU B CG  1 
ATOM   1525 C CD1 . LEU B 1 93  ? -8.109  10.508  -0.430  1.00 72.39  ? 91   LEU B CD1 1 
ATOM   1526 C CD2 . LEU B 1 93  ? -6.648  11.336  1.481   1.00 69.32  ? 91   LEU B CD2 1 
ATOM   1527 N N   . ALA B 1 94  ? -11.327 10.540  2.646   1.00 72.13  ? 92   ALA B N   1 
ATOM   1528 C CA  . ALA B 1 94  ? -12.152 9.526   3.257   1.00 71.83  ? 92   ALA B CA  1 
ATOM   1529 C C   . ALA B 1 94  ? -13.487 9.440   2.533   1.00 71.17  ? 92   ALA B C   1 
ATOM   1530 O O   . ALA B 1 94  ? -13.953 8.330   2.190   1.00 70.22  ? 92   ALA B O   1 
ATOM   1531 C CB  . ALA B 1 94  ? -12.351 9.842   4.720   1.00 72.32  ? 92   ALA B CB  1 
ATOM   1532 N N   . LYS B 1 95  ? -14.098 10.585  2.268   1.00 70.82  ? 93   LYS B N   1 
ATOM   1533 C CA  . LYS B 1 95  ? -15.361 10.455  1.599   1.00 72.08  ? 93   LYS B CA  1 
ATOM   1534 C C   . LYS B 1 95  ? -15.214 9.933   0.156   1.00 72.60  ? 93   LYS B C   1 
ATOM   1535 O O   . LYS B 1 95  ? -15.810 8.867   -0.128  1.00 72.28  ? 93   LYS B O   1 
ATOM   1536 C CB  . LYS B 1 95  ? -16.297 11.651  1.711   1.00 72.26  ? 93   LYS B CB  1 
ATOM   1537 C CG  . LYS B 1 95  ? -17.686 11.220  1.312   1.00 73.28  ? 93   LYS B CG  1 
ATOM   1538 C CD  . LYS B 1 95  ? -18.621 12.388  1.104   1.00 78.61  ? 93   LYS B CD  1 
ATOM   1539 C CE  . LYS B 1 95  ? -19.583 12.134  -0.099  1.00 81.94  ? 93   LYS B CE  1 
ATOM   1540 N NZ  . LYS B 1 95  ? -20.183 10.731  -0.120  1.00 82.06  ? 93   LYS B NZ  1 
ATOM   1541 N N   . PHE B 1 96  ? -14.480 10.595  -0.708  1.00 20.00  ? 94   PHE B N   1 
ATOM   1542 C CA  . PHE B 1 96  ? -14.223 9.960   -1.965  1.00 20.00  ? 94   PHE B CA  1 
ATOM   1543 C C   . PHE B 1 96  ? -14.159 8.499   -1.630  1.00 20.00  ? 94   PHE B C   1 
ATOM   1544 O O   . PHE B 1 96  ? -15.102 7.752   -1.807  1.00 75.04  ? 94   PHE B O   1 
ATOM   1545 C CB  . PHE B 1 96  ? -12.888 10.397  -2.506  1.00 20.00  ? 94   PHE B CB  1 
ATOM   1546 C CG  . PHE B 1 96  ? -12.703 10.073  -3.932  1.00 20.00  ? 94   PHE B CG  1 
ATOM   1547 C CD1 . PHE B 1 96  ? -12.064 8.938   -4.314  1.00 20.00  ? 94   PHE B CD1 1 
ATOM   1548 C CD2 . PHE B 1 96  ? -13.195 10.888  -4.891  1.00 20.00  ? 94   PHE B CD2 1 
ATOM   1549 C CE1 . PHE B 1 96  ? -11.914 8.644   -5.599  1.00 20.00  ? 94   PHE B CE1 1 
ATOM   1550 C CE2 . PHE B 1 96  ? -13.039 10.579  -6.175  1.00 20.00  ? 94   PHE B CE2 1 
ATOM   1551 C CZ  . PHE B 1 96  ? -12.399 9.459   -6.526  1.00 20.00  ? 94   PHE B CZ  1 
ATOM   1552 N N   . MET B 1 97  ? -13.027 8.094   -1.109  1.00 73.90  ? 95   MET B N   1 
ATOM   1553 C CA  . MET B 1 97  ? -12.790 6.695   -0.918  1.00 74.57  ? 95   MET B CA  1 
ATOM   1554 C C   . MET B 1 97  ? -14.042 5.876   -0.629  1.00 75.64  ? 95   MET B C   1 
ATOM   1555 O O   . MET B 1 97  ? -14.245 4.838   -1.283  1.00 76.68  ? 95   MET B O   1 
ATOM   1556 C CB  . MET B 1 97  ? -11.775 6.524   0.160   1.00 74.11  ? 95   MET B CB  1 
ATOM   1557 C CG  . MET B 1 97  ? -10.543 7.248   -0.187  1.00 74.16  ? 95   MET B CG  1 
ATOM   1558 S SD  . MET B 1 97  ? -9.126  6.628   0.726   1.00 75.47  ? 95   MET B SD  1 
ATOM   1559 C CE  . MET B 1 97  ? -9.135  4.884   0.365   1.00 75.22  ? 95   MET B CE  1 
ATOM   1560 N N   . ASP B 1 98  ? -14.900 6.308   0.305   1.00 76.36  ? 96   ASP B N   1 
ATOM   1561 C CA  . ASP B 1 98  ? -16.148 5.542   0.542   1.00 77.02  ? 96   ASP B CA  1 
ATOM   1562 C C   . ASP B 1 98  ? -17.017 5.483   -0.730  1.00 77.31  ? 96   ASP B C   1 
ATOM   1563 O O   . ASP B 1 98  ? -17.720 4.515   -0.977  1.00 77.63  ? 96   ASP B O   1 
ATOM   1564 C CB  . ASP B 1 98  ? -17.026 6.132   1.653   1.00 77.78  ? 96   ASP B CB  1 
ATOM   1565 C CG  . ASP B 1 98  ? -16.315 6.269   2.990   1.00 77.94  ? 96   ASP B CG  1 
ATOM   1566 O OD1 . ASP B 1 98  ? -15.384 5.469   3.247   1.00 77.21  ? 96   ASP B OD1 1 
ATOM   1567 O OD2 . ASP B 1 98  ? -16.733 7.182   3.772   1.00 78.41  ? 96   ASP B OD2 1 
ATOM   1568 N N   . ASP B 1 99  ? -16.992 6.523   -1.537  1.00 77.27  ? 97   ASP B N   1 
ATOM   1569 C CA  . ASP B 1 99  ? -17.890 6.513   -2.664  1.00 78.54  ? 97   ASP B CA  1 
ATOM   1570 C C   . ASP B 1 99  ? -17.369 5.565   -3.685  1.00 78.30  ? 97   ASP B C   1 
ATOM   1571 O O   . ASP B 1 99  ? -18.086 4.647   -4.108  1.00 78.48  ? 97   ASP B O   1 
ATOM   1572 C CB  . ASP B 1 99  ? -18.003 7.893   -3.277  1.00 79.79  ? 97   ASP B CB  1 
ATOM   1573 C CG  . ASP B 1 99  ? -18.579 8.925   -2.283  1.00 83.28  ? 97   ASP B CG  1 
ATOM   1574 O OD1 . ASP B 1 99  ? -19.668 8.667   -1.672  1.00 84.45  ? 97   ASP B OD1 1 
ATOM   1575 O OD2 . ASP B 1 99  ? -17.912 9.991   -2.111  1.00 87.80  ? 97   ASP B OD2 1 
ATOM   1576 N N   . ALA B 1 100 ? -16.120 5.810   -4.079  1.00 77.88  ? 98   ALA B N   1 
ATOM   1577 C CA  . ALA B 1 100 ? -15.334 4.858   -4.859  1.00 77.36  ? 98   ALA B CA  1 
ATOM   1578 C C   . ALA B 1 100 ? -15.620 3.391   -4.456  1.00 77.12  ? 98   ALA B C   1 
ATOM   1579 O O   . ALA B 1 100 ? -15.803 2.535   -5.326  1.00 76.84  ? 98   ALA B O   1 
ATOM   1580 C CB  . ALA B 1 100 ? -13.832 5.170   -4.715  1.00 76.62  ? 98   ALA B CB  1 
ATOM   1581 N N   . ALA B 1 101 ? -15.690 3.119   -3.153  1.00 76.62  ? 99   ALA B N   1 
ATOM   1582 C CA  . ALA B 1 101 ? -15.723 1.748   -2.710  1.00 77.45  ? 99   ALA B CA  1 
ATOM   1583 C C   . ALA B 1 101 ? -17.145 1.175   -2.807  1.00 78.56  ? 99   ALA B C   1 
ATOM   1584 O O   . ALA B 1 101 ? -17.371 -0.056  -2.978  1.00 77.96  ? 99   ALA B O   1 
ATOM   1585 C CB  . ALA B 1 101 ? -15.160 1.635   -1.325  1.00 76.70  ? 99   ALA B CB  1 
ATOM   1586 N N   . LYS B 1 102 ? -18.108 2.092   -2.751  1.00 80.39  ? 100  LYS B N   1 
ATOM   1587 C CA  . LYS B 1 102 ? -19.527 1.735   -2.874  1.00 82.24  ? 100  LYS B CA  1 
ATOM   1588 C C   . LYS B 1 102 ? -19.846 0.964   -4.154  1.00 82.37  ? 100  LYS B C   1 
ATOM   1589 O O   . LYS B 1 102 ? -20.555 -0.046  -4.125  1.00 82.32  ? 100  LYS B O   1 
ATOM   1590 C CB  . LYS B 1 102 ? -20.421 2.972   -2.793  1.00 82.57  ? 100  LYS B CB  1 
ATOM   1591 C CG  . LYS B 1 102 ? -21.136 3.071   -1.465  1.00 86.01  ? 100  LYS B CG  1 
ATOM   1592 C CD  . LYS B 1 102 ? -21.456 4.533   -1.149  1.00 92.05  ? 100  LYS B CD  1 
ATOM   1593 C CE  . LYS B 1 102 ? -21.850 4.709   0.343   1.00 95.10  ? 100  LYS B CE  1 
ATOM   1594 N NZ  . LYS B 1 102 ? -21.366 6.059   0.848   1.00 95.76  ? 100  LYS B NZ  1 
ATOM   1595 N N   . ASN B 1 103 ? -19.324 1.436   -5.276  1.00 83.13  ? 101  ASN B N   1 
ATOM   1596 C CA  . ASN B 1 103 ? -19.587 0.760   -6.548  1.00 84.58  ? 101  ASN B CA  1 
ATOM   1597 C C   . ASN B 1 103 ? -19.324 -0.738  -6.528  1.00 85.29  ? 101  ASN B C   1 
ATOM   1598 O O   . ASN B 1 103 ? -19.806 -1.449  -7.417  1.00 85.94  ? 101  ASN B O   1 
ATOM   1599 C CB  . ASN B 1 103 ? -18.771 1.381   -7.682  1.00 84.74  ? 101  ASN B CB  1 
ATOM   1600 C CG  . ASN B 1 103 ? -18.906 2.881   -7.724  1.00 85.75  ? 101  ASN B CG  1 
ATOM   1601 O OD1 . ASN B 1 103 ? -19.816 3.456   -7.099  1.00 87.24  ? 101  ASN B OD1 1 
ATOM   1602 N ND2 . ASN B 1 103 ? -18.003 3.534   -8.447  1.00 85.57  ? 101  ASN B ND2 1 
ATOM   1603 N N   . PHE B 1 104 ? -18.551 -1.221  -5.552  1.00 85.76  ? 102  PHE B N   1 
ATOM   1604 C CA  . PHE B 1 104 ? -18.228 -2.648  -5.541  1.00 86.65  ? 102  PHE B CA  1 
ATOM   1605 C C   . PHE B 1 104 ? -19.217 -3.458  -4.672  1.00 88.45  ? 102  PHE B C   1 
ATOM   1606 O O   . PHE B 1 104 ? -19.224 -4.712  -4.689  1.00 89.17  ? 102  PHE B O   1 
ATOM   1607 C CB  . PHE B 1 104 ? -16.757 -2.884  -5.175  1.00 85.80  ? 102  PHE B CB  1 
ATOM   1608 C CG  . PHE B 1 104 ? -15.772 -2.229  -6.135  1.00 84.98  ? 102  PHE B CG  1 
ATOM   1609 C CD1 . PHE B 1 104 ? -15.249 -0.967  -5.880  1.00 83.38  ? 102  PHE B CD1 1 
ATOM   1610 C CD2 . PHE B 1 104 ? -15.365 -2.872  -7.300  1.00 84.24  ? 102  PHE B CD2 1 
ATOM   1611 C CE1 . PHE B 1 104 ? -14.346 -0.380  -6.762  1.00 81.16  ? 102  PHE B CE1 1 
ATOM   1612 C CE2 . PHE B 1 104 ? -14.461 -2.269  -8.183  1.00 80.61  ? 102  PHE B CE2 1 
ATOM   1613 C CZ  . PHE B 1 104 ? -13.959 -1.028  -7.898  1.00 80.77  ? 102  PHE B CZ  1 
ATOM   1614 N N   . GLU B 1 105 ? -20.062 -2.735  -3.930  1.00 90.08  ? 103  GLU B N   1 
ATOM   1615 C CA  . GLU B 1 105 ? -21.273 -3.309  -3.323  1.00 91.18  ? 103  GLU B CA  1 
ATOM   1616 C C   . GLU B 1 105 ? -22.408 -3.346  -4.351  1.00 91.23  ? 103  GLU B C   1 
ATOM   1617 O O   . GLU B 1 105 ? -23.031 -4.396  -4.552  1.00 91.79  ? 103  GLU B O   1 
ATOM   1618 C CB  . GLU B 1 105 ? -21.692 -2.481  -2.123  1.00 91.39  ? 103  GLU B CB  1 
ATOM   1619 C CG  . GLU B 1 105 ? -20.635 -2.517  -1.051  1.00 94.68  ? 103  GLU B CG  1 
ATOM   1620 C CD  . GLU B 1 105 ? -20.392 -1.154  -0.391  1.00 98.71  ? 103  GLU B CD  1 
ATOM   1621 O OE1 . GLU B 1 105 ? -21.180 -0.203  -0.702  1.00 98.99  ? 103  GLU B OE1 1 
ATOM   1622 O OE2 . GLU B 1 105 ? -19.407 -1.055  0.428   1.00 98.99  ? 103  GLU B OE2 1 
HETATM 1623 N N1  . H2B C 2 .   ? 0.218   -14.071 -3.456  1.00 122.16 ? 1104 H2B A N1  1 
HETATM 1624 C C2  . H2B C 2 .   ? 1.058   -14.607 -2.542  1.00 121.72 ? 1104 H2B A C2  1 
HETATM 1625 N N2  . H2B C 2 .   ? 2.155   -13.969 -2.187  1.00 121.31 ? 1104 H2B A N2  1 
HETATM 1626 N N3  . H2B C 2 .   ? 0.786   -15.850 -1.963  1.00 122.40 ? 1104 H2B A N3  1 
HETATM 1627 C C4  . H2B C 2 .   ? -0.381  -16.537 -2.359  1.00 123.56 ? 1104 H2B A C4  1 
HETATM 1628 O O4  . H2B C 2 .   ? -0.625  -17.631 -1.858  1.00 122.84 ? 1104 H2B A O4  1 
HETATM 1629 C C4A . H2B C 2 .   ? -1.219  -15.986 -3.345  1.00 122.96 ? 1104 H2B A C4A 1 
HETATM 1630 C C8A . H2B C 2 .   ? -0.901  -14.733 -3.850  1.00 122.53 ? 1104 H2B A C8A 1 
HETATM 1631 N N5  . H2B C 2 .   ? -2.443  -16.594 -3.702  1.00 122.82 ? 1104 H2B A N5  1 
HETATM 1632 N N8  . H2B C 2 .   ? -1.802  -14.222 -4.763  1.00 122.29 ? 1104 H2B A N8  1 
HETATM 1633 C C6  . H2B C 2 .   ? -3.500  -15.740 -4.127  1.00 124.02 ? 1104 H2B A C6  1 
HETATM 1634 C C7  . H2B C 2 .   ? -3.200  -14.266 -4.289  1.00 123.64 ? 1104 H2B A C7  1 
HETATM 1635 C C9  . H2B C 2 .   ? -4.912  -16.246 -4.415  1.00 124.84 ? 1104 H2B A C9  1 
HETATM 1636 O O9  . H2B C 2 .   ? -4.911  -17.126 -5.544  1.00 125.45 ? 1104 H2B A O9  1 
HETATM 1637 C C10 . H2B C 2 .   ? -5.410  -16.890 -3.068  1.00 124.98 ? 1104 H2B A C10 1 
HETATM 1638 C C11 . H2B C 2 .   ? -5.124  -18.417 -2.888  1.00 123.69 ? 1104 H2B A C11 1 
HETATM 1639 O O10 . H2B C 2 .   ? -6.784  -16.603 -2.870  1.00 125.19 ? 1104 H2B A O10 1 
HETATM 1640 N N1  . H2B D 2 .   ? 0.129   14.397  1.562   1.00 121.43 ? 1104 H2B B N1  1 
HETATM 1641 C C2  . H2B D 2 .   ? -0.350  14.489  2.829   1.00 121.11 ? 1104 H2B B C2  1 
HETATM 1642 N N2  . H2B D 2 .   ? -1.091  13.528  3.331   1.00 120.31 ? 1104 H2B B N2  1 
HETATM 1643 N N3  . H2B D 2 .   ? -0.064  15.616  3.640   1.00 121.98 ? 1104 H2B B N3  1 
HETATM 1644 C C4  . H2B D 2 .   ? 0.743   16.672  3.091   1.00 123.07 ? 1104 H2B B C4  1 
HETATM 1645 O O4  . H2B D 2 .   ? 1.019   17.677  3.766   1.00 122.20 ? 1104 H2B B O4  1 
HETATM 1646 C C4A . H2B D 2 .   ? 1.195   16.546  1.760   1.00 122.23 ? 1104 H2B B C4A 1 
HETATM 1647 C C8A . H2B D 2 .   ? 0.889   15.386  1.035   1.00 121.76 ? 1104 H2B B C8A 1 
HETATM 1648 N N5  . H2B D 2 .   ? 2.050   17.509  1.193   1.00 121.96 ? 1104 H2B B N5  1 
HETATM 1649 N N8  . H2B D 2 .   ? 1.417   15.305  -0.244  1.00 121.67 ? 1104 H2B B N8  1 
HETATM 1650 C C6  . H2B D 2 .   ? 2.925   17.073  0.167   1.00 123.28 ? 1104 H2B B C6  1 
HETATM 1651 C C7  . H2B D 2 .   ? 2.859   15.658  -0.347  1.00 122.83 ? 1104 H2B B C7  1 
HETATM 1652 C C9  . H2B D 2 .   ? 3.927   18.001  -0.437  1.00 124.48 ? 1104 H2B B C9  1 
HETATM 1653 O O9  . H2B D 2 .   ? 3.228   18.976  -1.216  1.00 125.03 ? 1104 H2B B O9  1 
HETATM 1654 C C10 . H2B D 2 .   ? 4.748   18.560  0.792   1.00 124.93 ? 1104 H2B B C10 1 
HETATM 1655 C C11 . H2B D 2 .   ? 4.226   19.884  1.424   1.00 123.44 ? 1104 H2B B C11 1 
HETATM 1656 O O10 . H2B D 2 .   ? 6.152   18.654  0.475   1.00 125.38 ? 1104 H2B B O10 1 
HETATM 1657 O O   . HOH E 3 .   ? 16.831  -8.010  6.330   1.00 60.20  ? 1001 HOH A O   1 
HETATM 1658 O O   . HOH E 3 .   ? 17.915  -16.305 9.835   1.00 82.85  ? 1002 HOH A O   1 
HETATM 1659 O O   . HOH E 3 .   ? 14.410  4.405   -7.995  1.00 60.65  ? 1003 HOH A O   1 
HETATM 1660 O O   . HOH E 3 .   ? 17.822  -5.943  -5.940  1.00 68.58  ? 1004 HOH A O   1 
HETATM 1661 O O   . HOH E 3 .   ? 15.841  3.564   -16.656 1.00 80.95  ? 1005 HOH A O   1 
HETATM 1662 O O   . HOH F 3 .   ? -10.819 21.688  16.045  1.00 67.43  ? 1001 HOH B O   1 
HETATM 1663 O O   . HOH F 3 .   ? -17.890 5.750   6.448   1.00 66.47  ? 1002 HOH B O   1 
HETATM 1664 O O   . HOH F 3 .   ? -0.320  15.983  -6.148  1.00 79.89  ? 1003 HOH B O   1 
HETATM 1665 O O   . HOH F 3 .   ? 0.923   14.325  -11.674 1.00 70.19  ? 1004 HOH B O   1 
HETATM 1666 O O   . HOH F 3 .   ? -16.739 -2.357  -0.195  1.00 59.40  ? 1005 HOH B O   1 
HETATM 1667 O O   . HOH F 3 .   ? 1.156   12.372  5.234   1.00 79.61  ? 1006 HOH B O   1 
# 
loop_
_pdbx_poly_seq_scheme.asym_id 
_pdbx_poly_seq_scheme.entity_id 
_pdbx_poly_seq_scheme.seq_id 
_pdbx_poly_seq_scheme.mon_id 
_pdbx_poly_seq_scheme.ndb_seq_num 
_pdbx_poly_seq_scheme.pdb_seq_num 
_pdbx_poly_seq_scheme.auth_seq_num 
_pdbx_poly_seq_scheme.pdb_mon_id 
_pdbx_poly_seq_scheme.auth_mon_id 
_pdbx_poly_seq_scheme.pdb_strand_id 
_pdbx_poly_seq_scheme.pdb_ins_code 
_pdbx_poly_seq_scheme.hetero 
A 1 1   GLY 1   -1  ?   ?   ?   A . n 
A 1 2   HIS 2   0   ?   ?   ?   A . n 
A 1 3   MET 3   1   ?   ?   ?   A . n 
A 1 4   ALA 4   2   ?   ?   ?   A . n 
A 1 5   PRO 5   3   ?   ?   ?   A . n 
A 1 6   LEU 6   4   ?   ?   ?   A . n 
A 1 7   ALA 7   5   5   ALA ALA A . n 
A 1 8   ARG 8   6   6   ARG ARG A . n 
A 1 9   LEU 9   7   7   LEU LEU A . n 
A 1 10  ALA 10  8   8   ALA ALA A . n 
A 1 11  ALA 11  9   9   ALA ALA A . n 
A 1 12  ASN 12  10  10  ASN ASN A . n 
A 1 13  SER 13  11  11  SER SER A . n 
A 1 14  ALA 14  12  12  ALA ALA A . n 
A 1 15  ARG 15  13  13  ARG ARG A . n 
A 1 16  LEU 16  14  14  LEU LEU A . n 
A 1 17  LEU 17  15  15  LEU LEU A . n 
A 1 18  GLN 18  16  16  GLN GLN A . n 
A 1 19  LEU 19  17  17  LEU LEU A . n 
A 1 20  HIS 20  18  18  HIS HIS A . n 
A 1 21  LYS 21  19  19  LYS LYS A . n 
A 1 22  THR 22  20  20  THR THR A . n 
A 1 23  VAL 23  21  21  VAL VAL A . n 
A 1 24  PRO 24  22  22  PRO PRO A . n 
A 1 25  GLN 25  23  23  GLN GLN A . n 
A 1 26  TRP 26  24  24  TRP TRP A . n 
A 1 27  HIS 27  25  25  HIS HIS A . n 
A 1 28  LEU 28  26  26  LEU LEU A . n 
A 1 29  THR 29  27  27  THR THR A . n 
A 1 30  ASP 30  28  28  ASP ASP A . n 
A 1 31  GLY 31  29  29  GLY GLY A . n 
A 1 32  HIS 32  30  30  HIS HIS A . n 
A 1 33  LEU 33  31  31  LEU LEU A . n 
A 1 34  SER 34  32  32  SER SER A . n 
A 1 35  ILE 35  33  33  ILE ILE A . n 
A 1 36  LYS 36  34  34  LYS LYS A . n 
A 1 37  ARG 37  35  35  ARG ARG A . n 
A 1 38  LYS 38  36  36  LYS LYS A . n 
A 1 39  PHE 39  37  37  PHE PHE A . n 
A 1 40  GLN 40  38  38  GLN GLN A . n 
A 1 41  PHE 41  39  39  PHE PHE A . n 
A 1 42  SER 42  40  40  SER SER A . n 
A 1 43  ASP 43  41  41  ASP ASP A . n 
A 1 44  PHE 44  42  42  PHE PHE A . n 
A 1 45  ASN 45  43  43  ASN ASN A . n 
A 1 46  GLU 46  44  44  GLU GLU A . n 
A 1 47  ALA 47  45  45  ALA ALA A . n 
A 1 48  TRP 48  46  46  TRP TRP A . n 
A 1 49  GLY 49  47  47  GLY GLY A . n 
A 1 50  PHE 50  48  48  PHE PHE A . n 
A 1 51  MET 51  49  49  MET MET A . n 
A 1 52  SER 52  50  50  SER SER A . n 
A 1 53  ARG 53  51  51  ARG ARG A . n 
A 1 54  VAL 54  52  52  VAL VAL A . n 
A 1 55  ALA 55  53  53  ALA ALA A . n 
A 1 56  LEU 56  54  54  LEU LEU A . n 
A 1 57  TYR 57  55  55  TYR TYR A . n 
A 1 58  ALA 58  56  56  ALA ALA A . n 
A 1 59  ASP 59  57  57  ASP ASP A . n 
A 1 60  LYS 60  58  58  LYS LYS A . n 
A 1 61  VAL 61  59  59  VAL VAL A . n 
A 1 62  ASP 62  60  60  ASP ASP A . n 
A 1 63  HIS 63  61  61  HIS HIS A . n 
A 1 64  HIS 64  62  62  HIS HIS A . n 
A 1 65  PRO 65  63  63  PRO PRO A . n 
A 1 66  ASN 66  64  64  ASN ASN A . n 
A 1 67  TRP 67  65  65  TRP TRP A . n 
A 1 68  TYR 68  66  66  TYR TYR A . n 
A 1 69  ASN 69  67  67  ASN ASN A . n 
A 1 70  VAL 70  68  68  VAL VAL A . n 
A 1 71  TYR 71  69  69  TYR TYR A . n 
A 1 72  ASN 72  70  70  ASN ASN A . n 
A 1 73  THR 73  71  71  THR THR A . n 
A 1 74  VAL 74  72  72  VAL VAL A . n 
A 1 75  ASP 75  73  73  ASP ASP A . n 
A 1 76  VAL 76  74  74  VAL VAL A . n 
A 1 77  GLU 77  75  75  GLU GLU A . n 
A 1 78  LEU 78  76  76  LEU LEU A . n 
A 1 79  SER 79  77  77  SER SER A . n 
A 1 80  THR 80  78  78  THR THR A . n 
A 1 81  HIS 81  79  79  HIS HIS A . n 
A 1 82  ASP 82  80  80  ASP ASP A . n 
A 1 83  ALA 83  81  81  ALA ALA A . n 
A 1 84  ALA 84  82  82  ALA ALA A . n 
A 1 85  GLY 85  83  83  GLY GLY A . n 
A 1 86  LEU 86  84  84  LEU LEU A . n 
A 1 87  THR 87  85  85  THR THR A . n 
A 1 88  GLU 88  86  86  GLU GLU A . n 
A 1 89  LYS 89  87  87  LYS LYS A . n 
A 1 90  ASP 90  88  88  ASP ASP A . n 
A 1 91  PHE 91  89  89  PHE PHE A . n 
A 1 92  ALA 92  90  90  ALA ALA A . n 
A 1 93  LEU 93  91  91  LEU LEU A . n 
A 1 94  ALA 94  92  92  ALA ALA A . n 
A 1 95  LYS 95  93  93  LYS LYS A . n 
A 1 96  PHE 96  94  94  PHE PHE A . n 
A 1 97  MET 97  95  95  MET MET A . n 
A 1 98  ASP 98  96  96  ASP ASP A . n 
A 1 99  ASP 99  97  97  ASP ASP A . n 
A 1 100 ALA 100 98  98  ALA ALA A . n 
A 1 101 ALA 101 99  99  ALA ALA A . n 
A 1 102 LYS 102 100 100 LYS LYS A . n 
A 1 103 ASN 103 101 101 ASN ASN A . n 
A 1 104 PHE 104 102 102 PHE PHE A . n 
A 1 105 GLU 105 103 103 GLU GLU A . n 
A 1 106 LYS 106 104 ?   ?   ?   A . n 
B 1 1   GLY 1   -1  ?   ?   ?   B . n 
B 1 2   HIS 2   0   ?   ?   ?   B . n 
B 1 3   MET 3   1   ?   ?   ?   B . n 
B 1 4   ALA 4   2   ?   ?   ?   B . n 
B 1 5   PRO 5   3   ?   ?   ?   B . n 
B 1 6   LEU 6   4   4   LEU LEU B . n 
B 1 7   ALA 7   5   5   ALA ALA B . n 
B 1 8   ARG 8   6   6   ARG ARG B . n 
B 1 9   LEU 9   7   7   LEU LEU B . n 
B 1 10  ALA 10  8   8   ALA ALA B . n 
B 1 11  ALA 11  9   9   ALA ALA B . n 
B 1 12  ASN 12  10  10  ASN ASN B . n 
B 1 13  SER 13  11  11  SER SER B . n 
B 1 14  ALA 14  12  12  ALA ALA B . n 
B 1 15  ARG 15  13  13  ARG ARG B . n 
B 1 16  LEU 16  14  14  LEU LEU B . n 
B 1 17  LEU 17  15  15  LEU LEU B . n 
B 1 18  GLN 18  16  16  GLN GLN B . n 
B 1 19  LEU 19  17  17  LEU LEU B . n 
B 1 20  HIS 20  18  18  HIS HIS B . n 
B 1 21  LYS 21  19  19  LYS LYS B . n 
B 1 22  THR 22  20  20  THR THR B . n 
B 1 23  VAL 23  21  21  VAL VAL B . n 
B 1 24  PRO 24  22  22  PRO PRO B . n 
B 1 25  GLN 25  23  23  GLN GLN B . n 
B 1 26  TRP 26  24  24  TRP TRP B . n 
B 1 27  HIS 27  25  25  HIS HIS B . n 
B 1 28  LEU 28  26  26  LEU LEU B . n 
B 1 29  THR 29  27  27  THR THR B . n 
B 1 30  ASP 30  28  28  ASP ASP B . n 
B 1 31  GLY 31  29  29  GLY GLY B . n 
B 1 32  HIS 32  30  30  HIS HIS B . n 
B 1 33  LEU 33  31  31  LEU LEU B . n 
B 1 34  SER 34  32  32  SER SER B . n 
B 1 35  ILE 35  33  33  ILE ILE B . n 
B 1 36  LYS 36  34  34  LYS LYS B . n 
B 1 37  ARG 37  35  35  ARG ARG B . n 
B 1 38  LYS 38  36  36  LYS LYS B . n 
B 1 39  PHE 39  37  37  PHE PHE B . n 
B 1 40  GLN 40  38  38  GLN GLN B . n 
B 1 41  PHE 41  39  39  PHE PHE B . n 
B 1 42  SER 42  40  40  SER SER B . n 
B 1 43  ASP 43  41  41  ASP ASP B . n 
B 1 44  PHE 44  42  42  PHE PHE B . n 
B 1 45  ASN 45  43  43  ASN ASN B . n 
B 1 46  GLU 46  44  44  GLU GLU B . n 
B 1 47  ALA 47  45  45  ALA ALA B . n 
B 1 48  TRP 48  46  46  TRP TRP B . n 
B 1 49  GLY 49  47  47  GLY GLY B . n 
B 1 50  PHE 50  48  48  PHE PHE B . n 
B 1 51  MET 51  49  49  MET MET B . n 
B 1 52  SER 52  50  50  SER SER B . n 
B 1 53  ARG 53  51  51  ARG ARG B . n 
B 1 54  VAL 54  52  52  VAL VAL B . n 
B 1 55  ALA 55  53  53  ALA ALA B . n 
B 1 56  LEU 56  54  54  LEU LEU B . n 
B 1 57  TYR 57  55  55  TYR TYR B . n 
B 1 58  ALA 58  56  56  ALA ALA B . n 
B 1 59  ASP 59  57  57  ASP ASP B . n 
B 1 60  LYS 60  58  58  LYS LYS B . n 
B 1 61  VAL 61  59  59  VAL VAL B . n 
B 1 62  ASP 62  60  60  ASP ASP B . n 
B 1 63  HIS 63  61  61  HIS HIS B . n 
B 1 64  HIS 64  62  62  HIS HIS B . n 
B 1 65  PRO 65  63  63  PRO PRO B . n 
B 1 66  ASN 66  64  64  ASN ASN B . n 
B 1 67  TRP 67  65  65  TRP TRP B . n 
B 1 68  TYR 68  66  66  TYR TYR B . n 
B 1 69  ASN 69  67  67  ASN ASN B . n 
B 1 70  VAL 70  68  68  VAL VAL B . n 
B 1 71  TYR 71  69  69  TYR TYR B . n 
B 1 72  ASN 72  70  70  ASN ASN B . n 
B 1 73  THR 73  71  71  THR THR B . n 
B 1 74  VAL 74  72  72  VAL VAL B . n 
B 1 75  ASP 75  73  73  ASP ASP B . n 
B 1 76  VAL 76  74  74  VAL VAL B . n 
B 1 77  GLU 77  75  75  GLU GLU B . n 
B 1 78  LEU 78  76  76  LEU LEU B . n 
B 1 79  SER 79  77  77  SER SER B . n 
B 1 80  THR 80  78  78  THR THR B . n 
B 1 81  HIS 81  79  79  HIS HIS B . n 
B 1 82  ASP 82  80  80  ASP ASP B . n 
B 1 83  ALA 83  81  81  ALA ALA B . n 
B 1 84  ALA 84  82  82  ALA ALA B . n 
B 1 85  GLY 85  83  83  GLY GLY B . n 
B 1 86  LEU 86  84  84  LEU LEU B . n 
B 1 87  THR 87  85  85  THR THR B . n 
B 1 88  GLU 88  86  86  GLU GLU B . n 
B 1 89  LYS 89  87  87  LYS LYS B . n 
B 1 90  ASP 90  88  88  ASP ASP B . n 
B 1 91  PHE 91  89  89  PHE PHE B . n 
B 1 92  ALA 92  90  90  ALA ALA B . n 
B 1 93  LEU 93  91  91  LEU LEU B . n 
B 1 94  ALA 94  92  92  ALA ALA B . n 
B 1 95  LYS 95  93  93  LYS LYS B . n 
B 1 96  PHE 96  94  94  PHE PHE B . n 
B 1 97  MET 97  95  95  MET MET B . n 
B 1 98  ASP 98  96  96  ASP ASP B . n 
B 1 99  ASP 99  97  97  ASP ASP B . n 
B 1 100 ALA 100 98  98  ALA ALA B . n 
B 1 101 ALA 101 99  99  ALA ALA B . n 
B 1 102 LYS 102 100 100 LYS LYS B . n 
B 1 103 ASN 103 101 101 ASN ASN B . n 
B 1 104 PHE 104 102 102 PHE PHE B . n 
B 1 105 GLU 105 103 103 GLU GLU B . n 
B 1 106 LYS 106 104 ?   ?   ?   B . n 
# 
loop_
_pdbx_nonpoly_scheme.asym_id 
_pdbx_nonpoly_scheme.entity_id 
_pdbx_nonpoly_scheme.mon_id 
_pdbx_nonpoly_scheme.ndb_seq_num 
_pdbx_nonpoly_scheme.pdb_seq_num 
_pdbx_nonpoly_scheme.auth_seq_num 
_pdbx_nonpoly_scheme.pdb_mon_id 
_pdbx_nonpoly_scheme.auth_mon_id 
_pdbx_nonpoly_scheme.pdb_strand_id 
_pdbx_nonpoly_scheme.pdb_ins_code 
C 2 H2B 1 1104 1104 H2B H2B A . 
D 2 H2B 1 1104 1104 H2B H2B B . 
E 3 HOH 1 1001 1001 HOH HOH A . 
E 3 HOH 2 1002 1002 HOH HOH A . 
E 3 HOH 3 1003 1003 HOH HOH A . 
E 3 HOH 4 1004 1004 HOH HOH A . 
E 3 HOH 5 1005 1005 HOH HOH A . 
F 3 HOH 1 1001 1001 HOH HOH B . 
F 3 HOH 2 1002 1002 HOH HOH B . 
F 3 HOH 3 1003 1003 HOH HOH B . 
F 3 HOH 4 1004 1004 HOH HOH B . 
F 3 HOH 5 1005 1005 HOH HOH B . 
F 3 HOH 6 1006 1006 HOH HOH B . 
# 
_pdbx_struct_assembly.id                   1 
_pdbx_struct_assembly.details              author_and_software_defined_assembly 
_pdbx_struct_assembly.method_details       PQS 
_pdbx_struct_assembly.oligomeric_details   tetrameric 
_pdbx_struct_assembly.oligomeric_count     4 
# 
_pdbx_struct_assembly_gen.assembly_id       1 
_pdbx_struct_assembly_gen.oper_expression   1,2 
_pdbx_struct_assembly_gen.asym_id_list      A,B,C,D,E,F 
# 
loop_
_pdbx_struct_assembly_prop.biol_id 
_pdbx_struct_assembly_prop.type 
_pdbx_struct_assembly_prop.value 
_pdbx_struct_assembly_prop.details 
1 'ABSA (A^2)' 7100  ? 
1 MORE         -48.7 ? 
1 'SSA (A^2)'  21940 ? 
# 
loop_
_pdbx_struct_oper_list.id 
_pdbx_struct_oper_list.type 
_pdbx_struct_oper_list.name 
_pdbx_struct_oper_list.symmetry_operation 
_pdbx_struct_oper_list.matrix[1][1] 
_pdbx_struct_oper_list.matrix[1][2] 
_pdbx_struct_oper_list.matrix[1][3] 
_pdbx_struct_oper_list.vector[1] 
_pdbx_struct_oper_list.matrix[2][1] 
_pdbx_struct_oper_list.matrix[2][2] 
_pdbx_struct_oper_list.matrix[2][3] 
_pdbx_struct_oper_list.vector[2] 
_pdbx_struct_oper_list.matrix[3][1] 
_pdbx_struct_oper_list.matrix[3][2] 
_pdbx_struct_oper_list.matrix[3][3] 
_pdbx_struct_oper_list.vector[3] 
1 'identity operation'         1_555 x,y,z  1.0000000000 0.0000000000 0.0000000000  0.0000000000  0.0000000000 1.0000000000  0.0000000000  0.0000000000 0.0000000000  0.0000000000  1.0000000000  0.0000000000   
2 'crystal symmetry operation' 7_555 y,x,-z 0.8539238777 0.2468376602 -0.4581322742 -6.9854080049 0.2468376602 -0.9671352037 -0.0609972718 4.5005071342 -0.4581322742 -0.0609972718 -0.8867886739 -25.8430167704 
# 
loop_
_pdbx_audit_revision_history.ordinal 
_pdbx_audit_revision_history.data_content_type 
_pdbx_audit_revision_history.major_revision 
_pdbx_audit_revision_history.minor_revision 
_pdbx_audit_revision_history.revision_date 
1 'Structure model' 1 0 2008-07-22 
2 'Structure model' 1 1 2011-05-08 
3 'Structure model' 1 2 2011-07-13 
4 'Structure model' 1 3 2023-12-13 
# 
_pdbx_audit_revision_details.ordinal             1 
_pdbx_audit_revision_details.revision_ordinal    1 
_pdbx_audit_revision_details.data_content_type   'Structure model' 
_pdbx_audit_revision_details.provider            repository 
_pdbx_audit_revision_details.type                'Initial release' 
_pdbx_audit_revision_details.description         ? 
_pdbx_audit_revision_details.details             ? 
# 
loop_
_pdbx_audit_revision_group.ordinal 
_pdbx_audit_revision_group.revision_ordinal 
_pdbx_audit_revision_group.data_content_type 
_pdbx_audit_revision_group.group 
1 2 'Structure model' 'Version format compliance' 
2 3 'Structure model' 'Version format compliance' 
3 4 'Structure model' 'Data collection'           
4 4 'Structure model' 'Database references'       
5 4 'Structure model' Other                       
6 4 'Structure model' 'Refinement description'    
# 
loop_
_pdbx_audit_revision_category.ordinal 
_pdbx_audit_revision_category.revision_ordinal 
_pdbx_audit_revision_category.data_content_type 
_pdbx_audit_revision_category.category 
1 4 'Structure model' chem_comp_atom                
2 4 'Structure model' chem_comp_bond                
3 4 'Structure model' database_2                    
4 4 'Structure model' pdbx_database_status          
5 4 'Structure model' pdbx_initial_refinement_model 
6 4 'Structure model' struct_ncs_dom_lim            
# 
loop_
_pdbx_audit_revision_item.ordinal 
_pdbx_audit_revision_item.revision_ordinal 
_pdbx_audit_revision_item.data_content_type 
_pdbx_audit_revision_item.item 
1  4 'Structure model' '_database_2.pdbx_DOI'                  
2  4 'Structure model' '_database_2.pdbx_database_accession'   
3  4 'Structure model' '_pdbx_database_status.status_code_sf'  
4  4 'Structure model' '_struct_ncs_dom_lim.beg_auth_comp_id'  
5  4 'Structure model' '_struct_ncs_dom_lim.beg_label_asym_id' 
6  4 'Structure model' '_struct_ncs_dom_lim.beg_label_comp_id' 
7  4 'Structure model' '_struct_ncs_dom_lim.beg_label_seq_id'  
8  4 'Structure model' '_struct_ncs_dom_lim.end_auth_comp_id'  
9  4 'Structure model' '_struct_ncs_dom_lim.end_label_asym_id' 
10 4 'Structure model' '_struct_ncs_dom_lim.end_label_comp_id' 
11 4 'Structure model' '_struct_ncs_dom_lim.end_label_seq_id'  
# 
loop_
_software.name 
_software.classification 
_software.version 
_software.citation_id 
_software.pdbx_ordinal 
REFMAC refinement       5.2.0019 ? 1 
MOSFLM 'data reduction' .        ? 2 
SCALA  'data scaling'   .        ? 3 
MOLREP phasing          .        ? 4 
# 
loop_
_pdbx_database_remark.id 
_pdbx_database_remark.text 
650 
;
HELIX
DETERMINATION METHOD: AUTHOR PROVIDED.
;
700 
;
SHEET
DETERMINATION METHOD: AUTHOR PROVIDED.
;
# 
_pdbx_entry_details.entry_id                 2V6T 
_pdbx_entry_details.compound_details         ? 
_pdbx_entry_details.source_details           ? 
_pdbx_entry_details.nonpolymer_details       ? 
_pdbx_entry_details.sequence_details         'GH AT N-TERMINUS IS LEFT WHEN HEXAHIS TAG IS REMOVED' 
_pdbx_entry_details.has_ligand_of_interest   ? 
# 
_pdbx_validate_rmsd_bond.id                        1 
_pdbx_validate_rmsd_bond.PDB_model_num             1 
_pdbx_validate_rmsd_bond.auth_atom_id_1            CA 
_pdbx_validate_rmsd_bond.auth_asym_id_1            B 
_pdbx_validate_rmsd_bond.auth_comp_id_1            ALA 
_pdbx_validate_rmsd_bond.auth_seq_id_1             5 
_pdbx_validate_rmsd_bond.PDB_ins_code_1            ? 
_pdbx_validate_rmsd_bond.label_alt_id_1            ? 
_pdbx_validate_rmsd_bond.auth_atom_id_2            CB 
_pdbx_validate_rmsd_bond.auth_asym_id_2            B 
_pdbx_validate_rmsd_bond.auth_comp_id_2            ALA 
_pdbx_validate_rmsd_bond.auth_seq_id_2             5 
_pdbx_validate_rmsd_bond.PDB_ins_code_2            ? 
_pdbx_validate_rmsd_bond.label_alt_id_2            ? 
_pdbx_validate_rmsd_bond.bond_value                1.672 
_pdbx_validate_rmsd_bond.bond_target_value         1.520 
_pdbx_validate_rmsd_bond.bond_deviation            0.152 
_pdbx_validate_rmsd_bond.bond_standard_deviation   0.021 
_pdbx_validate_rmsd_bond.linker_flag               N 
# 
loop_
_pdbx_validate_rmsd_angle.id 
_pdbx_validate_rmsd_angle.PDB_model_num 
_pdbx_validate_rmsd_angle.auth_atom_id_1 
_pdbx_validate_rmsd_angle.auth_asym_id_1 
_pdbx_validate_rmsd_angle.auth_comp_id_1 
_pdbx_validate_rmsd_angle.auth_seq_id_1 
_pdbx_validate_rmsd_angle.PDB_ins_code_1 
_pdbx_validate_rmsd_angle.label_alt_id_1 
_pdbx_validate_rmsd_angle.auth_atom_id_2 
_pdbx_validate_rmsd_angle.auth_asym_id_2 
_pdbx_validate_rmsd_angle.auth_comp_id_2 
_pdbx_validate_rmsd_angle.auth_seq_id_2 
_pdbx_validate_rmsd_angle.PDB_ins_code_2 
_pdbx_validate_rmsd_angle.label_alt_id_2 
_pdbx_validate_rmsd_angle.auth_atom_id_3 
_pdbx_validate_rmsd_angle.auth_asym_id_3 
_pdbx_validate_rmsd_angle.auth_comp_id_3 
_pdbx_validate_rmsd_angle.auth_seq_id_3 
_pdbx_validate_rmsd_angle.PDB_ins_code_3 
_pdbx_validate_rmsd_angle.label_alt_id_3 
_pdbx_validate_rmsd_angle.angle_value 
_pdbx_validate_rmsd_angle.angle_target_value 
_pdbx_validate_rmsd_angle.angle_deviation 
_pdbx_validate_rmsd_angle.angle_standard_deviation 
_pdbx_validate_rmsd_angle.linker_flag 
1 1 CA A LEU 14 ? ? CB A LEU 14 ? ? CG A LEU 14 ? ? 133.52 115.30 18.22  2.30 N 
2 1 N  B HIS 30 ? ? CA B HIS 30 ? ? C  B HIS 30 ? ? 94.64  111.00 -16.36 2.70 N 
# 
loop_
_pdbx_validate_torsion.id 
_pdbx_validate_torsion.PDB_model_num 
_pdbx_validate_torsion.auth_comp_id 
_pdbx_validate_torsion.auth_asym_id 
_pdbx_validate_torsion.auth_seq_id 
_pdbx_validate_torsion.PDB_ins_code 
_pdbx_validate_torsion.label_alt_id 
_pdbx_validate_torsion.phi 
_pdbx_validate_torsion.psi 
1  1 LEU A 7  ? ? -12.06  133.81  
2  1 ASN A 10 ? ? 38.36   14.66   
3  1 LEU A 14 ? ? -43.21  -72.35  
4  1 ASP A 28 ? ? 59.43   73.53   
5  1 HIS A 30 ? ? 39.18   40.05   
6  1 ASP A 41 ? ? -127.58 -169.39 
7  1 TYR A 69 ? ? 43.35   -108.30 
8  1 ALA B 5  ? ? -8.00   115.66  
9  1 ARG B 6  ? ? -64.86  80.68   
10 1 LEU B 7  ? ? -21.28  139.38  
11 1 ASN B 10 ? ? 41.38   12.70   
12 1 VAL B 21 ? ? -152.34 43.99   
13 1 ASP B 28 ? ? 49.75   77.44   
14 1 PHE B 48 ? ? -45.91  -71.52  
15 1 TYR B 69 ? ? 53.82   -110.73 
16 1 SER B 77 ? ? -177.08 142.13  
17 1 ALA B 82 ? ? 36.00   51.78   
18 1 PHE B 94 ? ? -32.93  -79.48  
# 
loop_
_pdbx_validate_peptide_omega.id 
_pdbx_validate_peptide_omega.PDB_model_num 
_pdbx_validate_peptide_omega.auth_comp_id_1 
_pdbx_validate_peptide_omega.auth_asym_id_1 
_pdbx_validate_peptide_omega.auth_seq_id_1 
_pdbx_validate_peptide_omega.PDB_ins_code_1 
_pdbx_validate_peptide_omega.label_alt_id_1 
_pdbx_validate_peptide_omega.auth_comp_id_2 
_pdbx_validate_peptide_omega.auth_asym_id_2 
_pdbx_validate_peptide_omega.auth_seq_id_2 
_pdbx_validate_peptide_omega.PDB_ins_code_2 
_pdbx_validate_peptide_omega.label_alt_id_2 
_pdbx_validate_peptide_omega.omega 
1 1 ALA A 5  ? ? ARG A 6  ? ? -140.84 
2 1 THR A 27 ? ? ASP A 28 ? ? 68.11   
3 1 THR B 27 ? ? ASP B 28 ? ? 69.11   
4 1 ASP B 28 ? ? GLY B 29 ? ? -54.22  
5 1 GLY B 29 ? ? HIS B 30 ? ? -41.82  
# 
loop_
_pdbx_validate_chiral.id 
_pdbx_validate_chiral.PDB_model_num 
_pdbx_validate_chiral.auth_atom_id 
_pdbx_validate_chiral.label_alt_id 
_pdbx_validate_chiral.auth_asym_id 
_pdbx_validate_chiral.auth_comp_id 
_pdbx_validate_chiral.auth_seq_id 
_pdbx_validate_chiral.PDB_ins_code 
_pdbx_validate_chiral.details 
_pdbx_validate_chiral.omega 
1 1 C6 ? A H2B 1104 ? PLANAR . 
2 1 C6 ? B H2B 1104 ? PLANAR . 
# 
loop_
_pdbx_unobs_or_zero_occ_residues.id 
_pdbx_unobs_or_zero_occ_residues.PDB_model_num 
_pdbx_unobs_or_zero_occ_residues.polymer_flag 
_pdbx_unobs_or_zero_occ_residues.occupancy_flag 
_pdbx_unobs_or_zero_occ_residues.auth_asym_id 
_pdbx_unobs_or_zero_occ_residues.auth_comp_id 
_pdbx_unobs_or_zero_occ_residues.auth_seq_id 
_pdbx_unobs_or_zero_occ_residues.PDB_ins_code 
_pdbx_unobs_or_zero_occ_residues.label_asym_id 
_pdbx_unobs_or_zero_occ_residues.label_comp_id 
_pdbx_unobs_or_zero_occ_residues.label_seq_id 
1  1 Y 1 A GLY -1  ? A GLY 1   
2  1 Y 1 A HIS 0   ? A HIS 2   
3  1 Y 1 A MET 1   ? A MET 3   
4  1 Y 1 A ALA 2   ? A ALA 4   
5  1 Y 1 A PRO 3   ? A PRO 5   
6  1 Y 1 A LEU 4   ? A LEU 6   
7  1 Y 1 A LYS 104 ? A LYS 106 
8  1 Y 1 B GLY -1  ? B GLY 1   
9  1 Y 1 B HIS 0   ? B HIS 2   
10 1 Y 1 B MET 1   ? B MET 3   
11 1 Y 1 B ALA 2   ? B ALA 4   
12 1 Y 1 B PRO 3   ? B PRO 5   
13 1 Y 1 B LYS 104 ? B LYS 106 
# 
loop_
_chem_comp_atom.comp_id 
_chem_comp_atom.atom_id 
_chem_comp_atom.type_symbol 
_chem_comp_atom.pdbx_aromatic_flag 
_chem_comp_atom.pdbx_stereo_config 
_chem_comp_atom.pdbx_ordinal 
ALA N    N N N 1   
ALA CA   C N S 2   
ALA C    C N N 3   
ALA O    O N N 4   
ALA CB   C N N 5   
ALA OXT  O N N 6   
ALA H    H N N 7   
ALA H2   H N N 8   
ALA HA   H N N 9   
ALA HB1  H N N 10  
ALA HB2  H N N 11  
ALA HB3  H N N 12  
ALA HXT  H N N 13  
ARG N    N N N 14  
ARG CA   C N S 15  
ARG C    C N N 16  
ARG O    O N N 17  
ARG CB   C N N 18  
ARG CG   C N N 19  
ARG CD   C N N 20  
ARG NE   N N N 21  
ARG CZ   C N N 22  
ARG NH1  N N N 23  
ARG NH2  N N N 24  
ARG OXT  O N N 25  
ARG H    H N N 26  
ARG H2   H N N 27  
ARG HA   H N N 28  
ARG HB2  H N N 29  
ARG HB3  H N N 30  
ARG HG2  H N N 31  
ARG HG3  H N N 32  
ARG HD2  H N N 33  
ARG HD3  H N N 34  
ARG HE   H N N 35  
ARG HH11 H N N 36  
ARG HH12 H N N 37  
ARG HH21 H N N 38  
ARG HH22 H N N 39  
ARG HXT  H N N 40  
ASN N    N N N 41  
ASN CA   C N S 42  
ASN C    C N N 43  
ASN O    O N N 44  
ASN CB   C N N 45  
ASN CG   C N N 46  
ASN OD1  O N N 47  
ASN ND2  N N N 48  
ASN OXT  O N N 49  
ASN H    H N N 50  
ASN H2   H N N 51  
ASN HA   H N N 52  
ASN HB2  H N N 53  
ASN HB3  H N N 54  
ASN HD21 H N N 55  
ASN HD22 H N N 56  
ASN HXT  H N N 57  
ASP N    N N N 58  
ASP CA   C N S 59  
ASP C    C N N 60  
ASP O    O N N 61  
ASP CB   C N N 62  
ASP CG   C N N 63  
ASP OD1  O N N 64  
ASP OD2  O N N 65  
ASP OXT  O N N 66  
ASP H    H N N 67  
ASP H2   H N N 68  
ASP HA   H N N 69  
ASP HB2  H N N 70  
ASP HB3  H N N 71  
ASP HD2  H N N 72  
ASP HXT  H N N 73  
GLN N    N N N 74  
GLN CA   C N S 75  
GLN C    C N N 76  
GLN O    O N N 77  
GLN CB   C N N 78  
GLN CG   C N N 79  
GLN CD   C N N 80  
GLN OE1  O N N 81  
GLN NE2  N N N 82  
GLN OXT  O N N 83  
GLN H    H N N 84  
GLN H2   H N N 85  
GLN HA   H N N 86  
GLN HB2  H N N 87  
GLN HB3  H N N 88  
GLN HG2  H N N 89  
GLN HG3  H N N 90  
GLN HE21 H N N 91  
GLN HE22 H N N 92  
GLN HXT  H N N 93  
GLU N    N N N 94  
GLU CA   C N S 95  
GLU C    C N N 96  
GLU O    O N N 97  
GLU CB   C N N 98  
GLU CG   C N N 99  
GLU CD   C N N 100 
GLU OE1  O N N 101 
GLU OE2  O N N 102 
GLU OXT  O N N 103 
GLU H    H N N 104 
GLU H2   H N N 105 
GLU HA   H N N 106 
GLU HB2  H N N 107 
GLU HB3  H N N 108 
GLU HG2  H N N 109 
GLU HG3  H N N 110 
GLU HE2  H N N 111 
GLU HXT  H N N 112 
GLY N    N N N 113 
GLY CA   C N N 114 
GLY C    C N N 115 
GLY O    O N N 116 
GLY OXT  O N N 117 
GLY H    H N N 118 
GLY H2   H N N 119 
GLY HA2  H N N 120 
GLY HA3  H N N 121 
GLY HXT  H N N 122 
H2B N1   N N N 123 
H2B C2   C N N 124 
H2B N2   N N N 125 
H2B N3   N N N 126 
H2B C4   C N N 127 
H2B O4   O N N 128 
H2B C4A  C N N 129 
H2B C8A  C N N 130 
H2B N5   N N N 131 
H2B N8   N N N 132 
H2B C6   C N R 133 
H2B C7   C N N 134 
H2B C9   C N R 135 
H2B O9   O N N 136 
H2B C10  C N S 137 
H2B C11  C N N 138 
H2B O10  O N N 139 
H2B H22  H N N 140 
H2B H21  H N N 141 
H2B H8   H N N 142 
H2B H6   H N N 143 
H2B H71  H N N 144 
H2B H72  H N N 145 
H2B H9   H N N 146 
H2B H9O1 H N N 147 
H2B H10  H N N 148 
H2B H113 H N N 149 
H2B H112 H N N 150 
H2B H111 H N N 151 
H2B H1O1 H N N 152 
HIS N    N N N 153 
HIS CA   C N S 154 
HIS C    C N N 155 
HIS O    O N N 156 
HIS CB   C N N 157 
HIS CG   C Y N 158 
HIS ND1  N Y N 159 
HIS CD2  C Y N 160 
HIS CE1  C Y N 161 
HIS NE2  N Y N 162 
HIS OXT  O N N 163 
HIS H    H N N 164 
HIS H2   H N N 165 
HIS HA   H N N 166 
HIS HB2  H N N 167 
HIS HB3  H N N 168 
HIS HD1  H N N 169 
HIS HD2  H N N 170 
HIS HE1  H N N 171 
HIS HE2  H N N 172 
HIS HXT  H N N 173 
HOH O    O N N 174 
HOH H1   H N N 175 
HOH H2   H N N 176 
ILE N    N N N 177 
ILE CA   C N S 178 
ILE C    C N N 179 
ILE O    O N N 180 
ILE CB   C N S 181 
ILE CG1  C N N 182 
ILE CG2  C N N 183 
ILE CD1  C N N 184 
ILE OXT  O N N 185 
ILE H    H N N 186 
ILE H2   H N N 187 
ILE HA   H N N 188 
ILE HB   H N N 189 
ILE HG12 H N N 190 
ILE HG13 H N N 191 
ILE HG21 H N N 192 
ILE HG22 H N N 193 
ILE HG23 H N N 194 
ILE HD11 H N N 195 
ILE HD12 H N N 196 
ILE HD13 H N N 197 
ILE HXT  H N N 198 
LEU N    N N N 199 
LEU CA   C N S 200 
LEU C    C N N 201 
LEU O    O N N 202 
LEU CB   C N N 203 
LEU CG   C N N 204 
LEU CD1  C N N 205 
LEU CD2  C N N 206 
LEU OXT  O N N 207 
LEU H    H N N 208 
LEU H2   H N N 209 
LEU HA   H N N 210 
LEU HB2  H N N 211 
LEU HB3  H N N 212 
LEU HG   H N N 213 
LEU HD11 H N N 214 
LEU HD12 H N N 215 
LEU HD13 H N N 216 
LEU HD21 H N N 217 
LEU HD22 H N N 218 
LEU HD23 H N N 219 
LEU HXT  H N N 220 
LYS N    N N N 221 
LYS CA   C N S 222 
LYS C    C N N 223 
LYS O    O N N 224 
LYS CB   C N N 225 
LYS CG   C N N 226 
LYS CD   C N N 227 
LYS CE   C N N 228 
LYS NZ   N N N 229 
LYS OXT  O N N 230 
LYS H    H N N 231 
LYS H2   H N N 232 
LYS HA   H N N 233 
LYS HB2  H N N 234 
LYS HB3  H N N 235 
LYS HG2  H N N 236 
LYS HG3  H N N 237 
LYS HD2  H N N 238 
LYS HD3  H N N 239 
LYS HE2  H N N 240 
LYS HE3  H N N 241 
LYS HZ1  H N N 242 
LYS HZ2  H N N 243 
LYS HZ3  H N N 244 
LYS HXT  H N N 245 
MET N    N N N 246 
MET CA   C N S 247 
MET C    C N N 248 
MET O    O N N 249 
MET CB   C N N 250 
MET CG   C N N 251 
MET SD   S N N 252 
MET CE   C N N 253 
MET OXT  O N N 254 
MET H    H N N 255 
MET H2   H N N 256 
MET HA   H N N 257 
MET HB2  H N N 258 
MET HB3  H N N 259 
MET HG2  H N N 260 
MET HG3  H N N 261 
MET HE1  H N N 262 
MET HE2  H N N 263 
MET HE3  H N N 264 
MET HXT  H N N 265 
PHE N    N N N 266 
PHE CA   C N S 267 
PHE C    C N N 268 
PHE O    O N N 269 
PHE CB   C N N 270 
PHE CG   C Y N 271 
PHE CD1  C Y N 272 
PHE CD2  C Y N 273 
PHE CE1  C Y N 274 
PHE CE2  C Y N 275 
PHE CZ   C Y N 276 
PHE OXT  O N N 277 
PHE H    H N N 278 
PHE H2   H N N 279 
PHE HA   H N N 280 
PHE HB2  H N N 281 
PHE HB3  H N N 282 
PHE HD1  H N N 283 
PHE HD2  H N N 284 
PHE HE1  H N N 285 
PHE HE2  H N N 286 
PHE HZ   H N N 287 
PHE HXT  H N N 288 
PRO N    N N N 289 
PRO CA   C N S 290 
PRO C    C N N 291 
PRO O    O N N 292 
PRO CB   C N N 293 
PRO CG   C N N 294 
PRO CD   C N N 295 
PRO OXT  O N N 296 
PRO H    H N N 297 
PRO HA   H N N 298 
PRO HB2  H N N 299 
PRO HB3  H N N 300 
PRO HG2  H N N 301 
PRO HG3  H N N 302 
PRO HD2  H N N 303 
PRO HD3  H N N 304 
PRO HXT  H N N 305 
SER N    N N N 306 
SER CA   C N S 307 
SER C    C N N 308 
SER O    O N N 309 
SER CB   C N N 310 
SER OG   O N N 311 
SER OXT  O N N 312 
SER H    H N N 313 
SER H2   H N N 314 
SER HA   H N N 315 
SER HB2  H N N 316 
SER HB3  H N N 317 
SER HG   H N N 318 
SER HXT  H N N 319 
THR N    N N N 320 
THR CA   C N S 321 
THR C    C N N 322 
THR O    O N N 323 
THR CB   C N R 324 
THR OG1  O N N 325 
THR CG2  C N N 326 
THR OXT  O N N 327 
THR H    H N N 328 
THR H2   H N N 329 
THR HA   H N N 330 
THR HB   H N N 331 
THR HG1  H N N 332 
THR HG21 H N N 333 
THR HG22 H N N 334 
THR HG23 H N N 335 
THR HXT  H N N 336 
TRP N    N N N 337 
TRP CA   C N S 338 
TRP C    C N N 339 
TRP O    O N N 340 
TRP CB   C N N 341 
TRP CG   C Y N 342 
TRP CD1  C Y N 343 
TRP CD2  C Y N 344 
TRP NE1  N Y N 345 
TRP CE2  C Y N 346 
TRP CE3  C Y N 347 
TRP CZ2  C Y N 348 
TRP CZ3  C Y N 349 
TRP CH2  C Y N 350 
TRP OXT  O N N 351 
TRP H    H N N 352 
TRP H2   H N N 353 
TRP HA   H N N 354 
TRP HB2  H N N 355 
TRP HB3  H N N 356 
TRP HD1  H N N 357 
TRP HE1  H N N 358 
TRP HE3  H N N 359 
TRP HZ2  H N N 360 
TRP HZ3  H N N 361 
TRP HH2  H N N 362 
TRP HXT  H N N 363 
TYR N    N N N 364 
TYR CA   C N S 365 
TYR C    C N N 366 
TYR O    O N N 367 
TYR CB   C N N 368 
TYR CG   C Y N 369 
TYR CD1  C Y N 370 
TYR CD2  C Y N 371 
TYR CE1  C Y N 372 
TYR CE2  C Y N 373 
TYR CZ   C Y N 374 
TYR OH   O N N 375 
TYR OXT  O N N 376 
TYR H    H N N 377 
TYR H2   H N N 378 
TYR HA   H N N 379 
TYR HB2  H N N 380 
TYR HB3  H N N 381 
TYR HD1  H N N 382 
TYR HD2  H N N 383 
TYR HE1  H N N 384 
TYR HE2  H N N 385 
TYR HH   H N N 386 
TYR HXT  H N N 387 
VAL N    N N N 388 
VAL CA   C N S 389 
VAL C    C N N 390 
VAL O    O N N 391 
VAL CB   C N N 392 
VAL CG1  C N N 393 
VAL CG2  C N N 394 
VAL OXT  O N N 395 
VAL H    H N N 396 
VAL H2   H N N 397 
VAL HA   H N N 398 
VAL HB   H N N 399 
VAL HG11 H N N 400 
VAL HG12 H N N 401 
VAL HG13 H N N 402 
VAL HG21 H N N 403 
VAL HG22 H N N 404 
VAL HG23 H N N 405 
VAL HXT  H N N 406 
# 
loop_
_chem_comp_bond.comp_id 
_chem_comp_bond.atom_id_1 
_chem_comp_bond.atom_id_2 
_chem_comp_bond.value_order 
_chem_comp_bond.pdbx_aromatic_flag 
_chem_comp_bond.pdbx_stereo_config 
_chem_comp_bond.pdbx_ordinal 
ALA N   CA   sing N N 1   
ALA N   H    sing N N 2   
ALA N   H2   sing N N 3   
ALA CA  C    sing N N 4   
ALA CA  CB   sing N N 5   
ALA CA  HA   sing N N 6   
ALA C   O    doub N N 7   
ALA C   OXT  sing N N 8   
ALA CB  HB1  sing N N 9   
ALA CB  HB2  sing N N 10  
ALA CB  HB3  sing N N 11  
ALA OXT HXT  sing N N 12  
ARG N   CA   sing N N 13  
ARG N   H    sing N N 14  
ARG N   H2   sing N N 15  
ARG CA  C    sing N N 16  
ARG CA  CB   sing N N 17  
ARG CA  HA   sing N N 18  
ARG C   O    doub N N 19  
ARG C   OXT  sing N N 20  
ARG CB  CG   sing N N 21  
ARG CB  HB2  sing N N 22  
ARG CB  HB3  sing N N 23  
ARG CG  CD   sing N N 24  
ARG CG  HG2  sing N N 25  
ARG CG  HG3  sing N N 26  
ARG CD  NE   sing N N 27  
ARG CD  HD2  sing N N 28  
ARG CD  HD3  sing N N 29  
ARG NE  CZ   sing N N 30  
ARG NE  HE   sing N N 31  
ARG CZ  NH1  sing N N 32  
ARG CZ  NH2  doub N N 33  
ARG NH1 HH11 sing N N 34  
ARG NH1 HH12 sing N N 35  
ARG NH2 HH21 sing N N 36  
ARG NH2 HH22 sing N N 37  
ARG OXT HXT  sing N N 38  
ASN N   CA   sing N N 39  
ASN N   H    sing N N 40  
ASN N   H2   sing N N 41  
ASN CA  C    sing N N 42  
ASN CA  CB   sing N N 43  
ASN CA  HA   sing N N 44  
ASN C   O    doub N N 45  
ASN C   OXT  sing N N 46  
ASN CB  CG   sing N N 47  
ASN CB  HB2  sing N N 48  
ASN CB  HB3  sing N N 49  
ASN CG  OD1  doub N N 50  
ASN CG  ND2  sing N N 51  
ASN ND2 HD21 sing N N 52  
ASN ND2 HD22 sing N N 53  
ASN OXT HXT  sing N N 54  
ASP N   CA   sing N N 55  
ASP N   H    sing N N 56  
ASP N   H2   sing N N 57  
ASP CA  C    sing N N 58  
ASP CA  CB   sing N N 59  
ASP CA  HA   sing N N 60  
ASP C   O    doub N N 61  
ASP C   OXT  sing N N 62  
ASP CB  CG   sing N N 63  
ASP CB  HB2  sing N N 64  
ASP CB  HB3  sing N N 65  
ASP CG  OD1  doub N N 66  
ASP CG  OD2  sing N N 67  
ASP OD2 HD2  sing N N 68  
ASP OXT HXT  sing N N 69  
GLN N   CA   sing N N 70  
GLN N   H    sing N N 71  
GLN N   H2   sing N N 72  
GLN CA  C    sing N N 73  
GLN CA  CB   sing N N 74  
GLN CA  HA   sing N N 75  
GLN C   O    doub N N 76  
GLN C   OXT  sing N N 77  
GLN CB  CG   sing N N 78  
GLN CB  HB2  sing N N 79  
GLN CB  HB3  sing N N 80  
GLN CG  CD   sing N N 81  
GLN CG  HG2  sing N N 82  
GLN CG  HG3  sing N N 83  
GLN CD  OE1  doub N N 84  
GLN CD  NE2  sing N N 85  
GLN NE2 HE21 sing N N 86  
GLN NE2 HE22 sing N N 87  
GLN OXT HXT  sing N N 88  
GLU N   CA   sing N N 89  
GLU N   H    sing N N 90  
GLU N   H2   sing N N 91  
GLU CA  C    sing N N 92  
GLU CA  CB   sing N N 93  
GLU CA  HA   sing N N 94  
GLU C   O    doub N N 95  
GLU C   OXT  sing N N 96  
GLU CB  CG   sing N N 97  
GLU CB  HB2  sing N N 98  
GLU CB  HB3  sing N N 99  
GLU CG  CD   sing N N 100 
GLU CG  HG2  sing N N 101 
GLU CG  HG3  sing N N 102 
GLU CD  OE1  doub N N 103 
GLU CD  OE2  sing N N 104 
GLU OE2 HE2  sing N N 105 
GLU OXT HXT  sing N N 106 
GLY N   CA   sing N N 107 
GLY N   H    sing N N 108 
GLY N   H2   sing N N 109 
GLY CA  C    sing N N 110 
GLY CA  HA2  sing N N 111 
GLY CA  HA3  sing N N 112 
GLY C   O    doub N N 113 
GLY C   OXT  sing N N 114 
GLY OXT HXT  sing N N 115 
H2B N1  C2   sing N N 116 
H2B N1  C8A  doub N N 117 
H2B C2  N2   sing N N 118 
H2B C2  N3   doub N N 119 
H2B N2  H22  sing N N 120 
H2B N2  H21  sing N N 121 
H2B N3  C4   sing N N 122 
H2B C4  O4   doub N N 123 
H2B C4  C4A  sing N N 124 
H2B C4A C8A  sing N N 125 
H2B C4A N5   doub N N 126 
H2B C8A N8   sing N N 127 
H2B N5  C6   sing N N 128 
H2B N8  C7   sing N N 129 
H2B N8  H8   sing N N 130 
H2B C6  C7   sing N N 131 
H2B C6  C9   sing N N 132 
H2B C6  H6   sing N N 133 
H2B C7  H71  sing N N 134 
H2B C7  H72  sing N N 135 
H2B C9  O9   sing N N 136 
H2B C9  C10  sing N N 137 
H2B C9  H9   sing N N 138 
H2B O9  H9O1 sing N N 139 
H2B C10 C11  sing N N 140 
H2B C10 O10  sing N N 141 
H2B C10 H10  sing N N 142 
H2B C11 H113 sing N N 143 
H2B C11 H112 sing N N 144 
H2B C11 H111 sing N N 145 
H2B O10 H1O1 sing N N 146 
HIS N   CA   sing N N 147 
HIS N   H    sing N N 148 
HIS N   H2   sing N N 149 
HIS CA  C    sing N N 150 
HIS CA  CB   sing N N 151 
HIS CA  HA   sing N N 152 
HIS C   O    doub N N 153 
HIS C   OXT  sing N N 154 
HIS CB  CG   sing N N 155 
HIS CB  HB2  sing N N 156 
HIS CB  HB3  sing N N 157 
HIS CG  ND1  sing Y N 158 
HIS CG  CD2  doub Y N 159 
HIS ND1 CE1  doub Y N 160 
HIS ND1 HD1  sing N N 161 
HIS CD2 NE2  sing Y N 162 
HIS CD2 HD2  sing N N 163 
HIS CE1 NE2  sing Y N 164 
HIS CE1 HE1  sing N N 165 
HIS NE2 HE2  sing N N 166 
HIS OXT HXT  sing N N 167 
HOH O   H1   sing N N 168 
HOH O   H2   sing N N 169 
ILE N   CA   sing N N 170 
ILE N   H    sing N N 171 
ILE N   H2   sing N N 172 
ILE CA  C    sing N N 173 
ILE CA  CB   sing N N 174 
ILE CA  HA   sing N N 175 
ILE C   O    doub N N 176 
ILE C   OXT  sing N N 177 
ILE CB  CG1  sing N N 178 
ILE CB  CG2  sing N N 179 
ILE CB  HB   sing N N 180 
ILE CG1 CD1  sing N N 181 
ILE CG1 HG12 sing N N 182 
ILE CG1 HG13 sing N N 183 
ILE CG2 HG21 sing N N 184 
ILE CG2 HG22 sing N N 185 
ILE CG2 HG23 sing N N 186 
ILE CD1 HD11 sing N N 187 
ILE CD1 HD12 sing N N 188 
ILE CD1 HD13 sing N N 189 
ILE OXT HXT  sing N N 190 
LEU N   CA   sing N N 191 
LEU N   H    sing N N 192 
LEU N   H2   sing N N 193 
LEU CA  C    sing N N 194 
LEU CA  CB   sing N N 195 
LEU CA  HA   sing N N 196 
LEU C   O    doub N N 197 
LEU C   OXT  sing N N 198 
LEU CB  CG   sing N N 199 
LEU CB  HB2  sing N N 200 
LEU CB  HB3  sing N N 201 
LEU CG  CD1  sing N N 202 
LEU CG  CD2  sing N N 203 
LEU CG  HG   sing N N 204 
LEU CD1 HD11 sing N N 205 
LEU CD1 HD12 sing N N 206 
LEU CD1 HD13 sing N N 207 
LEU CD2 HD21 sing N N 208 
LEU CD2 HD22 sing N N 209 
LEU CD2 HD23 sing N N 210 
LEU OXT HXT  sing N N 211 
LYS N   CA   sing N N 212 
LYS N   H    sing N N 213 
LYS N   H2   sing N N 214 
LYS CA  C    sing N N 215 
LYS CA  CB   sing N N 216 
LYS CA  HA   sing N N 217 
LYS C   O    doub N N 218 
LYS C   OXT  sing N N 219 
LYS CB  CG   sing N N 220 
LYS CB  HB2  sing N N 221 
LYS CB  HB3  sing N N 222 
LYS CG  CD   sing N N 223 
LYS CG  HG2  sing N N 224 
LYS CG  HG3  sing N N 225 
LYS CD  CE   sing N N 226 
LYS CD  HD2  sing N N 227 
LYS CD  HD3  sing N N 228 
LYS CE  NZ   sing N N 229 
LYS CE  HE2  sing N N 230 
LYS CE  HE3  sing N N 231 
LYS NZ  HZ1  sing N N 232 
LYS NZ  HZ2  sing N N 233 
LYS NZ  HZ3  sing N N 234 
LYS OXT HXT  sing N N 235 
MET N   CA   sing N N 236 
MET N   H    sing N N 237 
MET N   H2   sing N N 238 
MET CA  C    sing N N 239 
MET CA  CB   sing N N 240 
MET CA  HA   sing N N 241 
MET C   O    doub N N 242 
MET C   OXT  sing N N 243 
MET CB  CG   sing N N 244 
MET CB  HB2  sing N N 245 
MET CB  HB3  sing N N 246 
MET CG  SD   sing N N 247 
MET CG  HG2  sing N N 248 
MET CG  HG3  sing N N 249 
MET SD  CE   sing N N 250 
MET CE  HE1  sing N N 251 
MET CE  HE2  sing N N 252 
MET CE  HE3  sing N N 253 
MET OXT HXT  sing N N 254 
PHE N   CA   sing N N 255 
PHE N   H    sing N N 256 
PHE N   H2   sing N N 257 
PHE CA  C    sing N N 258 
PHE CA  CB   sing N N 259 
PHE CA  HA   sing N N 260 
PHE C   O    doub N N 261 
PHE C   OXT  sing N N 262 
PHE CB  CG   sing N N 263 
PHE CB  HB2  sing N N 264 
PHE CB  HB3  sing N N 265 
PHE CG  CD1  doub Y N 266 
PHE CG  CD2  sing Y N 267 
PHE CD1 CE1  sing Y N 268 
PHE CD1 HD1  sing N N 269 
PHE CD2 CE2  doub Y N 270 
PHE CD2 HD2  sing N N 271 
PHE CE1 CZ   doub Y N 272 
PHE CE1 HE1  sing N N 273 
PHE CE2 CZ   sing Y N 274 
PHE CE2 HE2  sing N N 275 
PHE CZ  HZ   sing N N 276 
PHE OXT HXT  sing N N 277 
PRO N   CA   sing N N 278 
PRO N   CD   sing N N 279 
PRO N   H    sing N N 280 
PRO CA  C    sing N N 281 
PRO CA  CB   sing N N 282 
PRO CA  HA   sing N N 283 
PRO C   O    doub N N 284 
PRO C   OXT  sing N N 285 
PRO CB  CG   sing N N 286 
PRO CB  HB2  sing N N 287 
PRO CB  HB3  sing N N 288 
PRO CG  CD   sing N N 289 
PRO CG  HG2  sing N N 290 
PRO CG  HG3  sing N N 291 
PRO CD  HD2  sing N N 292 
PRO CD  HD3  sing N N 293 
PRO OXT HXT  sing N N 294 
SER N   CA   sing N N 295 
SER N   H    sing N N 296 
SER N   H2   sing N N 297 
SER CA  C    sing N N 298 
SER CA  CB   sing N N 299 
SER CA  HA   sing N N 300 
SER C   O    doub N N 301 
SER C   OXT  sing N N 302 
SER CB  OG   sing N N 303 
SER CB  HB2  sing N N 304 
SER CB  HB3  sing N N 305 
SER OG  HG   sing N N 306 
SER OXT HXT  sing N N 307 
THR N   CA   sing N N 308 
THR N   H    sing N N 309 
THR N   H2   sing N N 310 
THR CA  C    sing N N 311 
THR CA  CB   sing N N 312 
THR CA  HA   sing N N 313 
THR C   O    doub N N 314 
THR C   OXT  sing N N 315 
THR CB  OG1  sing N N 316 
THR CB  CG2  sing N N 317 
THR CB  HB   sing N N 318 
THR OG1 HG1  sing N N 319 
THR CG2 HG21 sing N N 320 
THR CG2 HG22 sing N N 321 
THR CG2 HG23 sing N N 322 
THR OXT HXT  sing N N 323 
TRP N   CA   sing N N 324 
TRP N   H    sing N N 325 
TRP N   H2   sing N N 326 
TRP CA  C    sing N N 327 
TRP CA  CB   sing N N 328 
TRP CA  HA   sing N N 329 
TRP C   O    doub N N 330 
TRP C   OXT  sing N N 331 
TRP CB  CG   sing N N 332 
TRP CB  HB2  sing N N 333 
TRP CB  HB3  sing N N 334 
TRP CG  CD1  doub Y N 335 
TRP CG  CD2  sing Y N 336 
TRP CD1 NE1  sing Y N 337 
TRP CD1 HD1  sing N N 338 
TRP CD2 CE2  doub Y N 339 
TRP CD2 CE3  sing Y N 340 
TRP NE1 CE2  sing Y N 341 
TRP NE1 HE1  sing N N 342 
TRP CE2 CZ2  sing Y N 343 
TRP CE3 CZ3  doub Y N 344 
TRP CE3 HE3  sing N N 345 
TRP CZ2 CH2  doub Y N 346 
TRP CZ2 HZ2  sing N N 347 
TRP CZ3 CH2  sing Y N 348 
TRP CZ3 HZ3  sing N N 349 
TRP CH2 HH2  sing N N 350 
TRP OXT HXT  sing N N 351 
TYR N   CA   sing N N 352 
TYR N   H    sing N N 353 
TYR N   H2   sing N N 354 
TYR CA  C    sing N N 355 
TYR CA  CB   sing N N 356 
TYR CA  HA   sing N N 357 
TYR C   O    doub N N 358 
TYR C   OXT  sing N N 359 
TYR CB  CG   sing N N 360 
TYR CB  HB2  sing N N 361 
TYR CB  HB3  sing N N 362 
TYR CG  CD1  doub Y N 363 
TYR CG  CD2  sing Y N 364 
TYR CD1 CE1  sing Y N 365 
TYR CD1 HD1  sing N N 366 
TYR CD2 CE2  doub Y N 367 
TYR CD2 HD2  sing N N 368 
TYR CE1 CZ   doub Y N 369 
TYR CE1 HE1  sing N N 370 
TYR CE2 CZ   sing Y N 371 
TYR CE2 HE2  sing N N 372 
TYR CZ  OH   sing N N 373 
TYR OH  HH   sing N N 374 
TYR OXT HXT  sing N N 375 
VAL N   CA   sing N N 376 
VAL N   H    sing N N 377 
VAL N   H2   sing N N 378 
VAL CA  C    sing N N 379 
VAL CA  CB   sing N N 380 
VAL CA  HA   sing N N 381 
VAL C   O    doub N N 382 
VAL C   OXT  sing N N 383 
VAL CB  CG1  sing N N 384 
VAL CB  CG2  sing N N 385 
VAL CB  HB   sing N N 386 
VAL CG1 HG11 sing N N 387 
VAL CG1 HG12 sing N N 388 
VAL CG1 HG13 sing N N 389 
VAL CG2 HG21 sing N N 390 
VAL CG2 HG22 sing N N 391 
VAL CG2 HG23 sing N N 392 
VAL OXT HXT  sing N N 393 
# 
loop_
_pdbx_entity_nonpoly.entity_id 
_pdbx_entity_nonpoly.name 
_pdbx_entity_nonpoly.comp_id 
2 '2-AMINO-6-(1,2-DIHYDROXY-PROPYL)-7,8-DIHYDRO-6H-PTERIDIN-4-ONE' H2B 
3 water                                                            HOH 
# 
_pdbx_initial_refinement_model.id               1 
_pdbx_initial_refinement_model.entity_id_list   ? 
_pdbx_initial_refinement_model.type             'experimental model' 
_pdbx_initial_refinement_model.source_name      PDB 
_pdbx_initial_refinement_model.accession_code   2V6S 
_pdbx_initial_refinement_model.details          'PDB ENTRY 2V6S' 
# 
